data_6UOA
#
_entry.id   6UOA
#
_cell.length_a   1.00
_cell.length_b   1.00
_cell.length_c   1.00
_cell.angle_alpha   90.00
_cell.angle_beta   90.00
_cell.angle_gamma   90.00
#
_symmetry.space_group_name_H-M   'P 1'
#
loop_
_entity.id
_entity.type
_entity.pdbx_description
1 polymer 'Gamma-aminobutyric acid type B receptor subunit 1'
2 polymer 'Gamma-aminobutyric acid type B receptor subunit 2'
3 branched 2-acetamido-2-deoxy-beta-D-glucopyranose-(1-4)-2-acetamido-2-deoxy-beta-D-glucopyranose
4 non-polymer 2-acetamido-2-deoxy-beta-D-glucopyranose
#
loop_
_entity_poly.entity_id
_entity_poly.type
_entity_poly.pdbx_seq_one_letter_code
_entity_poly.pdbx_strand_id
1 'polypeptide(L)'
;GSERRAVYIGALFPMSGGWPGGQACQPAVEMALEDVNSRRDILPDYELKLIHHDSKCDPGQATKYLYELLYNDPIKIILM
PGCSSVSTLVAEAARMWNLIVLSYGSSSPALSNRQRFPTFFRTHPSATLHNPTRVKLFEKWGWKKIATIQQTTEVFTSTL
DDLEERVKEAGIEITFRQSFFSDPAVPVKNLKRQDARIIVGLFYETEARKVFCEVYKERLFGKKYVWFLIGWYADNWFKI
YDPSINCTVDEMTEAVEGHITTEIVMLNPANTRSISNMTSQEFVEKLTKRLKRHPEETGGFQEAPLAYDAIWALALALNK
TSGGGGRSGVRLEDFNYNNQTITDQIYRAMNSSSFEGVSGHVVFDASGSRMAWTLIEQLQGGSYKKIGYYDSTKDDLSWS
KTDKWIGGSPPADQTLVIKTFRFLSQKLFISVSVLSSLGIVLAVVCLSFNIYNSHVRYIQNSQPNLNNLTAVGCSLALAA
VFPLGLDGYHIGRNQFPFVCQARLWLLGLGFSLGYGSMFTKIWWVHTVFTKKEEKKEWRKTLEPWKLYATVGLLVGMDVL
TLAIWQIVDPLHRTIETFAKEEPKEDIDVSILPQLEHCSSRKMNTWLGIFYGYKGLLLLLGIFLAYETKSVSTEKINDHR
AVGMAIYNVAVLCLITAPVTMILSSQQDAAFAFASLAIVFSSYITLVVLFVPKMRRLITRGEWQSEAQDTMKTGSSTNNN
EEEKSRLLEKENRELEKIIAEKEERVSELRHQLQSRLEVLFQ
;
A
2 'polypeptide(L)'
;GWARGAPRPPPSSPPLSIMGLMPLTKEVAKGSIGRGVLPAVELAIEQIRNESLLRPYFLDLRLYDTECDNAKGLKAFYDA
IKYGPNHLMVFGGVCPSVTSIIAESLQGWNLVQLSFAATTPVLADKKKYPYFFRTVPSDNAVNPAILKLLKHYQWKRVGT
LTQDVQRFSEVRNDLTGVLYGEDIEISDTESFSNDPCTSVKKLKGNDVRIILGQFDQNMAAKVFCCAYEENMYGSKYQWI
IPGWYEPSWWEQVHTEANSSRCLRKNLLAAMEGYIGVDFEPLSSKQIKTISGKTPQQYEREYNNKRSGVGPSKFHGYAYD
GIWVIAKTLQRAMETLHASSRHQRIQDFNYTDHTLGRIILNAMNETNFFGVTGQVVFRNGERMGTIKFTQFQDSREVKVG
EYNAVADTLEIINDTIRFQGSEPPKDKTIILEQLRKISLPLYSILSALTILGMIMASAFLFFNIKNRNQKLIKMSSPYMN
NLIILGGMLSYASIFLFGLDGSFVSEKTFETLCTVRTWILTVGYTTAFGAMFAKTWRVHAIFKNVKMKKKIIKDQKLLVI
VGGMLLIDLCILICWQAVDPLRRTVEKYSMEPDPAGRDISIRPLLEHCENTHMTIWLGIVYAYKGLLMLFGCFLAWETRN
VSIPALNDSKYIGMSVYNVGIMCIIGAAVSFLTRDQPNVQFCIVALVIIFCSTITLCLVFVPKLITLRTNPDAATQNRRF
QFTQNQKKEDSKTSTSVTSVNQASTSRLEGLQSENHRLRMKITELDKDLEEVTMQLQDT
;
B
#
# COMPACT_ATOMS: atom_id res chain seq x y z
N ARG A 4 -56.99 -6.92 47.70
CA ARG A 4 -55.90 -7.63 47.04
C ARG A 4 -54.55 -7.06 47.46
N ARG A 5 -53.62 -6.97 46.52
CA ARG A 5 -52.30 -6.43 46.81
C ARG A 5 -51.68 -5.91 45.53
N ALA A 6 -51.50 -4.59 45.44
CA ALA A 6 -50.96 -3.98 44.24
C ALA A 6 -49.45 -4.15 44.22
N VAL A 7 -48.94 -5.05 43.38
CA VAL A 7 -47.51 -5.21 43.21
C VAL A 7 -47.05 -4.35 42.03
N TYR A 8 -46.07 -3.50 42.29
CA TYR A 8 -45.64 -2.48 41.34
C TYR A 8 -44.38 -2.90 40.62
N ILE A 9 -44.35 -2.64 39.32
CA ILE A 9 -43.23 -3.01 38.47
C ILE A 9 -42.82 -1.80 37.64
N GLY A 10 -41.55 -1.41 37.74
CA GLY A 10 -41.07 -0.29 36.98
C GLY A 10 -40.76 -0.70 35.55
N ALA A 11 -40.92 0.25 34.63
CA ALA A 11 -40.72 -0.05 33.23
C ALA A 11 -40.18 1.18 32.51
N LEU A 12 -39.88 1.02 31.22
CA LEU A 12 -39.30 2.08 30.43
C LEU A 12 -39.58 1.85 28.95
N PHE A 13 -39.96 2.93 28.26
CA PHE A 13 -40.31 2.83 26.85
C PHE A 13 -39.72 3.97 26.08
N PRO A 14 -38.72 3.71 25.23
CA PRO A 14 -38.17 4.78 24.38
C PRO A 14 -39.18 5.13 23.30
N MET A 15 -39.82 6.29 23.46
CA MET A 15 -40.85 6.72 22.53
C MET A 15 -40.24 7.21 21.21
N SER A 16 -39.00 7.66 21.24
CA SER A 16 -38.36 8.16 20.04
C SER A 16 -36.87 7.86 20.15
N GLY A 17 -36.08 8.54 19.33
CA GLY A 17 -34.64 8.34 19.32
C GLY A 17 -34.29 7.31 18.27
N GLY A 18 -33.21 6.56 18.49
CA GLY A 18 -32.80 5.63 17.46
C GLY A 18 -33.67 4.40 17.30
N TRP A 19 -34.58 4.14 18.24
CA TRP A 19 -35.40 2.94 18.08
C TRP A 19 -36.70 3.08 18.86
N PRO A 20 -37.76 3.62 18.26
CA PRO A 20 -39.02 3.88 18.99
C PRO A 20 -39.92 2.65 19.13
N GLY A 21 -39.42 1.61 19.78
CA GLY A 21 -40.22 0.40 19.95
C GLY A 21 -41.30 0.49 21.02
N GLY A 22 -41.10 1.35 22.02
CA GLY A 22 -42.03 1.47 23.14
C GLY A 22 -43.38 2.02 22.77
N GLN A 23 -43.48 2.62 21.57
CA GLN A 23 -44.73 3.07 20.98
C GLN A 23 -45.65 1.90 20.70
N ALA A 24 -45.06 0.74 20.45
CA ALA A 24 -45.81 -0.45 20.10
C ALA A 24 -45.85 -1.40 21.28
N CYS A 25 -44.77 -1.45 22.06
CA CYS A 25 -44.74 -2.41 23.17
C CYS A 25 -45.65 -1.97 24.30
N GLN A 26 -45.92 -0.66 24.45
CA GLN A 26 -46.76 -0.23 25.56
C GLN A 26 -48.22 -0.68 25.43
N PRO A 27 -48.90 -0.57 24.27
CA PRO A 27 -50.21 -1.22 24.18
C PRO A 27 -50.15 -2.73 24.23
N ALA A 28 -49.02 -3.33 23.82
CA ALA A 28 -48.86 -4.77 23.90
C ALA A 28 -48.80 -5.22 25.35
N VAL A 29 -48.03 -4.53 26.18
CA VAL A 29 -47.94 -4.92 27.58
C VAL A 29 -49.22 -4.54 28.32
N GLU A 30 -49.95 -3.52 27.84
CA GLU A 30 -51.24 -3.22 28.45
C GLU A 30 -52.25 -4.33 28.19
N MET A 31 -52.26 -4.83 26.96
CA MET A 31 -53.07 -5.98 26.59
C MET A 31 -52.65 -7.20 27.39
N ALA A 32 -51.35 -7.35 27.59
CA ALA A 32 -50.83 -8.52 28.29
C ALA A 32 -51.16 -8.46 29.77
N LEU A 33 -51.15 -7.27 30.35
CA LEU A 33 -51.52 -7.16 31.75
C LEU A 33 -53.01 -7.36 31.96
N GLU A 34 -53.84 -6.89 31.03
CA GLU A 34 -55.25 -7.19 31.16
C GLU A 34 -55.58 -8.66 30.93
N ASP A 35 -54.85 -9.36 30.06
CA ASP A 35 -55.14 -10.78 29.89
C ASP A 35 -54.67 -11.60 31.09
N VAL A 36 -53.49 -11.28 31.65
CA VAL A 36 -53.09 -12.05 32.82
C VAL A 36 -53.84 -11.65 34.09
N ASN A 37 -54.46 -10.47 34.14
CA ASN A 37 -55.35 -10.17 35.25
C ASN A 37 -56.70 -10.90 35.19
N SER A 38 -56.69 -12.22 34.93
CA SER A 38 -57.94 -12.95 34.74
C SER A 38 -58.05 -14.19 35.59
N ARG A 39 -56.99 -15.01 35.56
CA ARG A 39 -56.96 -16.24 36.34
C ARG A 39 -56.59 -16.02 37.80
N ARG A 40 -57.44 -16.53 38.69
CA ARG A 40 -57.24 -16.52 40.12
C ARG A 40 -56.33 -17.65 40.59
N ASP A 41 -56.07 -18.63 39.71
CA ASP A 41 -55.14 -19.71 40.01
C ASP A 41 -53.69 -19.26 40.05
N ILE A 42 -53.30 -18.24 39.28
CA ILE A 42 -51.91 -17.82 39.35
C ILE A 42 -51.68 -16.85 40.51
N LEU A 43 -52.46 -15.77 40.59
CA LEU A 43 -52.33 -14.84 41.70
C LEU A 43 -53.62 -14.82 42.52
N PRO A 44 -53.74 -15.68 43.54
CA PRO A 44 -54.93 -15.62 44.40
C PRO A 44 -54.98 -14.39 45.31
N ASP A 45 -53.88 -13.65 45.45
CA ASP A 45 -53.82 -12.53 46.38
C ASP A 45 -53.33 -11.20 45.83
N TYR A 46 -52.61 -11.16 44.71
CA TYR A 46 -51.97 -9.92 44.31
C TYR A 46 -52.70 -9.24 43.16
N GLU A 47 -52.10 -8.14 42.69
CA GLU A 47 -52.58 -7.33 41.58
C GLU A 47 -51.42 -6.57 40.97
N LEU A 48 -51.29 -6.62 39.65
CA LEU A 48 -50.12 -6.06 38.98
C LEU A 48 -50.32 -4.59 38.65
N LYS A 49 -49.28 -3.79 38.92
CA LYS A 49 -49.29 -2.38 38.61
C LYS A 49 -48.03 -2.03 37.83
N LEU A 50 -48.15 -0.99 36.99
CA LEU A 50 -47.12 -0.64 36.02
C LEU A 50 -46.66 0.79 36.24
N ILE A 51 -45.36 0.99 36.42
CA ILE A 51 -44.80 2.32 36.43
C ILE A 51 -43.81 2.42 35.29
N HIS A 52 -43.86 3.50 34.52
CA HIS A 52 -43.05 3.55 33.31
C HIS A 52 -42.69 4.99 32.98
N HIS A 53 -41.70 5.15 32.11
CA HIS A 53 -41.27 6.46 31.64
C HIS A 53 -40.71 6.33 30.22
N ASP A 54 -40.03 7.40 29.79
CA ASP A 54 -39.34 7.50 28.51
C ASP A 54 -37.88 7.86 28.75
N SER A 55 -37.01 7.43 27.82
CA SER A 55 -35.59 7.78 27.96
C SER A 55 -34.90 8.20 26.68
N LYS A 56 -35.46 7.89 25.50
CA LYS A 56 -34.93 8.23 24.18
C LYS A 56 -33.51 7.69 23.94
N CYS A 57 -33.13 6.62 24.63
CA CYS A 57 -31.74 6.12 24.71
C CYS A 57 -30.77 7.27 25.04
N ASP A 58 -31.08 7.99 26.10
CA ASP A 58 -30.25 9.08 26.60
C ASP A 58 -29.89 8.77 28.05
N PRO A 59 -28.61 8.58 28.37
CA PRO A 59 -28.23 8.23 29.74
C PRO A 59 -28.49 9.31 30.77
N GLY A 60 -28.52 10.59 30.38
CA GLY A 60 -28.80 11.64 31.35
C GLY A 60 -30.22 11.57 31.89
N GLN A 61 -31.19 11.38 30.99
CA GLN A 61 -32.55 11.14 31.41
C GLN A 61 -32.67 9.78 32.07
N ALA A 62 -31.85 8.82 31.65
CA ALA A 62 -32.00 7.47 32.16
C ALA A 62 -31.56 7.45 33.62
N THR A 63 -30.51 8.20 33.94
CA THR A 63 -30.02 8.29 35.30
C THR A 63 -31.00 9.05 36.17
N LYS A 64 -31.60 10.10 35.60
CA LYS A 64 -32.62 10.84 36.35
C LYS A 64 -33.84 9.97 36.64
N TYR A 65 -34.33 9.24 35.65
CA TYR A 65 -35.49 8.39 35.88
C TYR A 65 -35.18 7.19 36.77
N LEU A 66 -33.95 6.66 36.73
CA LEU A 66 -33.59 5.58 37.64
C LEU A 66 -33.58 6.05 39.07
N TYR A 67 -33.04 7.25 39.30
CA TYR A 67 -33.10 7.86 40.63
C TYR A 67 -34.55 8.12 41.04
N GLU A 68 -35.37 8.56 40.08
CA GLU A 68 -36.75 8.90 40.35
C GLU A 68 -37.54 7.68 40.78
N LEU A 69 -37.25 6.53 40.18
CA LEU A 69 -37.94 5.32 40.61
C LEU A 69 -37.29 4.70 41.84
N LEU A 70 -35.98 4.83 42.00
CA LEU A 70 -35.34 4.10 43.08
C LEU A 70 -35.58 4.79 44.40
N TYR A 71 -35.37 6.10 44.44
CA TYR A 71 -35.47 6.83 45.70
C TYR A 71 -36.86 7.42 45.85
N ASN A 72 -37.90 6.61 45.65
CA ASN A 72 -39.27 7.02 45.91
C ASN A 72 -40.09 5.83 46.38
N ASP A 73 -41.41 6.01 46.40
CA ASP A 73 -42.41 5.06 46.86
C ASP A 73 -43.37 4.68 45.74
N PRO A 74 -43.85 3.41 45.70
CA PRO A 74 -43.52 2.33 46.63
C PRO A 74 -42.33 1.50 46.19
N ILE A 75 -42.16 0.32 46.80
CA ILE A 75 -41.03 -0.53 46.48
C ILE A 75 -41.34 -1.35 45.23
N LYS A 76 -40.51 -1.23 44.22
CA LYS A 76 -40.59 -2.05 43.03
C LYS A 76 -39.67 -3.25 43.15
N ILE A 77 -39.83 -4.22 42.27
CA ILE A 77 -39.12 -5.49 42.35
C ILE A 77 -38.32 -5.77 41.09
N ILE A 78 -38.98 -5.76 39.94
CA ILE A 78 -38.34 -6.10 38.66
C ILE A 78 -38.34 -4.84 37.80
N LEU A 79 -37.25 -4.61 37.11
CA LEU A 79 -37.09 -3.48 36.22
C LEU A 79 -37.03 -3.92 34.75
N MET A 80 -37.33 -2.96 33.89
CA MET A 80 -37.41 -3.18 32.45
C MET A 80 -36.71 -2.02 31.76
N PRO A 81 -35.45 -2.19 31.36
CA PRO A 81 -34.73 -1.16 30.60
C PRO A 81 -34.84 -1.28 29.09
N GLY A 82 -34.97 -0.14 28.44
CA GLY A 82 -35.10 -0.12 27.00
C GLY A 82 -33.85 -0.24 26.14
N CYS A 83 -32.95 0.74 26.19
CA CYS A 83 -31.86 0.74 25.23
C CYS A 83 -30.73 -0.18 25.65
N SER A 84 -29.61 -0.07 24.93
CA SER A 84 -28.53 -1.01 25.14
C SER A 84 -27.52 -0.49 26.15
N SER A 85 -27.06 0.75 25.97
CA SER A 85 -26.04 1.26 26.88
C SER A 85 -26.64 1.47 28.25
N VAL A 86 -27.89 1.94 28.29
CA VAL A 86 -28.63 2.07 29.53
C VAL A 86 -28.90 0.70 30.14
N SER A 87 -29.11 -0.34 29.30
CA SER A 87 -29.32 -1.67 29.84
C SER A 87 -28.05 -2.20 30.50
N THR A 88 -26.90 -1.95 29.86
CA THR A 88 -25.62 -2.31 30.46
C THR A 88 -25.38 -1.56 31.77
N LEU A 89 -25.75 -0.28 31.81
CA LEU A 89 -25.53 0.53 33.01
C LEU A 89 -26.39 0.04 34.16
N VAL A 90 -27.64 -0.34 33.87
CA VAL A 90 -28.49 -0.75 34.97
C VAL A 90 -28.13 -2.16 35.38
N ALA A 91 -27.67 -3.01 34.46
CA ALA A 91 -27.30 -4.35 34.88
C ALA A 91 -25.96 -4.32 35.59
N GLU A 92 -25.16 -3.28 35.35
CA GLU A 92 -23.94 -3.09 36.11
C GLU A 92 -24.24 -2.66 37.54
N ALA A 93 -25.28 -1.82 37.71
CA ALA A 93 -25.49 -1.20 39.01
C ALA A 93 -26.68 -1.77 39.77
N ALA A 94 -27.31 -2.82 39.28
CA ALA A 94 -28.45 -3.42 39.97
C ALA A 94 -28.05 -4.22 41.21
N ARG A 95 -26.77 -4.56 41.36
CA ARG A 95 -26.33 -5.44 42.43
C ARG A 95 -26.38 -4.79 43.81
N MET A 96 -26.37 -3.47 43.89
CA MET A 96 -26.32 -2.83 45.18
C MET A 96 -27.67 -2.73 45.85
N TRP A 97 -28.72 -3.14 45.16
CA TRP A 97 -30.04 -3.24 45.72
C TRP A 97 -30.50 -4.67 45.75
N ASN A 98 -29.68 -5.61 45.24
CA ASN A 98 -30.02 -7.03 45.08
C ASN A 98 -31.30 -7.15 44.25
N LEU A 99 -31.21 -6.70 43.01
CA LEU A 99 -32.30 -6.73 42.05
C LEU A 99 -31.91 -7.59 40.85
N ILE A 100 -32.92 -8.03 40.09
CA ILE A 100 -32.72 -8.78 38.86
C ILE A 100 -33.27 -7.99 37.68
N VAL A 101 -32.51 -7.92 36.60
CA VAL A 101 -32.91 -7.12 35.45
C VAL A 101 -33.09 -7.99 34.20
N LEU A 102 -34.08 -7.57 33.40
CA LEU A 102 -34.53 -8.26 32.19
C LEU A 102 -34.58 -7.24 31.06
N SER A 103 -33.73 -7.41 30.05
CA SER A 103 -33.77 -6.54 28.88
C SER A 103 -34.60 -7.16 27.77
N TYR A 104 -34.86 -6.36 26.73
CA TYR A 104 -35.62 -6.89 25.60
C TYR A 104 -35.14 -6.44 24.23
N GLY A 105 -34.04 -5.70 24.12
CA GLY A 105 -33.64 -5.31 22.78
C GLY A 105 -32.16 -5.28 22.49
N SER A 106 -31.34 -5.65 23.47
CA SER A 106 -29.91 -5.49 23.32
C SER A 106 -29.38 -6.65 22.49
N SER A 107 -28.27 -6.41 21.79
CA SER A 107 -27.68 -7.51 21.04
C SER A 107 -26.19 -7.69 21.32
N SER A 108 -25.72 -7.25 22.47
CA SER A 108 -24.28 -7.29 22.72
C SER A 108 -23.86 -8.70 23.12
N PRO A 109 -23.00 -9.36 22.34
CA PRO A 109 -22.59 -10.73 22.70
C PRO A 109 -21.71 -10.77 23.92
N ALA A 110 -21.10 -9.62 24.28
CA ALA A 110 -20.34 -9.54 25.51
C ALA A 110 -21.24 -9.49 26.72
N LEU A 111 -22.56 -9.39 26.50
CA LEU A 111 -23.52 -9.40 27.57
C LEU A 111 -23.84 -10.83 27.97
N SER A 112 -23.12 -11.82 27.42
CA SER A 112 -23.34 -13.20 27.81
C SER A 112 -22.56 -13.59 29.06
N ASN A 113 -21.72 -12.69 29.58
CA ASN A 113 -20.93 -12.99 30.76
C ASN A 113 -21.80 -12.96 32.02
N ARG A 114 -21.58 -13.96 32.88
CA ARG A 114 -22.29 -14.06 34.15
C ARG A 114 -21.51 -13.48 35.32
N GLN A 115 -20.20 -13.25 35.14
CA GLN A 115 -19.39 -12.70 36.22
C GLN A 115 -19.74 -11.23 36.47
N ARG A 116 -19.63 -10.42 35.43
CA ARG A 116 -19.98 -9.01 35.55
C ARG A 116 -21.48 -8.84 35.68
N PHE A 117 -22.25 -9.75 35.08
CA PHE A 117 -23.70 -9.61 35.03
C PHE A 117 -24.31 -10.91 35.54
N PRO A 118 -24.47 -11.03 36.85
CA PRO A 118 -25.05 -12.27 37.39
C PRO A 118 -26.56 -12.25 37.37
N THR A 119 -27.16 -11.06 37.41
CA THR A 119 -28.58 -10.92 37.65
C THR A 119 -29.26 -10.30 36.43
N PHE A 120 -28.89 -10.76 35.25
CA PHE A 120 -29.31 -10.16 34.00
C PHE A 120 -29.75 -11.21 33.02
N PHE A 121 -30.90 -11.03 32.40
CA PHE A 121 -31.28 -11.89 31.29
C PHE A 121 -31.80 -11.05 30.14
N ARG A 122 -31.85 -11.67 28.98
CA ARG A 122 -32.35 -10.97 27.80
C ARG A 122 -33.01 -11.98 26.87
N THR A 123 -34.23 -11.67 26.50
CA THR A 123 -35.04 -12.47 25.59
C THR A 123 -34.62 -12.32 24.13
N HIS A 124 -34.12 -11.16 23.76
CA HIS A 124 -33.62 -10.96 22.41
C HIS A 124 -32.32 -11.71 22.12
N PRO A 125 -32.28 -12.48 21.02
CA PRO A 125 -31.06 -13.18 20.63
C PRO A 125 -30.02 -12.23 20.09
N SER A 126 -28.75 -12.64 20.16
CA SER A 126 -27.69 -11.75 19.70
C SER A 126 -27.59 -11.69 18.17
N ALA A 127 -26.66 -10.85 17.72
CA ALA A 127 -26.34 -10.50 16.33
C ALA A 127 -25.44 -11.49 15.60
N THR A 128 -24.95 -12.53 16.24
CA THR A 128 -24.03 -13.42 15.54
C THR A 128 -24.71 -14.43 14.63
N LEU A 129 -26.03 -14.53 14.62
CA LEU A 129 -26.69 -15.44 13.69
C LEU A 129 -27.01 -14.79 12.35
N HIS A 130 -26.33 -13.71 11.99
CA HIS A 130 -26.25 -13.30 10.59
C HIS A 130 -25.00 -13.81 9.88
N ASN A 131 -24.04 -14.31 10.60
CA ASN A 131 -22.79 -14.71 9.99
C ASN A 131 -22.75 -16.07 9.31
N PRO A 132 -23.34 -17.16 9.82
CA PRO A 132 -23.31 -18.40 9.02
C PRO A 132 -24.13 -18.27 7.74
N THR A 133 -25.22 -17.51 7.81
CA THR A 133 -25.98 -17.23 6.60
C THR A 133 -25.23 -16.31 5.67
N ARG A 134 -24.44 -15.38 6.23
CA ARG A 134 -23.63 -14.49 5.41
C ARG A 134 -22.52 -15.24 4.69
N VAL A 135 -21.86 -16.16 5.39
CA VAL A 135 -20.80 -16.89 4.73
C VAL A 135 -21.36 -17.91 3.76
N LYS A 136 -22.59 -18.41 3.96
CA LYS A 136 -23.15 -19.26 2.91
C LYS A 136 -23.58 -18.49 1.68
N LEU A 137 -24.13 -17.29 1.85
CA LEU A 137 -24.42 -16.47 0.67
C LEU A 137 -23.15 -15.95 -0.01
N PHE A 138 -22.04 -15.84 0.71
CA PHE A 138 -20.77 -15.59 0.05
C PHE A 138 -20.21 -16.82 -0.63
N GLU A 139 -20.43 -18.00 -0.04
CA GLU A 139 -19.97 -19.25 -0.61
C GLU A 139 -20.74 -19.63 -1.86
N LYS A 140 -21.97 -19.13 -1.99
CA LYS A 140 -22.73 -19.43 -3.21
C LYS A 140 -22.08 -18.80 -4.43
N TRP A 141 -21.48 -17.62 -4.29
CA TRP A 141 -20.93 -16.95 -5.46
C TRP A 141 -19.43 -16.75 -5.44
N GLY A 142 -18.74 -17.16 -4.38
CA GLY A 142 -17.29 -17.25 -4.38
C GLY A 142 -16.57 -15.92 -4.40
N TRP A 143 -17.19 -14.86 -3.87
CA TRP A 143 -16.56 -13.54 -3.88
C TRP A 143 -15.58 -13.39 -2.73
N LYS A 144 -14.47 -12.69 -3.00
CA LYS A 144 -13.35 -12.61 -2.08
C LYS A 144 -12.95 -11.22 -1.63
N LYS A 145 -13.32 -10.16 -2.34
CA LYS A 145 -12.90 -8.80 -1.96
C LYS A 145 -14.11 -8.00 -1.51
N ILE A 146 -14.29 -7.96 -0.19
CA ILE A 146 -15.43 -7.34 0.49
C ILE A 146 -14.93 -6.21 1.38
N ALA A 147 -15.62 -5.07 1.36
CA ALA A 147 -15.25 -3.93 2.19
C ALA A 147 -16.33 -3.69 3.24
N THR A 148 -15.91 -3.30 4.44
CA THR A 148 -16.80 -3.10 5.57
C THR A 148 -16.68 -1.68 6.11
N ILE A 149 -17.80 -1.09 6.52
CA ILE A 149 -17.78 0.23 7.14
C ILE A 149 -18.70 0.26 8.35
N GLN A 150 -18.22 0.85 9.46
CA GLN A 150 -19.00 0.85 10.68
C GLN A 150 -18.96 2.20 11.38
N GLN A 151 -20.04 2.50 12.07
CA GLN A 151 -20.05 3.51 13.11
C GLN A 151 -19.25 2.99 14.30
N THR A 152 -18.52 3.86 14.98
CA THR A 152 -17.64 3.44 16.07
C THR A 152 -18.36 3.06 17.36
N THR A 153 -18.80 1.79 17.48
CA THR A 153 -19.55 1.36 18.64
C THR A 153 -19.10 -0.05 19.03
N GLU A 154 -19.21 -0.35 20.33
CA GLU A 154 -18.82 -1.64 20.88
C GLU A 154 -19.71 -2.74 20.33
N VAL A 155 -21.00 -2.43 20.17
CA VAL A 155 -22.01 -3.38 19.70
C VAL A 155 -21.84 -3.68 18.22
N PHE A 156 -20.95 -2.97 17.54
CA PHE A 156 -20.59 -3.26 16.17
C PHE A 156 -19.22 -3.88 16.05
N THR A 157 -18.28 -3.46 16.89
CA THR A 157 -16.96 -4.09 16.87
C THR A 157 -16.98 -5.52 17.41
N SER A 158 -17.93 -5.87 18.28
CA SER A 158 -18.02 -7.27 18.70
C SER A 158 -18.68 -8.14 17.65
N THR A 159 -19.30 -7.52 16.67
CA THR A 159 -19.91 -8.23 15.58
C THR A 159 -18.85 -8.37 14.53
N LEU A 160 -18.05 -7.32 14.35
CA LEU A 160 -17.11 -7.35 13.27
C LEU A 160 -15.99 -8.31 13.64
N ASP A 161 -15.73 -8.42 14.95
CA ASP A 161 -14.75 -9.39 15.41
C ASP A 161 -15.27 -10.81 15.29
N ASP A 162 -16.57 -11.02 15.57
CA ASP A 162 -17.11 -12.34 15.32
C ASP A 162 -17.17 -12.70 13.83
N LEU A 163 -17.49 -11.74 12.95
CA LEU A 163 -17.45 -12.03 11.51
C LEU A 163 -16.05 -12.32 10.99
N GLU A 164 -15.02 -11.60 11.47
CA GLU A 164 -13.65 -11.90 11.06
C GLU A 164 -13.27 -13.31 11.51
N GLU A 165 -13.46 -13.60 12.81
CA GLU A 165 -13.06 -14.91 13.30
C GLU A 165 -14.02 -16.02 12.86
N ARG A 166 -15.10 -15.69 12.14
CA ARG A 166 -15.85 -16.71 11.43
C ARG A 166 -15.44 -16.86 9.97
N VAL A 167 -15.06 -15.77 9.30
CA VAL A 167 -14.72 -15.86 7.89
C VAL A 167 -13.28 -16.35 7.68
N LYS A 168 -12.44 -16.30 8.71
CA LYS A 168 -11.05 -16.72 8.51
C LYS A 168 -10.91 -18.23 8.30
N GLU A 169 -11.85 -19.04 8.80
CA GLU A 169 -11.81 -20.46 8.48
C GLU A 169 -12.33 -20.77 7.09
N ALA A 170 -13.10 -19.86 6.49
CA ALA A 170 -13.62 -20.08 5.15
C ALA A 170 -12.66 -19.65 4.05
N GLY A 171 -11.53 -19.04 4.39
CA GLY A 171 -10.60 -18.63 3.37
C GLY A 171 -11.03 -17.48 2.50
N ILE A 172 -11.78 -16.53 3.07
CA ILE A 172 -12.19 -15.33 2.37
C ILE A 172 -11.64 -14.14 3.14
N GLU A 173 -10.83 -13.33 2.48
CA GLU A 173 -10.18 -12.19 3.11
C GLU A 173 -11.06 -10.95 3.09
N ILE A 174 -10.92 -10.15 4.14
CA ILE A 174 -11.60 -8.88 4.29
C ILE A 174 -10.52 -7.81 4.13
N THR A 175 -10.60 -7.09 3.01
CA THR A 175 -9.52 -6.21 2.57
C THR A 175 -9.61 -4.81 3.15
N PHE A 176 -10.72 -4.13 2.91
CA PHE A 176 -10.87 -2.73 3.26
C PHE A 176 -11.85 -2.60 4.42
N ARG A 177 -11.31 -2.30 5.60
CA ARG A 177 -12.07 -2.20 6.83
C ARG A 177 -12.05 -0.78 7.35
N GLN A 178 -13.07 0.01 7.04
CA GLN A 178 -13.02 1.40 7.45
C GLN A 178 -13.97 1.62 8.61
N SER A 179 -13.95 2.85 9.13
CA SER A 179 -14.78 3.21 10.26
C SER A 179 -14.96 4.72 10.26
N PHE A 180 -16.08 5.19 10.80
CA PHE A 180 -16.23 6.62 10.99
C PHE A 180 -17.16 6.82 12.18
N PHE A 181 -17.34 8.07 12.57
CA PHE A 181 -18.22 8.40 13.66
C PHE A 181 -19.43 9.21 13.19
N SER A 182 -19.22 10.38 12.60
CA SER A 182 -20.33 11.11 12.03
C SER A 182 -19.96 11.84 10.75
N ASP A 183 -18.74 11.69 10.27
CA ASP A 183 -18.32 12.31 9.02
C ASP A 183 -18.25 11.29 7.91
N PRO A 184 -19.22 11.24 6.99
CA PRO A 184 -19.17 10.25 5.91
C PRO A 184 -18.37 10.66 4.69
N ALA A 185 -17.83 11.89 4.65
CA ALA A 185 -17.23 12.39 3.42
C ALA A 185 -15.86 11.77 3.16
N VAL A 186 -14.94 11.88 4.12
CA VAL A 186 -13.61 11.29 3.93
C VAL A 186 -13.65 9.76 3.81
N PRO A 187 -14.51 9.01 4.54
CA PRO A 187 -14.53 7.57 4.27
C PRO A 187 -15.18 7.22 2.95
N VAL A 188 -16.20 7.94 2.46
CA VAL A 188 -16.70 7.59 1.13
C VAL A 188 -15.75 8.05 0.04
N LYS A 189 -14.92 9.05 0.32
CA LYS A 189 -13.81 9.38 -0.56
C LYS A 189 -12.82 8.23 -0.62
N ASN A 190 -12.50 7.65 0.54
CA ASN A 190 -11.60 6.51 0.60
C ASN A 190 -12.20 5.28 -0.09
N LEU A 191 -13.52 5.09 0.00
CA LEU A 191 -14.14 3.95 -0.67
C LEU A 191 -14.15 4.14 -2.19
N LYS A 192 -14.37 5.37 -2.65
CA LYS A 192 -14.29 5.64 -4.07
C LYS A 192 -12.86 5.48 -4.58
N ARG A 193 -11.91 5.90 -3.76
CA ARG A 193 -10.50 5.78 -4.11
C ARG A 193 -10.02 4.35 -4.02
N GLN A 194 -10.65 3.51 -3.20
CA GLN A 194 -10.28 2.11 -3.13
C GLN A 194 -11.17 1.20 -3.97
N ASP A 195 -12.14 1.77 -4.69
CA ASP A 195 -13.02 1.14 -5.69
C ASP A 195 -13.42 -0.31 -5.45
N ALA A 196 -13.88 -0.62 -4.24
CA ALA A 196 -14.26 -1.98 -3.91
C ALA A 196 -15.59 -2.35 -4.55
N ARG A 197 -15.88 -3.66 -4.51
CA ARG A 197 -17.04 -4.19 -5.23
C ARG A 197 -18.23 -4.44 -4.32
N ILE A 198 -18.06 -5.20 -3.25
CA ILE A 198 -19.17 -5.54 -2.37
C ILE A 198 -18.94 -4.84 -1.04
N ILE A 199 -19.95 -4.13 -0.55
CA ILE A 199 -19.79 -3.26 0.61
C ILE A 199 -20.86 -3.60 1.66
N VAL A 200 -20.42 -3.87 2.87
CA VAL A 200 -21.29 -4.14 4.02
C VAL A 200 -21.20 -2.95 4.96
N GLY A 201 -22.34 -2.51 5.50
CA GLY A 201 -22.37 -1.35 6.36
C GLY A 201 -23.10 -1.57 7.66
N LEU A 202 -22.63 -0.88 8.71
CA LEU A 202 -23.19 -1.04 10.06
C LEU A 202 -23.26 0.34 10.70
N PHE A 203 -24.45 0.93 10.66
CA PHE A 203 -24.72 2.28 11.15
C PHE A 203 -26.23 2.46 11.24
N TYR A 204 -26.65 3.50 11.95
CA TYR A 204 -28.07 3.75 12.12
C TYR A 204 -28.63 4.52 10.93
N GLU A 205 -29.91 4.89 11.04
CA GLU A 205 -30.65 5.33 9.87
C GLU A 205 -30.30 6.74 9.41
N THR A 206 -30.10 7.68 10.33
CA THR A 206 -29.93 9.08 9.94
C THR A 206 -28.60 9.28 9.23
N GLU A 207 -27.68 8.39 9.52
CA GLU A 207 -26.47 8.41 8.76
C GLU A 207 -26.54 7.46 7.61
N ALA A 208 -27.50 6.51 7.58
CA ALA A 208 -27.68 5.76 6.34
C ALA A 208 -28.14 6.70 5.23
N ARG A 209 -29.05 7.62 5.56
CA ARG A 209 -29.44 8.66 4.59
C ARG A 209 -28.25 9.55 4.23
N LYS A 210 -27.43 9.91 5.22
CA LYS A 210 -26.29 10.77 4.88
C LYS A 210 -25.25 10.05 4.03
N VAL A 211 -24.97 8.78 4.31
CA VAL A 211 -23.98 8.06 3.52
C VAL A 211 -24.55 7.74 2.15
N PHE A 212 -25.88 7.65 2.01
CA PHE A 212 -26.39 7.43 0.66
C PHE A 212 -26.42 8.71 -0.15
N CYS A 213 -26.58 9.87 0.50
CA CYS A 213 -26.37 11.11 -0.21
C CYS A 213 -24.92 11.25 -0.65
N GLU A 214 -23.99 10.82 0.21
CA GLU A 214 -22.58 10.90 -0.14
C GLU A 214 -22.21 9.92 -1.26
N VAL A 215 -22.79 8.71 -1.25
CA VAL A 215 -22.44 7.77 -2.30
C VAL A 215 -23.16 8.06 -3.61
N TYR A 216 -24.28 8.79 -3.59
CA TYR A 216 -24.80 9.31 -4.85
C TYR A 216 -23.93 10.43 -5.36
N LYS A 217 -23.43 11.27 -4.45
CA LYS A 217 -22.63 12.41 -4.86
C LYS A 217 -21.26 11.98 -5.37
N GLU A 218 -20.70 10.91 -4.82
CA GLU A 218 -19.41 10.46 -5.31
C GLU A 218 -19.55 9.57 -6.53
N ARG A 219 -20.80 9.22 -6.87
CA ARG A 219 -21.15 8.30 -7.95
C ARG A 219 -20.41 6.97 -7.80
N LEU A 220 -20.68 6.30 -6.67
CA LEU A 220 -20.10 5.00 -6.41
C LEU A 220 -21.13 3.88 -6.40
N PHE A 221 -22.40 4.20 -6.65
CA PHE A 221 -23.39 3.16 -6.90
C PHE A 221 -23.28 2.70 -8.35
N GLY A 222 -24.11 1.72 -8.73
CA GLY A 222 -24.12 1.34 -10.13
C GLY A 222 -23.99 -0.14 -10.37
N LYS A 223 -23.07 -0.52 -11.24
CA LYS A 223 -23.05 -1.88 -11.79
C LYS A 223 -22.32 -2.87 -10.88
N LYS A 224 -21.11 -2.54 -10.46
CA LYS A 224 -20.25 -3.49 -9.72
C LYS A 224 -20.32 -3.26 -8.22
N TYR A 225 -21.50 -2.89 -7.70
CA TYR A 225 -21.62 -2.50 -6.31
C TYR A 225 -22.82 -3.17 -5.67
N VAL A 226 -22.56 -3.97 -4.63
CA VAL A 226 -23.58 -4.69 -3.87
C VAL A 226 -23.55 -4.20 -2.42
N TRP A 227 -24.69 -3.73 -1.93
CA TRP A 227 -24.79 -3.12 -0.61
C TRP A 227 -25.49 -4.06 0.35
N PHE A 228 -24.80 -4.43 1.43
CA PHE A 228 -25.39 -5.22 2.49
C PHE A 228 -25.72 -4.36 3.71
N LEU A 229 -26.98 -4.38 4.11
CA LEU A 229 -27.44 -3.66 5.28
C LEU A 229 -28.27 -4.64 6.14
N ILE A 230 -28.70 -4.19 7.32
CA ILE A 230 -29.66 -4.92 8.14
C ILE A 230 -31.04 -4.58 7.60
N GLY A 231 -32.10 -5.28 8.04
CA GLY A 231 -33.37 -5.07 7.38
C GLY A 231 -34.59 -4.79 8.23
N TRP A 232 -34.44 -4.53 9.52
CA TRP A 232 -35.57 -4.22 10.37
C TRP A 232 -35.95 -2.75 10.36
N TYR A 233 -35.44 -1.99 9.40
CA TYR A 233 -35.89 -0.63 9.17
C TYR A 233 -37.30 -0.64 8.56
N ALA A 234 -37.97 0.51 8.61
CA ALA A 234 -39.24 0.58 7.91
C ALA A 234 -39.05 0.63 6.39
N ASP A 235 -40.13 0.31 5.69
CA ASP A 235 -40.23 0.33 4.25
C ASP A 235 -40.37 1.73 3.65
N ASN A 236 -40.58 2.76 4.47
CA ASN A 236 -40.80 4.11 3.97
C ASN A 236 -39.62 5.03 4.24
N TRP A 237 -38.48 4.44 4.62
CA TRP A 237 -37.43 5.17 5.30
C TRP A 237 -36.72 6.17 4.42
N PHE A 238 -36.74 5.94 3.11
CA PHE A 238 -36.17 6.88 2.14
C PHE A 238 -37.22 7.84 1.63
N LYS A 239 -38.22 8.15 2.45
CA LYS A 239 -39.34 8.98 2.05
C LYS A 239 -39.67 10.05 3.05
N ILE A 240 -39.25 9.91 4.31
CA ILE A 240 -39.56 10.91 5.31
C ILE A 240 -38.71 12.16 5.07
N TYR A 241 -39.33 13.32 5.21
CA TYR A 241 -38.68 14.59 4.96
C TYR A 241 -37.63 14.90 6.03
N ASP A 242 -36.37 14.98 5.62
CA ASP A 242 -35.31 15.39 6.55
C ASP A 242 -34.66 16.61 5.92
N PRO A 243 -34.78 17.79 6.52
CA PRO A 243 -34.13 18.97 5.96
C PRO A 243 -32.65 19.11 6.25
N SER A 244 -31.99 18.13 6.88
CA SER A 244 -30.57 18.29 7.10
C SER A 244 -29.73 18.09 5.85
N ILE A 245 -30.30 17.52 4.78
CA ILE A 245 -29.58 17.28 3.54
C ILE A 245 -30.49 17.69 2.39
N ASN A 246 -29.86 18.21 1.33
CA ASN A 246 -30.51 18.75 0.14
C ASN A 246 -30.82 17.72 -0.92
N CYS A 247 -30.54 16.43 -0.69
CA CYS A 247 -30.83 15.42 -1.70
C CYS A 247 -32.33 15.19 -1.88
N THR A 248 -32.72 14.92 -3.11
CA THR A 248 -34.12 14.68 -3.43
C THR A 248 -34.40 13.17 -3.27
N VAL A 249 -35.67 12.80 -3.32
CA VAL A 249 -36.15 11.47 -2.95
C VAL A 249 -35.85 10.40 -4.02
N ASP A 250 -36.10 10.69 -5.30
CA ASP A 250 -35.89 9.66 -6.32
C ASP A 250 -34.46 9.37 -6.76
N GLU A 251 -33.50 10.29 -6.66
CA GLU A 251 -32.13 9.84 -6.90
C GLU A 251 -31.64 8.92 -5.79
N MET A 252 -32.13 9.10 -4.57
CA MET A 252 -31.82 8.14 -3.51
C MET A 252 -32.54 6.83 -3.75
N THR A 253 -33.78 6.89 -4.25
CA THR A 253 -34.54 5.67 -4.48
C THR A 253 -33.92 4.83 -5.60
N GLU A 254 -33.46 5.48 -6.66
CA GLU A 254 -32.71 4.81 -7.70
C GLU A 254 -31.37 4.29 -7.20
N ALA A 255 -30.77 4.99 -6.25
CA ALA A 255 -29.47 4.56 -5.74
C ALA A 255 -29.59 3.33 -4.86
N VAL A 256 -30.67 3.20 -4.10
CA VAL A 256 -30.74 2.11 -3.12
C VAL A 256 -31.37 0.87 -3.76
N GLU A 257 -31.59 0.92 -5.07
CA GLU A 257 -32.32 -0.15 -5.75
C GLU A 257 -31.44 -1.38 -5.92
N GLY A 258 -31.99 -2.55 -5.60
CA GLY A 258 -31.28 -3.79 -5.79
C GLY A 258 -30.15 -3.99 -4.80
N HIS A 259 -30.52 -4.20 -3.55
CA HIS A 259 -29.59 -4.55 -2.50
C HIS A 259 -30.24 -5.61 -1.62
N ILE A 260 -29.40 -6.41 -0.97
CA ILE A 260 -29.88 -7.56 -0.22
C ILE A 260 -29.92 -7.21 1.26
N THR A 261 -31.03 -7.55 1.90
CA THR A 261 -31.23 -7.31 3.33
C THR A 261 -31.50 -8.62 4.05
N THR A 262 -30.95 -8.74 5.24
CA THR A 262 -31.09 -9.94 6.06
C THR A 262 -31.77 -9.61 7.39
N GLU A 263 -32.47 -10.61 7.94
CA GLU A 263 -33.09 -10.47 9.24
C GLU A 263 -33.21 -11.86 9.85
N ILE A 264 -33.98 -11.97 10.93
CA ILE A 264 -34.35 -13.24 11.54
C ILE A 264 -35.82 -13.19 11.93
N VAL A 265 -36.43 -14.39 12.06
CA VAL A 265 -37.84 -14.52 12.37
C VAL A 265 -38.02 -14.20 13.86
N MET A 266 -39.27 -13.90 14.23
CA MET A 266 -39.60 -13.61 15.61
C MET A 266 -40.73 -14.43 16.23
N LEU A 267 -41.39 -15.30 15.50
CA LEU A 267 -42.59 -15.94 16.00
C LEU A 267 -42.87 -17.18 15.16
N ASN A 268 -43.92 -17.89 15.51
CA ASN A 268 -44.30 -19.09 14.80
C ASN A 268 -44.81 -18.75 13.41
N PRO A 269 -44.21 -19.29 12.35
CA PRO A 269 -44.77 -19.11 11.02
C PRO A 269 -46.06 -19.88 10.83
N ALA A 270 -46.27 -20.94 11.61
CA ALA A 270 -47.48 -21.73 11.59
C ALA A 270 -48.55 -21.12 12.50
N ASN A 271 -49.59 -21.89 12.77
CA ASN A 271 -50.68 -21.49 13.67
C ASN A 271 -50.87 -22.60 14.70
N THR A 272 -50.59 -22.26 15.97
CA THR A 272 -50.66 -23.22 17.05
C THR A 272 -51.41 -22.49 18.16
N ARG A 273 -51.50 -23.05 19.36
CA ARG A 273 -52.13 -22.35 20.48
C ARG A 273 -51.26 -22.33 21.73
N SER A 274 -51.18 -21.18 22.37
CA SER A 274 -50.37 -21.03 23.56
C SER A 274 -51.25 -21.41 24.76
N ILE A 275 -50.77 -21.11 25.97
CA ILE A 275 -51.62 -21.21 27.16
C ILE A 275 -52.74 -20.16 27.14
N SER A 276 -52.49 -19.02 26.49
CA SER A 276 -53.50 -17.97 26.28
C SER A 276 -54.62 -18.35 25.33
N ASN A 277 -54.49 -19.46 24.59
CA ASN A 277 -55.53 -20.01 23.71
C ASN A 277 -55.85 -19.01 22.62
N MET A 278 -54.77 -18.54 21.99
CA MET A 278 -54.80 -17.61 20.88
C MET A 278 -53.64 -18.01 19.99
N THR A 279 -53.63 -17.52 18.76
CA THR A 279 -52.48 -17.78 17.92
C THR A 279 -51.71 -16.51 17.62
N SER A 280 -50.69 -16.69 16.77
CA SER A 280 -49.84 -15.58 16.37
C SER A 280 -50.60 -14.66 15.44
N GLN A 281 -51.40 -15.26 14.56
CA GLN A 281 -52.04 -14.49 13.49
C GLN A 281 -53.16 -13.64 14.07
N GLU A 282 -53.95 -14.24 14.97
CA GLU A 282 -54.98 -13.49 15.68
C GLU A 282 -54.35 -12.44 16.58
N PHE A 283 -53.17 -12.72 17.13
CA PHE A 283 -52.48 -11.71 17.93
C PHE A 283 -52.07 -10.52 17.08
N VAL A 284 -51.53 -10.80 15.89
CA VAL A 284 -51.11 -9.75 14.96
C VAL A 284 -52.34 -8.97 14.50
N GLU A 285 -53.47 -9.66 14.34
CA GLU A 285 -54.71 -9.00 13.98
C GLU A 285 -55.19 -8.07 15.09
N LYS A 286 -55.02 -8.48 16.34
CA LYS A 286 -55.41 -7.61 17.45
C LYS A 286 -54.50 -6.39 17.58
N LEU A 287 -53.21 -6.55 17.26
CA LEU A 287 -52.29 -5.41 17.25
C LEU A 287 -52.63 -4.43 16.14
N THR A 288 -52.98 -4.94 14.97
CA THR A 288 -53.40 -4.06 13.89
C THR A 288 -54.76 -3.43 14.16
N LYS A 289 -55.60 -4.08 14.97
CA LYS A 289 -56.86 -3.47 15.36
C LYS A 289 -56.65 -2.28 16.29
N ARG A 290 -55.96 -2.51 17.41
CA ARG A 290 -55.89 -1.45 18.40
C ARG A 290 -54.90 -0.35 18.01
N LEU A 291 -53.80 -0.69 17.33
CA LEU A 291 -52.85 0.33 16.92
C LEU A 291 -53.47 1.08 15.75
N LYS A 292 -53.70 2.38 15.95
CA LYS A 292 -54.28 3.23 14.91
C LYS A 292 -53.30 3.56 13.78
N ARG A 293 -52.00 3.53 14.01
CA ARG A 293 -51.07 3.79 12.92
C ARG A 293 -50.87 2.54 12.08
N HIS A 294 -50.10 2.67 11.01
CA HIS A 294 -49.74 1.52 10.21
C HIS A 294 -48.50 0.82 10.76
N PRO A 295 -48.52 -0.52 10.64
CA PRO A 295 -47.34 -1.32 11.04
C PRO A 295 -46.13 -1.05 10.17
N GLU A 296 -46.32 -0.57 8.95
CA GLU A 296 -45.20 -0.19 8.10
C GLU A 296 -44.57 1.12 8.53
N GLU A 297 -45.27 1.91 9.33
CA GLU A 297 -44.73 3.20 9.75
C GLU A 297 -44.36 3.25 11.23
N THR A 298 -44.80 2.28 12.02
CA THR A 298 -44.49 2.28 13.45
C THR A 298 -43.16 1.59 13.70
N GLY A 299 -42.70 1.69 14.95
CA GLY A 299 -41.44 1.08 15.36
C GLY A 299 -41.68 -0.02 16.38
N GLY A 300 -40.82 -1.04 16.36
CA GLY A 300 -40.98 -2.12 17.31
C GLY A 300 -42.14 -3.08 17.11
N PHE A 301 -42.79 -3.09 15.94
CA PHE A 301 -43.95 -3.95 15.73
C PHE A 301 -43.64 -5.45 15.69
N GLN A 302 -42.46 -5.84 15.20
CA GLN A 302 -42.11 -7.26 15.14
C GLN A 302 -41.69 -7.90 16.46
N GLU A 303 -41.01 -7.16 17.31
CA GLU A 303 -40.55 -7.57 18.64
C GLU A 303 -41.58 -7.51 19.77
N ALA A 304 -42.79 -7.01 19.59
CA ALA A 304 -43.74 -6.99 20.71
C ALA A 304 -44.11 -8.36 21.29
N PRO A 305 -44.23 -9.47 20.53
CA PRO A 305 -44.46 -10.75 21.22
C PRO A 305 -43.34 -11.24 22.11
N LEU A 306 -42.08 -10.76 21.98
CA LEU A 306 -41.13 -11.24 22.97
C LEU A 306 -41.42 -10.59 24.31
N ALA A 307 -41.99 -9.38 24.29
CA ALA A 307 -42.35 -8.71 25.53
C ALA A 307 -43.53 -9.44 26.14
N TYR A 308 -44.37 -9.97 25.24
CA TYR A 308 -45.58 -10.69 25.62
C TYR A 308 -45.23 -11.98 26.36
N ASP A 309 -44.44 -12.83 25.73
CA ASP A 309 -44.05 -14.03 26.45
C ASP A 309 -43.04 -13.77 27.57
N ALA A 310 -42.37 -12.61 27.58
CA ALA A 310 -41.56 -12.23 28.73
C ALA A 310 -42.40 -11.97 29.97
N ILE A 311 -43.55 -11.30 29.80
CA ILE A 311 -44.46 -11.14 30.93
C ILE A 311 -45.06 -12.48 31.29
N TRP A 312 -45.40 -13.32 30.31
CA TRP A 312 -46.12 -14.55 30.65
C TRP A 312 -45.17 -15.49 31.40
N ALA A 313 -43.88 -15.43 31.04
CA ALA A 313 -42.85 -16.24 31.67
C ALA A 313 -42.63 -15.81 33.11
N LEU A 314 -42.53 -14.50 33.34
CA LEU A 314 -42.38 -14.03 34.72
C LEU A 314 -43.64 -14.26 35.54
N ALA A 315 -44.81 -14.24 34.90
CA ALA A 315 -46.06 -14.51 35.62
C ALA A 315 -46.13 -15.97 36.08
N LEU A 316 -45.73 -16.90 35.22
CA LEU A 316 -45.70 -18.30 35.63
C LEU A 316 -44.60 -18.54 36.66
N ALA A 317 -43.52 -17.75 36.59
CA ALA A 317 -42.46 -17.84 37.58
C ALA A 317 -42.97 -17.38 38.94
N LEU A 318 -43.79 -16.32 38.93
CA LEU A 318 -44.35 -15.84 40.18
C LEU A 318 -45.40 -16.81 40.73
N ASN A 319 -46.09 -17.53 39.85
CA ASN A 319 -46.98 -18.58 40.33
C ASN A 319 -46.19 -19.75 40.89
N LYS A 320 -45.01 -20.00 40.32
CA LYS A 320 -44.13 -21.04 40.84
C LYS A 320 -43.57 -20.67 42.20
N THR A 321 -43.30 -19.39 42.42
CA THR A 321 -42.96 -18.95 43.77
C THR A 321 -44.15 -19.05 44.70
N SER A 322 -45.36 -18.82 44.18
CA SER A 322 -46.63 -18.93 44.88
C SER A 322 -46.72 -18.09 46.16
N ARG A 331 -46.76 -14.66 50.91
CA ARG A 331 -46.03 -13.94 51.95
C ARG A 331 -44.99 -13.06 51.30
N LEU A 332 -45.10 -12.91 49.99
CA LEU A 332 -44.22 -12.03 49.24
C LEU A 332 -44.69 -10.59 49.26
N GLU A 333 -44.71 -9.97 50.44
CA GLU A 333 -45.19 -8.59 50.53
C GLU A 333 -44.30 -7.73 51.41
N ASP A 334 -43.16 -8.24 51.86
CA ASP A 334 -42.28 -7.53 52.77
C ASP A 334 -40.86 -7.48 52.19
N PHE A 335 -40.75 -7.10 50.92
CA PHE A 335 -39.45 -7.08 50.28
C PHE A 335 -38.73 -5.78 50.55
N ASN A 336 -37.45 -5.88 50.90
CA ASN A 336 -36.56 -4.75 51.08
C ASN A 336 -35.25 -5.04 50.36
N TYR A 337 -34.56 -3.98 49.93
CA TYR A 337 -33.39 -4.12 49.08
C TYR A 337 -32.18 -4.70 49.80
N ASN A 338 -32.20 -4.72 51.13
CA ASN A 338 -31.04 -5.19 51.89
C ASN A 338 -30.94 -6.71 51.89
N ASN A 339 -32.06 -7.41 52.05
CA ASN A 339 -32.00 -8.85 52.18
C ASN A 339 -31.81 -9.53 50.82
N GLN A 340 -31.61 -10.83 50.88
CA GLN A 340 -31.23 -11.64 49.73
C GLN A 340 -32.00 -12.94 49.59
N THR A 341 -32.74 -13.37 50.61
CA THR A 341 -33.36 -14.70 50.60
C THR A 341 -34.52 -14.77 49.61
N ILE A 342 -35.35 -13.72 49.56
CA ILE A 342 -36.42 -13.69 48.59
C ILE A 342 -35.86 -13.66 47.17
N THR A 343 -34.76 -12.92 46.98
CA THR A 343 -34.13 -12.82 45.66
C THR A 343 -33.52 -14.15 45.21
N ASP A 344 -32.83 -14.85 46.10
CA ASP A 344 -32.28 -16.14 45.70
C ASP A 344 -33.38 -17.18 45.45
N GLN A 345 -34.47 -17.15 46.24
CA GLN A 345 -35.56 -18.10 46.01
C GLN A 345 -36.26 -17.86 44.67
N ILE A 346 -36.54 -16.59 44.35
CA ILE A 346 -37.15 -16.28 43.07
C ILE A 346 -36.18 -16.58 41.94
N TYR A 347 -34.88 -16.36 42.16
CA TYR A 347 -33.89 -16.64 41.14
C TYR A 347 -33.77 -18.13 40.87
N ARG A 348 -33.84 -18.95 41.91
CA ARG A 348 -33.79 -20.39 41.70
C ARG A 348 -35.05 -20.89 41.01
N ALA A 349 -36.21 -20.32 41.33
CA ALA A 349 -37.43 -20.73 40.62
C ALA A 349 -37.45 -20.28 39.17
N MET A 350 -36.89 -19.11 38.87
CA MET A 350 -36.87 -18.60 37.50
C MET A 350 -35.76 -19.24 36.66
N ASN A 351 -34.75 -19.82 37.29
CA ASN A 351 -33.67 -20.43 36.53
C ASN A 351 -34.19 -21.63 35.73
N SER A 352 -35.08 -22.41 36.31
CA SER A 352 -35.53 -23.62 35.63
C SER A 352 -36.75 -23.37 34.74
N SER A 353 -36.88 -22.16 34.23
CA SER A 353 -37.99 -21.76 33.37
C SER A 353 -37.76 -22.33 31.98
N SER A 354 -38.70 -23.15 31.51
CA SER A 354 -38.61 -23.82 30.21
C SER A 354 -40.02 -24.18 29.78
N PHE A 355 -40.58 -23.50 28.78
CA PHE A 355 -41.94 -23.91 28.40
C PHE A 355 -42.22 -23.53 26.95
N GLU A 356 -43.49 -23.61 26.57
CA GLU A 356 -43.94 -23.34 25.21
C GLU A 356 -44.83 -22.10 25.25
N GLY A 357 -44.41 -21.06 24.55
CA GLY A 357 -45.17 -19.83 24.44
C GLY A 357 -45.44 -19.52 22.99
N VAL A 358 -45.88 -18.28 22.72
CA VAL A 358 -46.33 -17.87 21.40
C VAL A 358 -45.18 -17.87 20.39
N SER A 359 -43.96 -17.65 20.86
CA SER A 359 -42.78 -17.71 20.01
C SER A 359 -42.18 -19.11 19.95
N GLY A 360 -42.93 -20.15 20.32
CA GLY A 360 -42.36 -21.48 20.28
C GLY A 360 -41.79 -21.85 21.63
N HIS A 361 -40.75 -22.66 21.66
CA HIS A 361 -40.18 -23.06 22.93
C HIS A 361 -39.37 -21.90 23.50
N VAL A 362 -39.67 -21.56 24.73
CA VAL A 362 -39.11 -20.40 25.40
C VAL A 362 -38.21 -20.88 26.52
N VAL A 363 -36.91 -20.91 26.18
CA VAL A 363 -35.81 -21.25 27.06
C VAL A 363 -34.86 -20.07 26.97
N PHE A 364 -34.39 -19.58 28.10
CA PHE A 364 -33.40 -18.51 28.07
C PHE A 364 -32.30 -18.62 29.11
N ASP A 365 -32.34 -19.59 30.02
CA ASP A 365 -31.26 -19.76 30.98
C ASP A 365 -30.24 -20.75 30.43
N ALA A 366 -29.65 -20.34 29.31
CA ALA A 366 -28.61 -21.05 28.59
C ALA A 366 -27.72 -20.00 27.93
N SER A 367 -26.99 -20.40 26.90
CA SER A 367 -26.09 -19.49 26.20
C SER A 367 -26.80 -18.65 25.15
N GLY A 368 -28.13 -18.63 25.15
CA GLY A 368 -28.89 -17.82 24.21
C GLY A 368 -28.86 -18.39 22.80
N SER A 369 -29.46 -17.61 21.89
CA SER A 369 -29.54 -17.90 20.45
C SER A 369 -30.23 -19.26 20.21
N ARG A 370 -31.53 -19.27 20.49
CA ARG A 370 -32.35 -20.46 20.29
C ARG A 370 -33.21 -20.40 19.04
N MET A 371 -33.01 -19.41 18.18
CA MET A 371 -33.82 -19.35 16.97
C MET A 371 -33.25 -20.32 15.92
N ALA A 372 -34.13 -20.76 15.01
CA ALA A 372 -33.78 -21.76 14.01
C ALA A 372 -33.67 -21.18 12.61
N TRP A 373 -34.67 -20.46 12.13
CA TRP A 373 -34.67 -19.93 10.77
C TRP A 373 -34.46 -18.43 10.73
N THR A 374 -33.88 -17.98 9.63
CA THR A 374 -33.62 -16.57 9.39
C THR A 374 -34.32 -16.15 8.10
N LEU A 375 -34.14 -14.90 7.67
CA LEU A 375 -34.85 -14.47 6.47
C LEU A 375 -34.00 -13.53 5.62
N ILE A 376 -34.24 -13.53 4.30
CA ILE A 376 -33.46 -12.74 3.35
C ILE A 376 -34.29 -12.19 2.18
N GLU A 377 -34.21 -10.88 1.97
CA GLU A 377 -34.98 -10.17 0.94
C GLU A 377 -34.05 -9.32 0.09
N GLN A 378 -34.66 -8.74 -0.94
CA GLN A 378 -33.99 -7.83 -1.87
C GLN A 378 -34.99 -6.80 -2.33
N LEU A 379 -34.59 -5.54 -2.31
CA LEU A 379 -35.39 -4.50 -2.95
C LEU A 379 -35.39 -4.73 -4.44
N GLN A 380 -36.57 -5.03 -5.01
CA GLN A 380 -36.71 -5.31 -6.43
C GLN A 380 -37.78 -4.38 -7.00
N GLY A 381 -37.38 -3.18 -7.38
CA GLY A 381 -38.28 -2.25 -8.03
C GLY A 381 -39.30 -1.65 -7.10
N GLY A 382 -38.82 -0.89 -6.11
CA GLY A 382 -39.67 -0.09 -5.27
C GLY A 382 -40.34 -0.85 -4.15
N SER A 383 -40.18 -2.17 -4.10
CA SER A 383 -40.71 -2.94 -2.98
C SER A 383 -39.79 -4.10 -2.69
N TYR A 384 -39.77 -4.49 -1.43
CA TYR A 384 -39.01 -5.63 -0.95
C TYR A 384 -39.67 -6.94 -1.38
N LYS A 385 -38.85 -7.97 -1.52
CA LYS A 385 -39.35 -9.28 -1.92
C LYS A 385 -38.44 -10.36 -1.36
N LYS A 386 -39.08 -11.46 -0.95
CA LYS A 386 -38.40 -12.55 -0.26
C LYS A 386 -37.52 -13.33 -1.20
N ILE A 387 -36.33 -13.68 -0.73
CA ILE A 387 -35.53 -14.68 -1.44
C ILE A 387 -35.82 -16.07 -0.91
N GLY A 388 -35.55 -16.31 0.36
CA GLY A 388 -35.71 -17.64 0.88
C GLY A 388 -35.56 -17.69 2.38
N TYR A 389 -35.37 -18.90 2.88
CA TYR A 389 -35.29 -19.17 4.30
C TYR A 389 -33.94 -19.83 4.58
N TYR A 390 -33.67 -20.11 5.86
CA TYR A 390 -32.44 -20.79 6.24
C TYR A 390 -32.51 -21.31 7.66
N ASP A 391 -31.79 -22.40 7.87
CA ASP A 391 -31.44 -22.92 9.18
C ASP A 391 -29.97 -23.30 9.21
N SER A 392 -29.30 -22.90 10.29
CA SER A 392 -27.86 -23.06 10.46
C SER A 392 -27.46 -24.48 10.82
N THR A 393 -28.30 -25.20 11.58
CA THR A 393 -27.92 -26.51 12.06
C THR A 393 -28.07 -27.52 10.94
N LYS A 394 -29.24 -27.52 10.31
CA LYS A 394 -29.51 -28.44 9.22
C LYS A 394 -28.89 -27.91 7.94
N ASP A 395 -28.43 -26.65 7.97
CA ASP A 395 -27.83 -25.95 6.83
C ASP A 395 -28.78 -25.91 5.65
N ASP A 396 -30.06 -25.71 5.93
CA ASP A 396 -31.06 -25.69 4.87
C ASP A 396 -31.26 -24.26 4.37
N LEU A 397 -31.01 -24.06 3.09
CA LEU A 397 -31.13 -22.78 2.39
C LEU A 397 -32.30 -22.90 1.41
N SER A 398 -33.50 -22.59 1.91
CA SER A 398 -34.69 -22.62 1.07
C SER A 398 -34.70 -21.46 0.08
N TRP A 399 -34.90 -21.77 -1.18
CA TRP A 399 -34.78 -20.81 -2.26
C TRP A 399 -36.13 -20.65 -2.96
N SER A 400 -36.24 -19.58 -3.74
CA SER A 400 -37.42 -19.40 -4.57
C SER A 400 -37.11 -18.91 -5.98
N LYS A 401 -35.87 -18.51 -6.26
CA LYS A 401 -35.39 -18.11 -7.59
C LYS A 401 -36.22 -16.93 -8.11
N THR A 402 -36.11 -15.83 -7.38
CA THR A 402 -36.72 -14.57 -7.76
C THR A 402 -35.69 -13.44 -7.79
N ASP A 403 -34.41 -13.74 -7.60
CA ASP A 403 -33.40 -12.69 -7.61
C ASP A 403 -33.15 -12.23 -9.03
N LYS A 404 -33.64 -11.04 -9.34
CA LYS A 404 -33.22 -10.41 -10.59
C LYS A 404 -31.84 -9.81 -10.38
N TRP A 405 -31.16 -9.55 -11.48
CA TRP A 405 -29.84 -8.95 -11.37
C TRP A 405 -29.70 -7.94 -12.48
N ILE A 406 -28.48 -7.47 -12.69
CA ILE A 406 -28.21 -6.57 -13.80
C ILE A 406 -28.21 -7.49 -15.01
N GLY A 407 -29.38 -7.68 -15.60
CA GLY A 407 -29.53 -8.50 -16.77
C GLY A 407 -29.50 -9.99 -16.48
N GLY A 408 -29.38 -10.39 -15.21
CA GLY A 408 -29.35 -11.78 -14.81
C GLY A 408 -28.08 -12.22 -14.09
N SER A 409 -26.91 -11.66 -14.48
CA SER A 409 -25.78 -12.22 -13.74
C SER A 409 -25.43 -11.43 -12.48
N PRO A 410 -24.89 -12.12 -11.47
CA PRO A 410 -24.38 -11.44 -10.28
C PRO A 410 -23.02 -10.84 -10.55
N PRO A 411 -22.84 -9.54 -10.34
CA PRO A 411 -21.51 -8.94 -10.47
C PRO A 411 -20.53 -9.39 -9.39
N ALA A 412 -19.29 -9.63 -9.82
CA ALA A 412 -18.25 -10.26 -9.00
C ALA A 412 -17.10 -9.27 -8.79
N ASP A 413 -15.99 -9.77 -8.23
CA ASP A 413 -14.82 -8.93 -8.02
C ASP A 413 -14.11 -8.47 -9.30
N GLN A 414 -13.35 -9.37 -9.93
CA GLN A 414 -12.52 -9.07 -11.09
C GLN A 414 -11.92 -10.35 -11.68
N THR A 415 -11.98 -10.52 -12.99
CA THR A 415 -11.40 -11.68 -13.66
C THR A 415 -10.36 -11.25 -14.69
N LEU A 416 -9.83 -12.24 -15.41
CA LEU A 416 -8.76 -12.06 -16.38
C LEU A 416 -8.92 -13.14 -17.43
N VAL A 417 -8.69 -12.80 -18.69
CA VAL A 417 -8.65 -13.76 -19.79
C VAL A 417 -7.25 -13.79 -20.40
N ILE A 418 -6.70 -14.99 -20.58
CA ILE A 418 -5.45 -15.18 -21.29
C ILE A 418 -5.83 -15.41 -22.75
N LYS A 419 -5.38 -14.53 -23.63
CA LYS A 419 -5.67 -14.64 -25.06
C LYS A 419 -4.42 -15.02 -25.84
N THR A 420 -4.54 -16.07 -26.64
CA THR A 420 -3.41 -16.57 -27.43
C THR A 420 -3.34 -15.77 -28.73
N PHE A 421 -2.13 -15.33 -29.07
CA PHE A 421 -1.93 -14.42 -30.19
C PHE A 421 -2.15 -15.16 -31.50
N ARG A 422 -3.22 -14.82 -32.20
CA ARG A 422 -3.69 -15.58 -33.35
C ARG A 422 -2.78 -15.37 -34.55
N PHE A 423 -2.63 -16.41 -35.34
CA PHE A 423 -1.95 -16.32 -36.63
C PHE A 423 -2.95 -15.96 -37.72
N LEU A 424 -2.53 -16.14 -38.97
CA LEU A 424 -3.35 -15.82 -40.13
C LEU A 424 -3.47 -17.05 -41.00
N SER A 425 -3.87 -18.17 -40.40
CA SER A 425 -4.08 -19.44 -41.09
C SER A 425 -5.33 -19.26 -41.94
N GLN A 426 -5.10 -18.71 -43.12
CA GLN A 426 -6.15 -18.21 -44.00
C GLN A 426 -5.64 -18.41 -45.43
N LYS A 427 -6.21 -17.65 -46.35
CA LYS A 427 -5.80 -17.72 -47.75
C LYS A 427 -4.35 -17.30 -47.99
N LEU A 428 -3.76 -16.48 -47.12
CA LEU A 428 -2.33 -16.23 -47.22
C LEU A 428 -1.50 -17.48 -46.90
N PHE A 429 -1.91 -18.26 -45.90
CA PHE A 429 -1.26 -19.54 -45.66
C PHE A 429 -1.54 -20.55 -46.77
N ILE A 430 -2.72 -20.48 -47.37
CA ILE A 430 -3.04 -21.51 -48.36
C ILE A 430 -2.32 -21.17 -49.66
N SER A 431 -2.12 -19.88 -49.92
CA SER A 431 -1.31 -19.42 -51.04
C SER A 431 0.15 -19.80 -50.86
N VAL A 432 0.66 -19.67 -49.63
CA VAL A 432 2.01 -20.15 -49.33
C VAL A 432 2.14 -21.64 -49.57
N SER A 433 1.15 -22.42 -49.13
CA SER A 433 1.19 -23.86 -49.29
C SER A 433 1.07 -24.26 -50.75
N VAL A 434 0.27 -23.52 -51.52
CA VAL A 434 0.10 -23.87 -52.92
C VAL A 434 1.30 -23.43 -53.75
N LEU A 435 1.99 -22.35 -53.37
CA LEU A 435 3.22 -22.00 -54.06
C LEU A 435 4.34 -22.99 -53.73
N SER A 436 4.38 -23.51 -52.48
CA SER A 436 5.34 -24.57 -52.17
C SER A 436 5.03 -25.85 -52.94
N SER A 437 3.74 -26.18 -53.09
CA SER A 437 3.36 -27.39 -53.82
C SER A 437 3.66 -27.25 -55.31
N LEU A 438 3.42 -26.05 -55.86
CA LEU A 438 3.74 -25.78 -57.25
C LEU A 438 5.25 -25.84 -57.51
N GLY A 439 6.05 -25.30 -56.57
CA GLY A 439 7.50 -25.44 -56.68
C GLY A 439 7.95 -26.89 -56.64
N ILE A 440 7.33 -27.69 -55.77
CA ILE A 440 7.68 -29.11 -55.66
C ILE A 440 7.36 -29.84 -56.96
N VAL A 441 6.15 -29.63 -57.49
CA VAL A 441 5.70 -30.30 -58.70
C VAL A 441 6.54 -29.88 -59.90
N LEU A 442 6.82 -28.57 -60.02
CA LEU A 442 7.62 -28.05 -61.11
C LEU A 442 9.04 -28.59 -61.05
N ALA A 443 9.57 -28.70 -59.83
CA ALA A 443 10.94 -29.16 -59.63
C ALA A 443 11.04 -30.63 -60.01
N VAL A 444 10.08 -31.44 -59.56
CA VAL A 444 10.14 -32.86 -59.85
C VAL A 444 9.87 -33.13 -61.32
N VAL A 445 9.03 -32.31 -61.97
CA VAL A 445 8.79 -32.48 -63.41
C VAL A 445 10.03 -32.11 -64.21
N CYS A 446 10.72 -31.04 -63.83
CA CYS A 446 11.93 -30.65 -64.56
C CYS A 446 13.09 -31.62 -64.30
N LEU A 447 13.17 -32.19 -63.10
CA LEU A 447 14.22 -33.16 -62.80
C LEU A 447 13.97 -34.47 -63.55
N SER A 448 12.72 -34.90 -63.62
CA SER A 448 12.40 -36.10 -64.39
C SER A 448 12.63 -35.87 -65.89
N PHE A 449 12.34 -34.66 -66.39
CA PHE A 449 12.63 -34.36 -67.79
C PHE A 449 14.13 -34.33 -68.06
N ASN A 450 14.93 -33.86 -67.10
CA ASN A 450 16.38 -33.85 -67.28
C ASN A 450 16.96 -35.25 -67.22
N ILE A 451 16.45 -36.09 -66.32
CA ILE A 451 16.90 -37.47 -66.22
C ILE A 451 16.45 -38.27 -67.44
N TYR A 452 15.25 -37.98 -67.94
CA TYR A 452 14.61 -38.57 -69.11
C TYR A 452 15.02 -37.95 -70.43
N ASN A 453 16.14 -37.25 -70.50
CA ASN A 453 16.65 -36.85 -71.81
C ASN A 453 18.03 -37.45 -72.07
N PRO A 464 25.61 -32.53 -65.58
CA PRO A 464 24.58 -31.89 -64.77
C PRO A 464 24.09 -32.77 -63.64
N ASN A 465 25.00 -33.52 -63.03
CA ASN A 465 24.65 -34.20 -61.79
C ASN A 465 24.72 -33.27 -60.60
N LEU A 466 25.65 -32.31 -60.61
CA LEU A 466 25.58 -31.20 -59.67
C LEU A 466 24.28 -30.40 -59.85
N ASN A 467 23.82 -30.26 -61.10
CA ASN A 467 22.54 -29.59 -61.34
C ASN A 467 21.38 -30.43 -60.83
N ASN A 468 21.46 -31.76 -60.95
CA ASN A 468 20.44 -32.62 -60.35
C ASN A 468 20.44 -32.52 -58.82
N LEU A 469 21.62 -32.41 -58.21
CA LEU A 469 21.68 -32.26 -56.76
C LEU A 469 21.17 -30.89 -56.31
N THR A 470 21.38 -29.85 -57.13
CA THR A 470 20.79 -28.55 -56.84
C THR A 470 19.27 -28.59 -56.99
N ALA A 471 18.77 -29.38 -57.94
CA ALA A 471 17.33 -29.57 -58.10
C ALA A 471 16.74 -30.29 -56.89
N VAL A 472 17.46 -31.29 -56.38
CA VAL A 472 17.05 -31.99 -55.16
C VAL A 472 17.04 -31.04 -53.96
N GLY A 473 18.03 -30.16 -53.87
CA GLY A 473 18.09 -29.23 -52.76
C GLY A 473 16.99 -28.18 -52.82
N CYS A 474 16.68 -27.67 -54.01
CA CYS A 474 15.59 -26.72 -54.14
C CYS A 474 14.23 -27.39 -53.96
N SER A 475 14.13 -28.67 -54.31
CA SER A 475 12.93 -29.44 -54.00
C SER A 475 12.78 -29.63 -52.50
N LEU A 476 13.90 -29.80 -51.78
CA LEU A 476 13.82 -29.92 -50.32
C LEU A 476 13.47 -28.58 -49.67
N ALA A 477 13.91 -27.47 -50.28
CA ALA A 477 13.48 -26.16 -49.79
C ALA A 477 11.98 -25.94 -50.03
N LEU A 478 11.49 -26.33 -51.21
CA LEU A 478 10.07 -26.25 -51.50
C LEU A 478 9.23 -27.27 -50.74
N ALA A 479 9.87 -28.29 -50.16
CA ALA A 479 9.19 -29.21 -49.26
C ALA A 479 9.25 -28.78 -47.81
N ALA A 480 10.23 -27.97 -47.43
CA ALA A 480 10.32 -27.45 -46.08
C ALA A 480 9.67 -26.08 -45.96
N VAL A 481 9.16 -25.57 -47.08
CA VAL A 481 8.46 -24.29 -47.09
C VAL A 481 7.10 -24.40 -46.38
N PHE A 482 6.45 -25.56 -46.49
CA PHE A 482 5.09 -25.69 -45.96
C PHE A 482 5.07 -25.71 -44.44
N PRO A 483 5.89 -26.49 -43.75
CA PRO A 483 5.67 -26.76 -42.32
C PRO A 483 6.24 -25.67 -41.41
N LEU A 484 5.82 -24.42 -41.66
CA LEU A 484 6.03 -23.35 -40.70
C LEU A 484 4.87 -23.15 -39.73
N GLY A 485 3.74 -23.87 -39.91
CA GLY A 485 2.70 -23.91 -38.90
C GLY A 485 1.87 -22.64 -38.76
N LEU A 486 1.02 -22.66 -37.74
CA LEU A 486 0.15 -21.52 -37.42
C LEU A 486 -0.09 -21.50 -35.91
N ASP A 487 -1.13 -20.79 -35.47
CA ASP A 487 -1.47 -20.69 -34.04
C ASP A 487 -2.29 -21.88 -33.56
N GLY A 488 -1.68 -23.06 -33.59
CA GLY A 488 -2.33 -24.26 -33.07
C GLY A 488 -3.51 -24.72 -33.88
N TYR A 489 -3.28 -25.19 -35.11
CA TYR A 489 -4.37 -25.70 -35.95
C TYR A 489 -3.88 -26.95 -36.66
N HIS A 490 -4.02 -28.10 -35.98
CA HIS A 490 -4.05 -29.45 -36.58
C HIS A 490 -4.38 -30.45 -35.48
N ILE A 491 -4.47 -31.72 -35.90
CA ILE A 491 -4.73 -32.85 -35.01
C ILE A 491 -3.48 -33.09 -34.17
N GLY A 492 -3.55 -32.77 -32.88
CA GLY A 492 -2.37 -32.96 -32.08
C GLY A 492 -1.48 -31.74 -32.05
N ARG A 493 -1.21 -31.22 -30.85
CA ARG A 493 -0.36 -30.05 -30.69
C ARG A 493 0.53 -30.25 -29.47
N ASN A 494 1.13 -29.16 -29.02
CA ASN A 494 2.14 -29.07 -27.96
C ASN A 494 3.38 -29.91 -28.22
N GLN A 495 3.67 -30.22 -29.49
CA GLN A 495 4.95 -30.76 -29.89
C GLN A 495 5.61 -29.79 -30.86
N PHE A 496 5.25 -28.51 -30.66
CA PHE A 496 5.73 -27.42 -31.49
C PHE A 496 7.24 -27.29 -31.57
N PRO A 497 7.99 -27.49 -30.48
CA PRO A 497 9.46 -27.56 -30.61
C PRO A 497 9.96 -28.71 -31.45
N PHE A 498 9.35 -29.88 -31.36
CA PHE A 498 9.78 -31.02 -32.17
C PHE A 498 9.54 -30.76 -33.65
N VAL A 499 8.34 -30.27 -34.02
CA VAL A 499 8.06 -30.09 -35.43
C VAL A 499 8.79 -28.88 -36.01
N CYS A 500 9.02 -27.84 -35.19
CA CYS A 500 9.75 -26.68 -35.69
C CYS A 500 11.23 -26.98 -35.81
N GLN A 501 11.80 -27.74 -34.86
CA GLN A 501 13.21 -28.10 -34.95
C GLN A 501 13.45 -29.09 -36.09
N ALA A 502 12.47 -29.95 -36.38
CA ALA A 502 12.60 -30.87 -37.51
C ALA A 502 12.56 -30.09 -38.82
N ARG A 503 11.63 -29.13 -38.93
CA ARG A 503 11.53 -28.29 -40.13
C ARG A 503 12.79 -27.46 -40.30
N LEU A 504 13.35 -26.95 -39.18
CA LEU A 504 14.55 -26.12 -39.23
C LEU A 504 15.76 -26.95 -39.66
N TRP A 505 15.91 -28.15 -39.11
CA TRP A 505 17.01 -29.04 -39.50
C TRP A 505 16.92 -29.41 -40.98
N LEU A 506 15.70 -29.72 -41.45
CA LEU A 506 15.52 -30.09 -42.85
C LEU A 506 15.81 -28.91 -43.77
N LEU A 507 15.34 -27.72 -43.42
CA LEU A 507 15.60 -26.54 -44.24
C LEU A 507 17.08 -26.17 -44.23
N GLY A 508 17.74 -26.37 -43.08
CA GLY A 508 19.17 -26.12 -42.98
C GLY A 508 19.98 -27.04 -43.89
N LEU A 509 19.68 -28.35 -43.82
CA LEU A 509 20.38 -29.31 -44.65
C LEU A 509 20.09 -29.10 -46.13
N GLY A 510 18.84 -28.72 -46.45
CA GLY A 510 18.47 -28.51 -47.84
C GLY A 510 19.17 -27.30 -48.43
N PHE A 511 19.16 -26.17 -47.71
CA PHE A 511 19.84 -24.97 -48.18
C PHE A 511 21.35 -25.18 -48.23
N SER A 512 21.90 -25.93 -47.28
CA SER A 512 23.33 -26.24 -47.27
C SER A 512 23.71 -27.04 -48.51
N LEU A 513 22.93 -28.08 -48.82
CA LEU A 513 23.18 -28.92 -49.99
C LEU A 513 23.05 -28.11 -51.28
N GLY A 514 21.97 -27.34 -51.40
CA GLY A 514 21.73 -26.59 -52.62
C GLY A 514 22.78 -25.52 -52.86
N TYR A 515 23.13 -24.76 -51.82
CA TYR A 515 24.11 -23.71 -51.98
C TYR A 515 25.51 -24.27 -52.16
N GLY A 516 25.82 -25.41 -51.55
CA GLY A 516 27.13 -26.02 -51.74
C GLY A 516 27.31 -26.55 -53.15
N SER A 517 26.29 -27.25 -53.67
CA SER A 517 26.36 -27.73 -55.04
C SER A 517 26.24 -26.61 -56.06
N MET A 518 25.71 -25.46 -55.66
CA MET A 518 25.74 -24.29 -56.53
C MET A 518 27.13 -23.67 -56.55
N PHE A 519 27.74 -23.51 -55.37
CA PHE A 519 28.99 -22.78 -55.24
C PHE A 519 30.22 -23.57 -55.71
N THR A 520 30.18 -24.90 -55.64
CA THR A 520 31.36 -25.69 -56.01
C THR A 520 31.68 -25.58 -57.50
N LYS A 521 30.66 -25.33 -58.32
CA LYS A 521 30.87 -25.17 -59.75
C LYS A 521 31.61 -23.88 -60.05
N ILE A 522 31.25 -22.80 -59.36
CA ILE A 522 31.92 -21.53 -59.61
C ILE A 522 33.30 -21.52 -58.95
N TRP A 523 33.47 -22.29 -57.87
CA TRP A 523 34.80 -22.49 -57.30
C TRP A 523 35.72 -23.21 -58.28
N TRP A 524 35.20 -24.23 -58.96
CA TRP A 524 36.06 -24.96 -59.89
C TRP A 524 36.24 -24.19 -61.18
N VAL A 525 35.27 -23.35 -61.54
CA VAL A 525 35.43 -22.53 -62.74
C VAL A 525 36.37 -21.37 -62.48
N HIS A 526 36.45 -20.87 -61.24
CA HIS A 526 37.49 -19.92 -60.90
C HIS A 526 38.85 -20.59 -60.85
N THR A 527 38.89 -21.85 -60.43
CA THR A 527 40.15 -22.60 -60.42
C THR A 527 40.65 -22.84 -61.84
N VAL A 528 39.74 -23.20 -62.76
CA VAL A 528 40.08 -23.40 -64.16
C VAL A 528 40.27 -22.09 -64.91
N PHE A 529 39.77 -20.98 -64.38
CA PHE A 529 40.03 -19.68 -64.98
C PHE A 529 41.44 -19.20 -64.69
N THR A 530 41.99 -19.56 -63.53
CA THR A 530 43.33 -19.13 -63.15
C THR A 530 44.34 -20.23 -63.47
N PRO A 544 38.03 -37.42 -60.26
CA PRO A 544 36.77 -36.98 -60.89
C PRO A 544 35.68 -36.68 -59.87
N TRP A 545 35.68 -37.41 -58.77
CA TRP A 545 34.77 -37.15 -57.66
C TRP A 545 35.47 -36.52 -56.47
N LYS A 546 36.65 -35.95 -56.70
CA LYS A 546 37.41 -35.29 -55.63
C LYS A 546 36.71 -34.02 -55.17
N LEU A 547 36.50 -33.09 -56.11
CA LEU A 547 35.88 -31.81 -55.80
C LEU A 547 34.43 -31.99 -55.36
N TYR A 548 33.69 -32.88 -56.03
CA TYR A 548 32.30 -33.15 -55.67
C TYR A 548 32.19 -33.79 -54.29
N ALA A 549 33.10 -34.72 -53.96
CA ALA A 549 33.04 -35.37 -52.66
C ALA A 549 33.46 -34.42 -51.54
N THR A 550 34.40 -33.53 -51.83
CA THR A 550 34.85 -32.59 -50.81
C THR A 550 33.82 -31.50 -50.59
N VAL A 551 33.06 -31.13 -51.64
CA VAL A 551 31.98 -30.18 -51.42
C VAL A 551 30.79 -30.87 -50.77
N GLY A 552 30.62 -32.18 -50.94
CA GLY A 552 29.58 -32.88 -50.21
C GLY A 552 29.89 -32.99 -48.73
N LEU A 553 31.18 -33.13 -48.39
CA LEU A 553 31.54 -33.09 -46.97
C LEU A 553 31.50 -31.67 -46.43
N LEU A 554 31.77 -30.67 -47.27
CA LEU A 554 31.55 -29.27 -46.90
C LEU A 554 30.09 -28.98 -46.61
N VAL A 555 29.18 -29.60 -47.37
CA VAL A 555 27.75 -29.50 -47.04
C VAL A 555 27.47 -30.22 -45.72
N GLY A 556 28.04 -31.41 -45.53
CA GLY A 556 27.72 -32.17 -44.33
C GLY A 556 28.37 -31.64 -43.06
N MET A 557 29.29 -30.67 -43.18
CA MET A 557 29.74 -29.89 -42.03
C MET A 557 28.59 -29.14 -41.37
N ASP A 558 27.61 -28.68 -42.16
CA ASP A 558 26.53 -27.90 -41.57
C ASP A 558 25.64 -28.77 -40.71
N VAL A 559 25.55 -30.07 -41.02
CA VAL A 559 24.76 -30.92 -40.15
C VAL A 559 25.51 -31.23 -38.85
N LEU A 560 26.85 -31.12 -38.86
CA LEU A 560 27.60 -31.17 -37.60
C LEU A 560 27.36 -29.92 -36.77
N THR A 561 27.22 -28.77 -37.44
CA THR A 561 26.84 -27.55 -36.74
C THR A 561 25.42 -27.66 -36.17
N LEU A 562 24.52 -28.29 -36.93
CA LEU A 562 23.15 -28.52 -36.49
C LEU A 562 23.12 -29.46 -35.28
N ALA A 563 23.97 -30.49 -35.29
CA ALA A 563 24.02 -31.42 -34.18
C ALA A 563 24.62 -30.77 -32.94
N ILE A 564 25.60 -29.88 -33.13
CA ILE A 564 26.16 -29.17 -31.97
C ILE A 564 25.15 -28.17 -31.42
N TRP A 565 24.28 -27.63 -32.28
CA TRP A 565 23.17 -26.81 -31.80
C TRP A 565 22.08 -27.65 -31.14
N GLN A 566 21.97 -28.92 -31.53
CA GLN A 566 20.99 -29.85 -30.97
C GLN A 566 21.45 -30.49 -29.67
N ILE A 567 22.76 -30.52 -29.42
CA ILE A 567 23.27 -31.25 -28.26
C ILE A 567 23.06 -30.43 -26.99
N VAL A 568 23.46 -29.16 -27.00
CA VAL A 568 23.49 -28.38 -25.76
C VAL A 568 22.20 -27.62 -25.52
N ASP A 569 21.50 -27.18 -26.58
CA ASP A 569 20.20 -26.53 -26.44
C ASP A 569 19.40 -26.71 -27.72
N PRO A 570 18.71 -27.85 -27.86
CA PRO A 570 18.03 -28.11 -29.14
C PRO A 570 16.77 -27.29 -29.35
N LEU A 571 15.95 -27.13 -28.31
CA LEU A 571 14.59 -26.67 -28.53
C LEU A 571 14.07 -25.98 -27.26
N HIS A 572 13.03 -25.18 -27.46
CA HIS A 572 12.27 -24.52 -26.39
C HIS A 572 11.01 -23.92 -27.02
N ARG A 573 9.91 -23.98 -26.28
CA ARG A 573 8.65 -23.36 -26.66
C ARG A 573 8.38 -22.29 -25.60
N THR A 574 8.82 -21.07 -25.88
CA THR A 574 8.72 -19.96 -24.94
C THR A 574 7.39 -19.25 -25.09
N ILE A 575 7.09 -18.37 -24.15
CA ILE A 575 5.85 -17.59 -24.13
C ILE A 575 6.21 -16.12 -23.95
N GLU A 576 5.78 -15.30 -24.89
CA GLU A 576 5.93 -13.85 -24.85
C GLU A 576 4.60 -13.21 -24.48
N THR A 577 4.67 -12.11 -23.72
CA THR A 577 3.47 -11.45 -23.23
C THR A 577 3.43 -10.04 -23.78
N PHE A 578 3.61 -9.94 -25.11
CA PHE A 578 3.96 -8.71 -25.81
C PHE A 578 2.95 -7.58 -25.64
N ALA A 579 1.69 -7.89 -25.36
CA ALA A 579 0.66 -6.86 -25.29
C ALA A 579 0.29 -6.56 -23.85
N LYS A 580 -0.45 -5.47 -23.68
CA LYS A 580 -0.90 -5.02 -22.38
C LYS A 580 -2.21 -5.68 -21.98
N GLU A 581 -2.35 -5.92 -20.68
CA GLU A 581 -3.56 -6.50 -20.13
C GLU A 581 -4.71 -5.51 -20.20
N GLU A 582 -5.93 -6.06 -20.25
CA GLU A 582 -7.21 -5.37 -20.37
C GLU A 582 -7.26 -4.38 -21.54
N PRO A 583 -7.38 -4.86 -22.77
CA PRO A 583 -7.80 -3.98 -23.86
C PRO A 583 -9.31 -3.98 -24.10
N LYS A 584 -10.05 -4.85 -23.41
CA LYS A 584 -11.48 -4.96 -23.63
C LYS A 584 -12.23 -3.72 -23.16
N GLU A 585 -13.42 -3.52 -23.71
CA GLU A 585 -14.13 -2.25 -23.57
C GLU A 585 -15.19 -2.24 -22.49
N ASP A 586 -15.83 -3.38 -22.23
CA ASP A 586 -17.03 -3.39 -21.40
C ASP A 586 -16.97 -4.40 -20.25
N ILE A 587 -16.19 -5.46 -20.42
CA ILE A 587 -16.09 -6.53 -19.43
C ILE A 587 -14.82 -6.38 -18.63
N ASP A 588 -14.91 -6.64 -17.33
CA ASP A 588 -13.79 -6.46 -16.40
C ASP A 588 -12.96 -7.73 -16.28
N VAL A 589 -12.61 -8.30 -17.43
CA VAL A 589 -11.72 -9.44 -17.52
C VAL A 589 -10.55 -8.99 -18.38
N SER A 590 -9.37 -8.92 -17.77
CA SER A 590 -8.23 -8.30 -18.42
C SER A 590 -7.68 -9.24 -19.48
N ILE A 591 -7.58 -8.77 -20.72
CA ILE A 591 -7.12 -9.60 -21.83
C ILE A 591 -5.61 -9.50 -21.91
N LEU A 592 -4.92 -10.60 -21.63
CA LEU A 592 -3.47 -10.65 -21.74
C LEU A 592 -3.09 -11.47 -22.96
N PRO A 593 -2.63 -10.82 -24.04
CA PRO A 593 -2.24 -11.56 -25.26
C PRO A 593 -0.83 -12.11 -25.15
N GLN A 594 -0.72 -13.43 -25.26
CA GLN A 594 0.56 -14.12 -25.19
C GLN A 594 0.80 -14.90 -26.47
N LEU A 595 2.03 -14.85 -26.96
CA LEU A 595 2.48 -15.50 -28.18
C LEU A 595 3.58 -16.50 -27.84
N GLU A 596 4.04 -17.22 -28.86
CA GLU A 596 5.04 -18.27 -28.64
C GLU A 596 5.94 -18.34 -29.86
N HIS A 597 7.25 -18.45 -29.63
CA HIS A 597 8.19 -18.79 -30.68
C HIS A 597 9.22 -19.79 -30.19
N CYS A 598 9.61 -20.71 -31.08
CA CYS A 598 10.63 -21.70 -30.77
C CYS A 598 11.99 -21.05 -30.56
N SER A 599 12.65 -21.41 -29.46
CA SER A 599 13.88 -20.75 -29.04
C SER A 599 14.76 -21.83 -28.41
N SER A 600 15.76 -21.42 -27.65
CA SER A 600 16.67 -22.37 -27.02
C SER A 600 17.14 -21.75 -25.71
N ARG A 601 18.22 -22.30 -25.14
CA ARG A 601 18.78 -21.72 -23.93
C ARG A 601 19.47 -20.41 -24.25
N LYS A 602 20.48 -20.45 -25.10
CA LYS A 602 21.15 -19.26 -25.63
C LYS A 602 21.32 -19.45 -27.13
N MET A 603 20.35 -18.95 -27.91
CA MET A 603 20.28 -19.21 -29.33
C MET A 603 20.68 -18.03 -30.20
N ASN A 604 20.79 -16.83 -29.63
CA ASN A 604 20.97 -15.61 -30.41
C ASN A 604 22.35 -15.53 -31.03
N THR A 605 23.39 -15.76 -30.22
CA THR A 605 24.75 -15.76 -30.75
C THR A 605 25.01 -16.94 -31.69
N TRP A 606 24.35 -18.08 -31.44
CA TRP A 606 24.49 -19.23 -32.33
C TRP A 606 23.91 -18.94 -33.71
N LEU A 607 22.69 -18.38 -33.75
CA LEU A 607 22.09 -18.05 -35.03
C LEU A 607 22.81 -16.88 -35.72
N GLY A 608 23.37 -15.96 -34.94
CA GLY A 608 24.20 -14.92 -35.53
C GLY A 608 25.48 -15.46 -36.16
N ILE A 609 26.11 -16.44 -35.50
CA ILE A 609 27.31 -17.06 -36.05
C ILE A 609 26.99 -17.86 -37.31
N PHE A 610 25.84 -18.56 -37.32
CA PHE A 610 25.49 -19.33 -38.50
C PHE A 610 25.10 -18.43 -39.67
N TYR A 611 24.42 -17.32 -39.39
CA TYR A 611 24.13 -16.32 -40.41
C TYR A 611 25.41 -15.67 -40.94
N GLY A 612 26.39 -15.44 -40.06
CA GLY A 612 27.67 -14.90 -40.51
C GLY A 612 28.44 -15.86 -41.38
N TYR A 613 28.39 -17.16 -41.04
CA TYR A 613 29.08 -18.17 -41.84
C TYR A 613 28.46 -18.30 -43.23
N LYS A 614 27.12 -18.39 -43.28
CA LYS A 614 26.45 -18.49 -44.57
C LYS A 614 26.58 -17.20 -45.37
N GLY A 615 26.62 -16.04 -44.71
CA GLY A 615 26.90 -14.81 -45.44
C GLY A 615 28.32 -14.73 -45.96
N LEU A 616 29.26 -15.35 -45.23
CA LEU A 616 30.64 -15.44 -45.69
C LEU A 616 30.72 -16.26 -46.97
N LEU A 617 30.09 -17.44 -46.96
CA LEU A 617 30.06 -18.28 -48.17
C LEU A 617 29.32 -17.59 -49.31
N LEU A 618 28.26 -16.84 -49.00
CA LEU A 618 27.47 -16.22 -50.07
C LEU A 618 28.21 -15.04 -50.69
N LEU A 619 28.93 -14.27 -49.88
CA LEU A 619 29.74 -13.20 -50.43
C LEU A 619 30.96 -13.72 -51.17
N LEU A 620 31.51 -14.87 -50.73
CA LEU A 620 32.56 -15.54 -51.49
C LEU A 620 32.06 -15.96 -52.86
N GLY A 621 30.85 -16.50 -52.93
CA GLY A 621 30.26 -16.86 -54.21
C GLY A 621 29.98 -15.64 -55.08
N ILE A 622 29.49 -14.56 -54.48
CA ILE A 622 29.15 -13.37 -55.26
C ILE A 622 30.40 -12.64 -55.71
N PHE A 623 31.53 -12.83 -55.03
CA PHE A 623 32.78 -12.27 -55.50
C PHE A 623 33.40 -13.15 -56.59
N LEU A 624 33.31 -14.47 -56.43
CA LEU A 624 33.85 -15.38 -57.44
C LEU A 624 33.08 -15.31 -58.75
N ALA A 625 31.78 -14.95 -58.69
CA ALA A 625 31.00 -14.87 -59.92
C ALA A 625 31.44 -13.68 -60.77
N TYR A 626 31.78 -12.55 -60.12
CA TYR A 626 32.40 -11.45 -60.85
C TYR A 626 33.86 -11.74 -61.19
N GLU A 627 34.52 -12.63 -60.43
CA GLU A 627 35.92 -12.98 -60.68
C GLU A 627 36.07 -13.76 -61.98
N THR A 628 35.43 -14.91 -62.08
CA THR A 628 35.63 -15.80 -63.23
C THR A 628 34.57 -15.59 -64.30
N LYS A 629 34.19 -14.34 -64.53
CA LYS A 629 33.12 -13.97 -65.46
C LYS A 629 33.46 -14.32 -66.91
N ASP A 638 27.30 -22.28 -69.09
CA ASP A 638 26.56 -22.35 -67.83
C ASP A 638 26.81 -21.11 -66.98
N HIS A 639 27.94 -20.43 -67.23
CA HIS A 639 28.53 -19.56 -66.22
C HIS A 639 27.77 -18.23 -66.11
N ARG A 640 27.28 -17.70 -67.24
CA ARG A 640 26.57 -16.42 -67.22
C ARG A 640 25.25 -16.54 -66.48
N ALA A 641 24.50 -17.61 -66.75
CA ALA A 641 23.23 -17.84 -66.08
C ALA A 641 23.44 -18.20 -64.62
N VAL A 642 24.49 -18.99 -64.33
CA VAL A 642 24.79 -19.35 -62.95
C VAL A 642 25.17 -18.10 -62.15
N GLY A 643 25.93 -17.19 -62.76
CA GLY A 643 26.29 -15.96 -62.07
C GLY A 643 25.10 -15.03 -61.86
N MET A 644 24.20 -14.95 -62.85
CA MET A 644 23.01 -14.10 -62.68
C MET A 644 22.07 -14.69 -61.63
N ALA A 645 21.96 -16.02 -61.58
CA ALA A 645 21.17 -16.67 -60.55
C ALA A 645 21.78 -16.47 -59.17
N ILE A 646 23.12 -16.51 -59.09
CA ILE A 646 23.80 -16.22 -57.82
C ILE A 646 23.55 -14.79 -57.40
N TYR A 647 23.62 -13.85 -58.35
CA TYR A 647 23.36 -12.44 -58.07
C TYR A 647 21.93 -12.19 -57.62
N ASN A 648 20.98 -13.01 -58.09
CA ASN A 648 19.61 -12.84 -57.61
C ASN A 648 19.40 -13.48 -56.23
N VAL A 649 19.91 -14.71 -56.06
CA VAL A 649 19.65 -15.47 -54.83
C VAL A 649 20.39 -14.87 -53.65
N ALA A 650 21.54 -14.25 -53.92
CA ALA A 650 22.35 -13.66 -52.86
C ALA A 650 21.66 -12.43 -52.32
N VAL A 651 21.17 -11.57 -53.21
CA VAL A 651 20.49 -10.35 -52.77
C VAL A 651 19.15 -10.68 -52.14
N LEU A 652 18.52 -11.79 -52.57
CA LEU A 652 17.27 -12.22 -51.95
C LEU A 652 17.51 -12.68 -50.51
N CYS A 653 18.50 -13.56 -50.32
CA CYS A 653 18.80 -14.08 -49.00
C CYS A 653 19.35 -13.00 -48.07
N LEU A 654 20.12 -12.06 -48.61
CA LEU A 654 20.66 -10.99 -47.79
C LEU A 654 19.61 -9.94 -47.47
N ILE A 655 18.62 -9.74 -48.35
CA ILE A 655 17.57 -8.78 -48.04
C ILE A 655 16.52 -9.39 -47.14
N THR A 656 16.47 -10.72 -47.02
CA THR A 656 15.44 -11.31 -46.16
C THR A 656 15.98 -12.01 -44.93
N ALA A 657 17.30 -12.10 -44.75
CA ALA A 657 17.84 -12.53 -43.46
C ALA A 657 17.50 -11.55 -42.36
N PRO A 658 17.71 -10.24 -42.55
CA PRO A 658 17.43 -9.30 -41.47
C PRO A 658 15.96 -9.06 -41.24
N VAL A 659 15.14 -9.12 -42.30
CA VAL A 659 13.71 -8.86 -42.15
C VAL A 659 12.97 -10.03 -41.52
N THR A 660 13.60 -11.20 -41.43
CA THR A 660 13.13 -12.27 -40.57
C THR A 660 13.93 -12.38 -39.27
N MET A 661 15.06 -11.68 -39.17
CA MET A 661 15.82 -11.67 -37.93
C MET A 661 15.25 -10.69 -36.91
N ILE A 662 14.91 -9.48 -37.36
CA ILE A 662 14.55 -8.40 -36.45
C ILE A 662 13.05 -8.21 -36.32
N LEU A 663 12.25 -8.93 -37.09
CA LEU A 663 10.80 -8.77 -37.03
C LEU A 663 10.21 -9.77 -36.03
N SER A 664 9.06 -9.41 -35.48
CA SER A 664 8.33 -10.34 -34.63
C SER A 664 6.83 -10.35 -34.88
N SER A 665 6.27 -9.40 -35.62
CA SER A 665 4.83 -9.42 -35.90
C SER A 665 4.63 -10.29 -37.12
N GLN A 666 4.26 -11.55 -36.89
CA GLN A 666 4.25 -12.55 -37.94
C GLN A 666 2.95 -12.55 -38.73
N GLN A 667 2.10 -11.55 -38.52
CA GLN A 667 0.74 -11.59 -39.06
C GLN A 667 0.76 -11.41 -40.57
N ASP A 668 1.47 -10.38 -41.03
CA ASP A 668 1.56 -10.07 -42.44
C ASP A 668 2.97 -9.66 -42.85
N ALA A 669 3.95 -9.71 -41.94
CA ALA A 669 5.29 -9.23 -42.21
C ALA A 669 6.33 -10.35 -42.22
N ALA A 670 6.47 -11.07 -41.10
CA ALA A 670 7.62 -11.96 -40.94
C ALA A 670 7.49 -13.21 -41.82
N PHE A 671 6.45 -14.02 -41.58
CA PHE A 671 6.26 -15.23 -42.35
C PHE A 671 5.90 -14.93 -43.81
N ALA A 672 5.21 -13.81 -44.05
CA ALA A 672 4.88 -13.41 -45.41
C ALA A 672 6.12 -13.07 -46.20
N PHE A 673 7.01 -12.25 -45.62
CA PHE A 673 8.24 -11.86 -46.29
C PHE A 673 9.17 -13.04 -46.48
N ALA A 674 9.27 -13.92 -45.48
CA ALA A 674 10.15 -15.08 -45.58
C ALA A 674 9.67 -16.06 -46.64
N SER A 675 8.36 -16.35 -46.65
CA SER A 675 7.82 -17.28 -47.64
C SER A 675 7.88 -16.70 -49.04
N LEU A 676 7.57 -15.40 -49.19
CA LEU A 676 7.71 -14.71 -50.48
C LEU A 676 9.14 -14.78 -50.99
N ALA A 677 10.12 -14.55 -50.09
CA ALA A 677 11.53 -14.62 -50.42
C ALA A 677 11.92 -16.01 -50.91
N ILE A 678 11.57 -17.04 -50.14
CA ILE A 678 12.06 -18.39 -50.41
C ILE A 678 11.40 -18.95 -51.66
N VAL A 679 10.09 -18.72 -51.81
CA VAL A 679 9.41 -19.31 -52.96
C VAL A 679 9.69 -18.52 -54.22
N PHE A 680 9.92 -17.19 -54.11
CA PHE A 680 10.30 -16.43 -55.30
C PHE A 680 11.72 -16.79 -55.72
N SER A 681 12.58 -17.07 -54.75
CA SER A 681 13.95 -17.51 -55.01
C SER A 681 13.96 -18.83 -55.77
N SER A 682 13.31 -19.85 -55.20
CA SER A 682 13.32 -21.17 -55.82
C SER A 682 12.61 -21.17 -57.16
N TYR A 683 11.47 -20.46 -57.25
CA TYR A 683 10.72 -20.34 -58.50
C TYR A 683 11.55 -19.70 -59.60
N ILE A 684 12.12 -18.52 -59.33
CA ILE A 684 12.81 -17.77 -60.37
C ILE A 684 14.13 -18.45 -60.73
N THR A 685 14.81 -19.03 -59.74
CA THR A 685 16.07 -19.74 -60.02
C THR A 685 15.82 -21.00 -60.84
N LEU A 686 14.74 -21.71 -60.59
CA LEU A 686 14.46 -22.89 -61.40
C LEU A 686 13.97 -22.50 -62.79
N VAL A 687 13.14 -21.46 -62.88
CA VAL A 687 12.59 -21.05 -64.18
C VAL A 687 13.61 -20.32 -65.03
N VAL A 688 14.73 -19.89 -64.44
CA VAL A 688 15.84 -19.42 -65.26
C VAL A 688 16.83 -20.53 -65.57
N LEU A 689 17.12 -21.43 -64.61
CA LEU A 689 18.13 -22.46 -64.85
C LEU A 689 17.65 -23.59 -65.75
N PHE A 690 16.34 -23.77 -65.92
CA PHE A 690 15.85 -24.79 -66.84
C PHE A 690 15.16 -24.20 -68.07
N VAL A 691 15.23 -22.88 -68.26
CA VAL A 691 14.78 -22.23 -69.47
C VAL A 691 15.70 -22.66 -70.62
N PRO A 692 17.02 -22.50 -70.47
CA PRO A 692 17.93 -22.76 -71.59
C PRO A 692 18.11 -24.21 -71.92
N LYS A 693 17.67 -25.11 -71.04
CA LYS A 693 17.87 -26.53 -71.31
C LYS A 693 16.76 -26.99 -72.25
N MET A 694 15.51 -26.91 -71.79
CA MET A 694 14.39 -27.45 -72.54
C MET A 694 13.93 -26.54 -73.66
N ARG A 695 14.20 -25.22 -73.56
CA ARG A 695 13.83 -24.32 -74.64
C ARG A 695 14.77 -24.48 -75.84
N ARG A 696 16.07 -24.66 -75.58
CA ARG A 696 17.06 -24.89 -76.61
C ARG A 696 17.23 -26.35 -77.02
N LEU A 697 16.63 -27.31 -76.30
CA LEU A 697 16.65 -28.68 -76.81
C LEU A 697 15.74 -28.81 -78.01
N ILE A 698 14.63 -28.09 -78.02
CA ILE A 698 13.67 -28.16 -79.12
C ILE A 698 13.46 -26.78 -79.75
N THR A 699 14.37 -25.83 -79.52
CA THR A 699 14.29 -24.53 -80.18
C THR A 699 14.93 -24.58 -81.56
N SER B 13 -22.80 32.18 60.79
CA SER B 13 -22.70 32.42 59.36
C SER B 13 -23.19 31.20 58.58
N PRO B 14 -23.97 31.43 57.53
CA PRO B 14 -24.45 30.31 56.70
C PRO B 14 -23.34 29.70 55.85
N PRO B 15 -23.20 28.38 55.89
CA PRO B 15 -22.10 27.72 55.16
C PRO B 15 -22.50 27.46 53.72
N LEU B 16 -21.52 27.56 52.84
CA LEU B 16 -21.66 27.08 51.47
C LEU B 16 -20.98 25.74 51.34
N SER B 17 -21.77 24.69 51.17
CA SER B 17 -21.27 23.32 51.19
C SER B 17 -20.81 22.91 49.80
N ILE B 18 -19.75 22.10 49.75
CA ILE B 18 -19.20 21.52 48.52
C ILE B 18 -18.76 20.13 48.93
N MET B 19 -18.66 19.23 47.95
CA MET B 19 -18.44 17.81 48.20
C MET B 19 -17.27 17.30 47.36
N GLY B 20 -16.35 16.59 48.00
CA GLY B 20 -15.23 15.95 47.32
C GLY B 20 -15.43 14.44 47.31
N LEU B 21 -15.15 13.83 46.16
CA LEU B 21 -15.36 12.39 45.94
C LEU B 21 -14.02 11.68 45.71
N MET B 22 -13.39 11.22 46.78
CA MET B 22 -12.03 10.73 46.69
C MET B 22 -11.87 9.35 47.31
N PRO B 23 -11.03 8.48 46.74
CA PRO B 23 -10.68 7.21 47.38
C PRO B 23 -9.83 7.46 48.63
N LEU B 24 -10.35 7.07 49.79
CA LEU B 24 -9.66 7.31 51.05
C LEU B 24 -9.15 6.04 51.73
N THR B 25 -9.34 4.87 51.13
CA THR B 25 -9.04 3.62 51.82
C THR B 25 -7.57 3.25 51.69
N LYS B 26 -7.21 2.12 52.31
CA LYS B 26 -5.89 1.54 52.24
C LYS B 26 -5.87 0.32 51.31
N GLU B 27 -7.04 -0.09 50.81
CA GLU B 27 -7.12 -1.22 49.90
C GLU B 27 -6.76 -0.87 48.46
N VAL B 28 -6.28 0.35 48.21
CA VAL B 28 -5.98 0.81 46.87
C VAL B 28 -4.87 1.87 46.99
N ALA B 29 -3.90 1.81 46.07
CA ALA B 29 -2.77 2.73 46.07
C ALA B 29 -3.15 4.18 45.79
N LYS B 30 -4.29 4.45 45.17
CA LYS B 30 -4.70 5.85 44.99
C LYS B 30 -5.21 6.49 46.27
N GLY B 31 -5.48 5.72 47.32
CA GLY B 31 -5.74 6.31 48.62
C GLY B 31 -4.53 7.05 49.17
N SER B 32 -3.33 6.58 48.82
CA SER B 32 -2.11 7.31 49.15
C SER B 32 -2.07 8.64 48.41
N ILE B 33 -2.55 8.66 47.17
CA ILE B 33 -2.59 9.90 46.40
C ILE B 33 -3.56 10.89 47.01
N GLY B 34 -4.74 10.42 47.44
CA GLY B 34 -5.70 11.29 48.09
C GLY B 34 -5.21 11.81 49.43
N ARG B 35 -4.56 10.95 50.20
CA ARG B 35 -3.99 11.36 51.48
C ARG B 35 -2.81 12.30 51.29
N GLY B 36 -2.13 12.20 50.15
CA GLY B 36 -1.06 13.13 49.83
C GLY B 36 -1.56 14.48 49.39
N VAL B 37 -2.73 14.51 48.73
CA VAL B 37 -3.25 15.79 48.23
C VAL B 37 -4.16 16.46 49.24
N LEU B 38 -4.54 15.78 50.31
CA LEU B 38 -5.29 16.45 51.38
C LEU B 38 -4.57 17.55 52.17
N PRO B 39 -3.24 17.50 52.45
CA PRO B 39 -2.63 18.64 53.15
C PRO B 39 -2.61 19.93 52.36
N ALA B 40 -2.44 19.88 51.04
CA ALA B 40 -2.44 21.11 50.26
C ALA B 40 -3.80 21.79 50.28
N VAL B 41 -4.87 21.02 50.20
CA VAL B 41 -6.16 21.67 50.19
C VAL B 41 -6.59 22.10 51.59
N GLU B 42 -6.15 21.41 52.65
CA GLU B 42 -6.48 21.94 53.97
C GLU B 42 -5.63 23.16 54.31
N LEU B 43 -4.39 23.24 53.81
CA LEU B 43 -3.60 24.47 53.99
C LEU B 43 -4.23 25.62 53.23
N ALA B 44 -4.73 25.34 52.02
CA ALA B 44 -5.40 26.36 51.22
C ALA B 44 -6.69 26.84 51.90
N ILE B 45 -7.45 25.92 52.49
CA ILE B 45 -8.71 26.32 53.13
C ILE B 45 -8.42 27.05 54.43
N GLU B 46 -7.27 26.76 55.07
CA GLU B 46 -6.93 27.50 56.27
C GLU B 46 -6.39 28.87 55.89
N GLN B 47 -5.79 28.99 54.72
CA GLN B 47 -5.40 30.30 54.20
C GLN B 47 -6.63 31.12 53.85
N ILE B 48 -7.66 30.46 53.32
CA ILE B 48 -8.93 31.14 53.05
C ILE B 48 -9.61 31.57 54.34
N ARG B 49 -9.47 30.78 55.41
CA ARG B 49 -9.93 31.21 56.71
C ARG B 49 -9.11 32.36 57.28
N ASN B 50 -7.81 32.40 56.96
CA ASN B 50 -6.94 33.48 57.37
C ASN B 50 -7.30 34.80 56.69
N GLU B 51 -7.41 34.79 55.36
CA GLU B 51 -7.78 36.00 54.64
C GLU B 51 -9.25 36.36 54.79
N SER B 52 -10.15 35.37 54.79
CA SER B 52 -11.60 35.56 54.94
C SER B 52 -12.11 36.47 53.83
N LEU B 53 -12.02 35.93 52.62
CA LEU B 53 -12.56 36.50 51.37
C LEU B 53 -14.08 36.68 51.29
N LEU B 54 -14.81 36.42 52.37
CA LEU B 54 -16.27 36.31 52.30
C LEU B 54 -16.81 36.57 53.70
N ARG B 55 -17.31 37.80 53.89
CA ARG B 55 -17.85 38.19 55.19
C ARG B 55 -19.10 37.43 55.61
N PRO B 56 -20.21 37.38 54.84
CA PRO B 56 -21.39 36.72 55.39
C PRO B 56 -21.35 35.20 55.40
N TYR B 57 -20.64 34.53 54.50
CA TYR B 57 -20.77 33.09 54.43
C TYR B 57 -19.48 32.45 54.93
N PHE B 58 -19.48 31.12 55.01
CA PHE B 58 -18.25 30.38 55.26
C PHE B 58 -18.32 29.07 54.49
N LEU B 59 -17.18 28.58 54.02
CA LEU B 59 -17.18 27.40 53.17
C LEU B 59 -17.14 26.10 53.99
N ASP B 60 -17.77 25.06 53.45
CA ASP B 60 -17.73 23.75 54.06
C ASP B 60 -17.48 22.68 53.00
N LEU B 61 -16.65 21.69 53.34
CA LEU B 61 -16.30 20.62 52.42
C LEU B 61 -16.65 19.29 53.06
N ARG B 62 -17.34 18.43 52.32
CA ARG B 62 -17.70 17.11 52.81
C ARG B 62 -16.98 16.07 51.95
N LEU B 63 -16.16 15.26 52.59
CA LEU B 63 -15.39 14.25 51.88
C LEU B 63 -16.21 12.96 51.76
N TYR B 64 -16.01 12.23 50.66
CA TYR B 64 -16.74 10.99 50.42
C TYR B 64 -15.85 9.93 49.78
N ASP B 65 -15.79 8.75 50.40
CA ASP B 65 -14.93 7.67 49.91
C ASP B 65 -15.61 6.95 48.76
N THR B 66 -14.85 6.72 47.68
CA THR B 66 -15.41 6.11 46.49
C THR B 66 -14.83 4.75 46.13
N GLU B 67 -13.50 4.60 46.20
CA GLU B 67 -12.71 3.45 45.73
C GLU B 67 -12.82 3.19 44.22
N CYS B 68 -13.44 4.11 43.48
CA CYS B 68 -13.76 4.12 42.05
C CYS B 68 -14.34 2.81 41.52
N ASP B 69 -15.12 2.12 42.34
CA ASP B 69 -16.07 1.18 41.78
C ASP B 69 -17.32 1.95 41.40
N ASN B 70 -17.93 1.55 40.29
CA ASN B 70 -19.00 2.34 39.70
C ASN B 70 -20.25 2.32 40.57
N ALA B 71 -20.62 1.14 41.05
CA ALA B 71 -21.83 0.99 41.85
C ALA B 71 -21.68 1.67 43.20
N LYS B 72 -20.54 1.48 43.86
CA LYS B 72 -20.31 2.12 45.15
C LYS B 72 -20.21 3.62 45.03
N GLY B 73 -19.60 4.11 43.94
CA GLY B 73 -19.50 5.56 43.76
C GLY B 73 -20.84 6.20 43.47
N LEU B 74 -21.66 5.56 42.63
CA LEU B 74 -23.00 6.11 42.38
C LEU B 74 -23.87 5.99 43.61
N LYS B 75 -23.68 4.94 44.42
CA LYS B 75 -24.45 4.80 45.63
C LYS B 75 -24.08 5.86 46.65
N ALA B 76 -22.79 6.16 46.78
CA ALA B 76 -22.40 7.23 47.70
C ALA B 76 -22.85 8.58 47.18
N PHE B 77 -22.86 8.75 45.86
CA PHE B 77 -23.38 9.97 45.25
C PHE B 77 -24.87 10.13 45.51
N TYR B 78 -25.62 9.04 45.36
CA TYR B 78 -27.04 9.04 45.62
C TYR B 78 -27.34 9.28 47.09
N ASP B 79 -26.53 8.70 47.97
CA ASP B 79 -26.69 8.92 49.40
C ASP B 79 -26.44 10.38 49.75
N ALA B 80 -25.42 10.98 49.14
CA ALA B 80 -25.12 12.38 49.37
C ALA B 80 -26.23 13.27 48.82
N ILE B 81 -26.80 12.90 47.67
CA ILE B 81 -27.90 13.68 47.11
C ILE B 81 -29.13 13.58 47.99
N LYS B 82 -29.46 12.38 48.45
CA LYS B 82 -30.70 12.20 49.20
C LYS B 82 -30.59 12.73 50.62
N TYR B 83 -29.41 12.61 51.24
CA TYR B 83 -29.30 12.92 52.65
C TYR B 83 -28.58 14.22 52.95
N GLY B 84 -27.69 14.69 52.09
CA GLY B 84 -26.97 15.89 52.37
C GLY B 84 -27.77 17.14 52.15
N PRO B 85 -27.17 18.28 52.51
CA PRO B 85 -27.83 19.57 52.31
C PRO B 85 -27.75 20.03 50.87
N ASN B 86 -28.17 21.28 50.64
CA ASN B 86 -28.17 21.85 49.30
C ASN B 86 -26.73 22.13 48.93
N HIS B 87 -26.07 21.16 48.31
CA HIS B 87 -24.68 21.30 47.90
C HIS B 87 -24.58 22.32 46.77
N LEU B 88 -23.38 22.86 46.58
CA LEU B 88 -23.21 23.89 45.58
C LEU B 88 -22.36 23.43 44.41
N MET B 89 -21.14 22.98 44.63
CA MET B 89 -20.45 22.31 43.54
C MET B 89 -20.17 20.87 43.94
N VAL B 90 -19.57 20.13 43.02
CA VAL B 90 -19.04 18.80 43.29
C VAL B 90 -17.60 18.81 42.81
N PHE B 91 -16.78 18.00 43.45
CA PHE B 91 -15.35 18.09 43.21
C PHE B 91 -14.72 16.72 43.10
N GLY B 92 -13.76 16.58 42.19
CA GLY B 92 -12.97 15.36 42.17
C GLY B 92 -13.27 14.37 41.07
N GLY B 93 -13.03 13.10 41.39
CA GLY B 93 -13.13 11.98 40.49
C GLY B 93 -11.81 11.73 39.80
N VAL B 94 -11.30 10.51 40.00
CA VAL B 94 -9.99 10.10 39.51
C VAL B 94 -10.06 8.92 38.55
N CYS B 95 -10.95 7.96 38.79
CA CYS B 95 -11.01 6.77 37.97
C CYS B 95 -11.84 7.04 36.71
N PRO B 96 -11.36 6.63 35.54
CA PRO B 96 -11.91 7.15 34.27
C PRO B 96 -13.32 6.75 33.96
N SER B 97 -13.76 5.55 34.36
CA SER B 97 -15.13 5.15 34.06
C SER B 97 -16.13 5.96 34.87
N VAL B 98 -15.88 6.10 36.17
CA VAL B 98 -16.82 6.86 37.00
C VAL B 98 -16.69 8.36 36.81
N THR B 99 -15.61 8.83 36.18
CA THR B 99 -15.64 10.20 35.71
C THR B 99 -16.46 10.31 34.43
N SER B 100 -16.36 9.32 33.55
CA SER B 100 -17.00 9.45 32.25
C SER B 100 -18.50 9.39 32.45
N ILE B 101 -18.92 8.52 33.37
CA ILE B 101 -20.34 8.34 33.64
C ILE B 101 -20.89 9.54 34.39
N ILE B 102 -20.10 10.14 35.30
CA ILE B 102 -20.66 11.30 35.99
C ILE B 102 -20.68 12.53 35.08
N ALA B 103 -19.68 12.67 34.21
CA ALA B 103 -19.68 13.78 33.26
C ALA B 103 -20.76 13.64 32.22
N GLU B 104 -21.14 12.42 31.84
CA GLU B 104 -22.31 12.31 30.99
C GLU B 104 -23.60 12.62 31.74
N SER B 105 -23.75 12.10 32.96
CA SER B 105 -24.99 12.31 33.72
C SER B 105 -25.13 13.64 34.43
N LEU B 106 -24.15 14.55 34.35
CA LEU B 106 -24.15 15.72 35.24
C LEU B 106 -25.24 16.73 34.88
N GLN B 107 -25.66 16.77 33.62
CA GLN B 107 -26.58 17.80 33.17
C GLN B 107 -28.00 17.63 33.69
N GLY B 108 -28.32 16.50 34.34
CA GLY B 108 -29.66 16.30 34.89
C GLY B 108 -30.02 17.23 36.02
N TRP B 109 -29.03 17.91 36.58
CA TRP B 109 -29.23 18.87 37.63
C TRP B 109 -28.49 20.13 37.24
N ASN B 110 -27.79 20.11 36.11
CA ASN B 110 -26.99 21.23 35.59
C ASN B 110 -25.94 21.67 36.61
N LEU B 111 -25.02 20.77 36.93
CA LEU B 111 -23.93 21.08 37.86
C LEU B 111 -22.58 20.95 37.17
N VAL B 112 -21.51 21.32 37.88
CA VAL B 112 -20.17 21.27 37.33
C VAL B 112 -19.27 20.42 38.23
N GLN B 113 -18.53 19.51 37.61
CA GLN B 113 -17.58 18.62 38.27
C GLN B 113 -16.18 19.07 37.87
N LEU B 114 -15.30 19.27 38.86
CA LEU B 114 -13.91 19.59 38.56
C LEU B 114 -12.94 18.50 39.00
N SER B 115 -12.22 17.93 38.03
CA SER B 115 -11.20 16.92 38.21
C SER B 115 -9.83 17.54 38.01
N PHE B 116 -8.81 16.78 38.40
CA PHE B 116 -7.43 17.18 38.19
C PHE B 116 -6.51 16.05 37.75
N ALA B 117 -7.03 14.86 37.41
CA ALA B 117 -6.15 13.82 36.91
C ALA B 117 -6.69 13.03 35.72
N ALA B 118 -7.84 13.40 35.17
CA ALA B 118 -8.37 12.78 33.96
C ALA B 118 -7.48 13.15 32.79
N THR B 119 -6.67 12.20 32.31
CA THR B 119 -5.66 12.52 31.32
C THR B 119 -5.94 11.72 30.05
N THR B 120 -7.20 11.72 29.64
CA THR B 120 -7.64 11.07 28.42
C THR B 120 -8.36 12.11 27.56
N PRO B 121 -8.07 12.15 26.26
CA PRO B 121 -8.65 13.19 25.38
C PRO B 121 -10.11 12.97 25.03
N VAL B 122 -10.72 11.84 25.41
CA VAL B 122 -12.13 11.63 25.10
C VAL B 122 -13.05 12.60 25.83
N LEU B 123 -12.59 13.28 26.88
CA LEU B 123 -13.36 14.36 27.48
C LEU B 123 -13.11 15.70 26.80
N ALA B 124 -12.60 15.70 25.58
CA ALA B 124 -12.37 16.95 24.87
C ALA B 124 -13.63 17.55 24.27
N ASP B 125 -14.64 16.73 23.97
CA ASP B 125 -15.85 17.24 23.34
C ASP B 125 -16.70 17.98 24.36
N LYS B 126 -17.27 19.12 23.94
CA LYS B 126 -18.24 19.84 24.75
C LYS B 126 -19.70 19.59 24.40
N LYS B 127 -20.01 19.05 23.22
CA LYS B 127 -21.37 18.59 22.96
C LYS B 127 -21.70 17.36 23.80
N LYS B 128 -20.69 16.57 24.12
CA LYS B 128 -20.85 15.46 25.05
C LYS B 128 -20.76 15.93 26.49
N TYR B 129 -19.80 16.81 26.78
CA TYR B 129 -19.56 17.27 28.15
C TYR B 129 -19.50 18.78 28.14
N PRO B 130 -20.65 19.45 28.29
CA PRO B 130 -20.64 20.91 28.31
C PRO B 130 -20.29 21.50 29.65
N TYR B 131 -20.30 20.71 30.72
CA TYR B 131 -20.09 21.27 32.05
C TYR B 131 -18.79 20.77 32.68
N PHE B 132 -17.87 20.28 31.88
CA PHE B 132 -16.66 19.64 32.41
C PHE B 132 -15.45 20.48 32.05
N PHE B 133 -14.56 20.63 33.03
CA PHE B 133 -13.31 21.34 32.89
C PHE B 133 -12.23 20.58 33.65
N ARG B 134 -10.99 20.70 33.18
CA ARG B 134 -9.86 20.10 33.86
C ARG B 134 -8.63 20.97 33.70
N THR B 135 -7.75 20.90 34.68
CA THR B 135 -6.51 21.65 34.71
C THR B 135 -5.28 20.82 34.42
N VAL B 136 -5.38 19.49 34.40
CA VAL B 136 -4.21 18.69 34.08
C VAL B 136 -3.97 18.80 32.58
N PRO B 137 -2.73 18.95 32.15
CA PRO B 137 -2.43 18.89 30.71
C PRO B 137 -2.63 17.50 30.17
N SER B 138 -3.34 17.40 29.05
CA SER B 138 -3.60 16.09 28.48
C SER B 138 -2.36 15.57 27.75
N ASP B 139 -2.49 14.37 27.19
CA ASP B 139 -1.48 13.74 26.35
C ASP B 139 -1.35 14.30 24.94
N ASN B 140 -2.29 15.11 24.46
CA ASN B 140 -2.13 15.77 23.16
C ASN B 140 -1.27 17.03 23.22
N ALA B 141 -0.83 17.45 24.40
CA ALA B 141 -0.02 18.65 24.61
C ALA B 141 1.47 18.38 24.49
N VAL B 142 1.87 17.25 23.92
CA VAL B 142 3.26 16.96 23.62
C VAL B 142 3.55 17.05 22.14
N ASN B 143 2.52 17.17 21.33
CA ASN B 143 2.58 17.14 19.89
C ASN B 143 3.08 18.47 19.29
N PRO B 144 2.77 19.66 19.81
CA PRO B 144 3.56 20.82 19.36
C PRO B 144 4.99 20.80 19.87
N ALA B 145 5.22 20.18 21.02
CA ALA B 145 6.56 20.12 21.59
C ALA B 145 7.50 19.28 20.74
N ILE B 146 7.04 18.12 20.27
CA ILE B 146 7.93 17.28 19.46
C ILE B 146 8.19 17.87 18.07
N LEU B 147 7.24 18.62 17.52
CA LEU B 147 7.49 19.31 16.26
C LEU B 147 8.54 20.40 16.45
N LYS B 148 8.42 21.17 17.54
CA LYS B 148 9.42 22.20 17.80
C LYS B 148 10.80 21.60 18.08
N LEU B 149 10.88 20.45 18.75
CA LEU B 149 12.20 19.82 18.95
C LEU B 149 12.79 19.30 17.64
N LEU B 150 11.93 18.78 16.77
CA LEU B 150 12.42 18.30 15.49
C LEU B 150 12.85 19.44 14.60
N LYS B 151 12.16 20.57 14.66
CA LYS B 151 12.69 21.68 13.87
C LYS B 151 13.90 22.28 14.55
N HIS B 152 14.07 22.04 15.86
CA HIS B 152 15.28 22.53 16.49
C HIS B 152 16.49 21.72 16.07
N TYR B 153 16.30 20.46 15.66
CA TYR B 153 17.46 19.71 15.17
C TYR B 153 17.25 19.00 13.84
N GLN B 154 16.26 19.41 13.04
CA GLN B 154 16.17 19.09 11.61
C GLN B 154 16.13 17.57 11.36
N TRP B 155 15.05 16.95 11.80
CA TRP B 155 14.90 15.53 11.56
C TRP B 155 13.85 15.36 10.48
N LYS B 156 14.04 14.38 9.60
CA LYS B 156 13.08 14.16 8.51
C LYS B 156 12.36 12.82 8.54
N ARG B 157 13.06 11.69 8.53
CA ARG B 157 12.40 10.38 8.46
C ARG B 157 12.14 9.77 9.82
N VAL B 158 10.89 9.38 10.08
CA VAL B 158 10.54 8.69 11.31
C VAL B 158 9.58 7.52 11.06
N GLY B 159 9.68 6.54 11.96
CA GLY B 159 8.89 5.33 11.98
C GLY B 159 8.11 5.27 13.29
N THR B 160 6.81 5.01 13.26
CA THR B 160 6.03 5.01 14.50
C THR B 160 5.71 3.58 14.94
N LEU B 161 5.42 3.45 16.24
CA LEU B 161 5.14 2.15 16.84
C LEU B 161 4.16 2.32 17.99
N THR B 162 2.90 1.92 17.77
CA THR B 162 1.81 2.16 18.70
C THR B 162 1.27 0.82 19.16
N GLN B 163 1.12 0.69 20.48
CA GLN B 163 0.47 -0.45 21.11
C GLN B 163 -1.05 -0.38 20.99
N ASP B 164 -1.69 -1.52 20.71
CA ASP B 164 -3.12 -1.53 20.40
C ASP B 164 -3.95 -1.45 21.68
N VAL B 165 -3.86 -0.31 22.35
CA VAL B 165 -4.74 0.08 23.44
C VAL B 165 -5.45 1.34 22.96
N GLN B 166 -6.61 1.64 23.57
CA GLN B 166 -7.47 2.71 23.09
C GLN B 166 -6.76 4.06 23.24
N ARG B 167 -5.98 4.23 24.31
CA ARG B 167 -5.30 5.49 24.55
C ARG B 167 -4.16 5.71 23.56
N PHE B 168 -3.36 4.66 23.32
CA PHE B 168 -2.26 4.76 22.37
C PHE B 168 -2.76 4.91 20.95
N SER B 169 -3.86 4.24 20.62
CA SER B 169 -4.44 4.41 19.28
C SER B 169 -5.07 5.79 19.15
N GLU B 170 -5.55 6.36 20.26
CA GLU B 170 -6.11 7.71 20.21
C GLU B 170 -5.02 8.74 19.96
N VAL B 171 -3.88 8.61 20.65
CA VAL B 171 -2.80 9.56 20.39
C VAL B 171 -2.18 9.30 19.02
N ARG B 172 -2.24 8.06 18.52
CA ARG B 172 -1.81 7.77 17.15
C ARG B 172 -2.75 8.42 16.14
N ASN B 173 -4.04 8.47 16.46
CA ASN B 173 -5.01 9.11 15.60
C ASN B 173 -4.80 10.62 15.62
N ASP B 174 -4.38 11.14 16.76
CA ASP B 174 -4.11 12.57 16.85
C ASP B 174 -2.76 12.98 16.31
N LEU B 175 -1.84 12.04 16.07
CA LEU B 175 -0.60 12.41 15.37
C LEU B 175 -0.90 12.93 13.98
N THR B 176 -1.80 12.25 13.27
CA THR B 176 -2.23 12.73 11.97
C THR B 176 -3.01 14.04 12.06
N GLY B 177 -3.81 14.20 13.13
CA GLY B 177 -4.54 15.45 13.30
C GLY B 177 -3.67 16.65 13.64
N VAL B 178 -2.53 16.42 14.28
CA VAL B 178 -1.63 17.53 14.59
C VAL B 178 -0.63 17.72 13.46
N LEU B 179 -0.33 16.67 12.73
CA LEU B 179 0.62 16.68 11.61
C LEU B 179 -0.11 17.01 10.32
N TYR B 180 -0.05 18.28 9.92
CA TYR B 180 -0.65 18.70 8.65
C TYR B 180 -0.03 20.03 8.26
N GLY B 181 0.73 20.06 7.18
CA GLY B 181 1.31 21.30 6.71
C GLY B 181 2.83 21.35 6.63
N GLU B 182 3.58 20.38 7.16
CA GLU B 182 5.03 20.53 7.11
C GLU B 182 5.69 19.41 6.32
N ASP B 183 6.99 19.59 6.11
CA ASP B 183 7.83 18.70 5.32
C ASP B 183 8.24 17.48 6.16
N ILE B 184 7.25 16.64 6.46
CA ILE B 184 7.46 15.48 7.33
C ILE B 184 7.05 14.21 6.60
N GLU B 185 7.81 13.14 6.79
CA GLU B 185 7.47 11.84 6.25
C GLU B 185 7.38 10.83 7.37
N ILE B 186 6.36 9.98 7.27
CA ILE B 186 6.03 8.93 8.22
C ILE B 186 6.14 7.64 7.40
N SER B 187 7.21 6.87 7.59
CA SER B 187 7.38 5.71 6.72
C SER B 187 6.80 4.42 7.32
N ASP B 188 7.30 3.99 8.47
CA ASP B 188 6.97 2.66 9.00
C ASP B 188 5.95 2.77 10.13
N THR B 189 4.67 2.64 9.76
CA THR B 189 3.55 2.73 10.69
C THR B 189 3.14 1.33 11.17
N GLU B 190 4.01 0.71 11.97
CA GLU B 190 3.76 -0.61 12.54
C GLU B 190 2.99 -0.44 13.85
N SER B 191 1.93 -1.23 14.02
CA SER B 191 1.05 -1.17 15.19
C SER B 191 0.80 -2.61 15.66
N PHE B 192 1.65 -3.08 16.56
CA PHE B 192 1.56 -4.43 17.07
C PHE B 192 0.59 -4.52 18.24
N SER B 193 0.34 -5.75 18.68
CA SER B 193 -0.48 -5.97 19.87
C SER B 193 0.34 -6.59 20.99
N ASN B 194 1.00 -7.72 20.75
CA ASN B 194 1.80 -8.34 21.78
C ASN B 194 3.12 -8.88 21.29
N ASP B 195 3.42 -8.77 19.99
CA ASP B 195 4.71 -9.20 19.44
C ASP B 195 5.43 -7.97 18.90
N PRO B 196 6.19 -7.26 19.74
CA PRO B 196 6.97 -6.12 19.23
C PRO B 196 8.22 -6.55 18.50
N CYS B 197 8.62 -7.81 18.61
CA CYS B 197 9.90 -8.24 18.08
C CYS B 197 9.83 -8.35 16.55
N THR B 198 8.70 -8.84 16.03
CA THR B 198 8.52 -8.77 14.59
C THR B 198 8.33 -7.34 14.11
N SER B 199 7.89 -6.44 14.99
CA SER B 199 7.81 -5.03 14.62
C SER B 199 9.21 -4.42 14.50
N VAL B 200 10.13 -4.74 15.41
CA VAL B 200 11.52 -4.27 15.25
C VAL B 200 12.15 -4.92 14.02
N LYS B 201 11.75 -6.17 13.69
CA LYS B 201 12.18 -6.80 12.45
C LYS B 201 11.73 -5.96 11.24
N LYS B 202 10.45 -5.57 11.22
CA LYS B 202 9.92 -4.76 10.12
C LYS B 202 10.56 -3.38 10.10
N LEU B 203 10.90 -2.84 11.28
CA LEU B 203 11.52 -1.52 11.34
C LEU B 203 12.94 -1.58 10.82
N LYS B 204 13.67 -2.67 11.12
CA LYS B 204 15.00 -2.83 10.56
C LYS B 204 14.94 -3.14 9.07
N GLY B 205 13.87 -3.79 8.61
CA GLY B 205 13.69 -3.96 7.19
C GLY B 205 13.42 -2.66 6.45
N ASN B 206 12.71 -1.73 7.11
CA ASN B 206 12.58 -0.40 6.56
C ASN B 206 13.63 0.57 7.09
N ASP B 207 14.56 0.06 7.92
CA ASP B 207 15.75 0.69 8.48
C ASP B 207 15.58 2.16 8.87
N VAL B 208 14.45 2.47 9.52
CA VAL B 208 14.14 3.86 9.82
C VAL B 208 15.01 4.32 10.98
N ARG B 209 15.37 5.60 10.97
CA ARG B 209 16.33 6.07 11.95
C ARG B 209 15.75 6.37 13.33
N ILE B 210 14.58 6.98 13.45
CA ILE B 210 14.13 7.47 14.76
C ILE B 210 12.85 6.76 15.14
N ILE B 211 12.84 6.18 16.34
CA ILE B 211 11.69 5.51 16.92
C ILE B 211 10.85 6.47 17.78
N LEU B 212 9.55 6.47 17.57
CA LEU B 212 8.57 7.23 18.37
C LEU B 212 7.69 6.16 19.01
N GLY B 213 8.12 5.65 20.16
CA GLY B 213 7.41 4.53 20.77
C GLY B 213 6.17 4.90 21.56
N GLN B 214 5.22 3.96 21.56
CA GLN B 214 3.96 4.07 22.30
C GLN B 214 3.58 2.67 22.77
N PHE B 215 3.89 2.34 24.02
CA PHE B 215 3.57 1.04 24.59
C PHE B 215 3.55 1.17 26.11
N ASP B 216 3.26 0.06 26.78
CA ASP B 216 3.22 0.09 28.23
C ASP B 216 4.59 -0.25 28.79
N GLN B 217 4.62 -0.51 30.09
CA GLN B 217 5.86 -0.69 30.82
C GLN B 217 6.47 -2.07 30.61
N ASN B 218 5.64 -3.11 30.67
CA ASN B 218 6.15 -4.48 30.64
C ASN B 218 6.67 -4.88 29.26
N MET B 219 6.18 -4.25 28.20
CA MET B 219 6.67 -4.56 26.86
C MET B 219 8.05 -3.98 26.59
N ALA B 220 8.46 -2.98 27.35
CA ALA B 220 9.65 -2.19 27.01
C ALA B 220 10.94 -2.98 27.20
N ALA B 221 11.05 -3.77 28.28
CA ALA B 221 12.26 -4.55 28.49
C ALA B 221 12.41 -5.64 27.44
N LYS B 222 11.30 -6.27 27.04
CA LYS B 222 11.36 -7.27 25.98
C LYS B 222 11.68 -6.65 24.62
N VAL B 223 11.13 -5.46 24.34
CA VAL B 223 11.43 -4.78 23.08
C VAL B 223 12.91 -4.40 23.02
N PHE B 224 13.49 -3.85 24.10
CA PHE B 224 14.91 -3.51 24.03
C PHE B 224 15.83 -4.74 24.03
N CYS B 225 15.45 -5.83 24.69
CA CYS B 225 16.35 -7.00 24.65
C CYS B 225 16.34 -7.65 23.26
N CYS B 226 15.17 -7.76 22.62
CA CYS B 226 15.21 -8.34 21.29
C CYS B 226 15.29 -7.27 20.22
N ALA B 227 15.58 -6.04 20.64
CA ALA B 227 16.15 -5.06 19.73
C ALA B 227 17.65 -5.00 19.87
N TYR B 228 18.20 -5.46 21.01
CA TYR B 228 19.63 -5.72 21.09
C TYR B 228 19.95 -6.85 20.14
N GLU B 229 19.02 -7.80 20.03
CA GLU B 229 19.24 -8.97 19.19
C GLU B 229 19.26 -8.55 17.73
N GLU B 230 18.52 -7.49 17.40
CA GLU B 230 18.54 -6.87 16.09
C GLU B 230 19.60 -5.79 16.00
N ASN B 231 20.23 -5.44 17.13
CA ASN B 231 21.21 -4.37 17.27
C ASN B 231 20.68 -3.02 16.77
N MET B 232 19.54 -2.63 17.33
CA MET B 232 18.88 -1.36 16.96
C MET B 232 19.29 -0.23 17.91
N TYR B 233 20.59 0.02 17.98
CA TYR B 233 21.10 1.07 18.85
C TYR B 233 22.37 1.62 18.22
N GLY B 234 23.18 2.32 19.00
CA GLY B 234 24.44 2.82 18.55
C GLY B 234 24.40 4.32 18.38
N SER B 235 25.33 4.83 17.60
CA SER B 235 25.33 6.26 17.28
C SER B 235 24.57 6.47 15.99
N LYS B 236 23.37 5.90 15.90
CA LYS B 236 22.54 6.04 14.72
C LYS B 236 21.07 6.30 14.98
N TYR B 237 20.52 5.94 16.14
CA TYR B 237 19.08 6.07 16.33
C TYR B 237 18.74 6.82 17.60
N GLN B 238 17.57 7.46 17.60
CA GLN B 238 16.98 8.04 18.79
C GLN B 238 15.65 7.39 19.10
N TRP B 239 15.25 7.46 20.38
CA TRP B 239 14.02 6.83 20.85
C TRP B 239 13.25 7.87 21.65
N ILE B 240 12.10 8.31 21.15
CA ILE B 240 11.26 9.24 21.92
C ILE B 240 10.10 8.46 22.56
N ILE B 241 10.21 8.27 23.88
CA ILE B 241 9.27 7.48 24.67
C ILE B 241 8.61 8.27 25.79
N PRO B 242 7.29 8.11 26.01
CA PRO B 242 6.65 8.69 27.21
C PRO B 242 7.17 8.05 28.48
N GLY B 243 7.88 8.83 29.28
CA GLY B 243 8.66 8.35 30.40
C GLY B 243 8.01 8.43 31.77
N TRP B 244 6.68 8.33 31.84
CA TRP B 244 6.03 8.45 33.13
C TRP B 244 5.99 7.17 33.96
N TYR B 245 6.84 6.18 33.72
CA TYR B 245 6.89 5.03 34.62
C TYR B 245 7.50 5.44 35.97
N GLU B 246 7.43 4.53 36.94
CA GLU B 246 8.09 4.79 38.21
C GLU B 246 9.61 4.76 37.98
N PRO B 247 10.38 5.48 38.80
CA PRO B 247 11.84 5.39 38.69
C PRO B 247 12.49 4.05 39.04
N SER B 248 13.49 3.71 38.23
CA SER B 248 14.15 2.40 38.20
C SER B 248 13.13 1.27 38.16
N TRP B 249 12.25 1.32 37.17
CA TRP B 249 11.23 0.28 37.10
C TRP B 249 11.79 -1.05 36.62
N TRP B 250 12.92 -1.02 35.91
CA TRP B 250 13.50 -2.13 35.17
C TRP B 250 14.21 -3.13 36.06
N GLU B 251 14.29 -2.90 37.36
CA GLU B 251 14.99 -3.81 38.25
C GLU B 251 14.31 -5.15 38.50
N GLN B 252 13.04 -5.33 38.14
CA GLN B 252 12.42 -6.63 38.37
C GLN B 252 12.10 -7.38 37.08
N VAL B 253 11.32 -6.80 36.19
CA VAL B 253 10.94 -7.50 34.98
C VAL B 253 11.07 -6.59 33.76
N ARG B 261 14.36 -13.95 29.76
CA ARG B 261 14.96 -14.37 28.50
C ARG B 261 16.09 -13.43 28.10
N CYS B 262 16.29 -12.39 28.90
CA CYS B 262 17.27 -11.35 28.60
C CYS B 262 17.73 -10.70 29.91
N LEU B 263 19.04 -10.70 30.13
CA LEU B 263 19.67 -10.16 31.32
C LEU B 263 19.86 -8.65 31.25
N ARG B 264 19.97 -8.05 32.45
CA ARG B 264 20.14 -6.62 32.56
C ARG B 264 21.52 -6.20 32.10
N LYS B 265 22.47 -7.12 32.05
CA LYS B 265 23.77 -6.87 31.44
C LYS B 265 23.64 -6.74 29.94
N ASN B 266 22.74 -7.51 29.35
CA ASN B 266 22.42 -7.44 27.93
C ASN B 266 21.28 -6.47 27.66
N LEU B 267 20.87 -5.71 28.67
CA LEU B 267 19.92 -4.61 28.54
C LEU B 267 20.53 -3.23 28.77
N LEU B 268 21.53 -3.14 29.65
CA LEU B 268 21.98 -1.82 30.06
C LEU B 268 22.84 -1.21 28.98
N ALA B 269 23.53 -2.01 28.17
CA ALA B 269 24.41 -1.36 27.22
C ALA B 269 23.65 -1.01 25.96
N ALA B 270 22.30 -1.02 26.00
CA ALA B 270 21.47 -0.56 24.91
C ALA B 270 20.31 0.27 25.43
N MET B 271 20.28 0.62 26.72
CA MET B 271 19.14 1.35 27.27
C MET B 271 19.58 2.76 27.66
N GLU B 272 20.59 3.28 26.98
CA GLU B 272 21.13 4.62 27.16
C GLU B 272 20.92 5.47 25.91
N GLY B 273 20.65 6.77 26.13
CA GLY B 273 20.05 7.64 25.12
C GLY B 273 18.58 7.62 24.83
N TYR B 274 17.72 7.18 25.73
CA TYR B 274 16.30 7.06 25.40
C TYR B 274 15.57 8.29 25.96
N ILE B 275 15.07 9.11 25.03
CA ILE B 275 14.50 10.43 25.29
C ILE B 275 13.15 10.28 25.96
N GLY B 276 12.98 10.88 27.13
CA GLY B 276 11.73 10.82 27.88
C GLY B 276 10.93 12.12 27.81
N VAL B 277 9.62 11.98 27.57
CA VAL B 277 8.76 13.13 27.31
C VAL B 277 7.67 13.21 28.39
N ASP B 278 7.89 14.04 29.41
CA ASP B 278 6.94 14.10 30.51
C ASP B 278 6.34 15.51 30.59
N PHE B 279 5.39 15.69 31.51
CA PHE B 279 4.87 16.99 31.91
C PHE B 279 5.54 17.53 33.16
N GLU B 280 5.83 18.83 33.18
CA GLU B 280 6.63 19.33 34.29
C GLU B 280 5.72 19.74 35.44
N PRO B 281 5.99 19.31 36.68
CA PRO B 281 5.13 19.69 37.80
C PRO B 281 5.12 21.17 38.17
N LEU B 282 6.31 21.74 38.38
CA LEU B 282 6.47 23.07 38.97
C LEU B 282 7.12 24.03 37.97
N SER B 283 7.52 25.19 38.46
CA SER B 283 8.25 26.14 37.64
C SER B 283 9.55 26.51 38.34
N SER B 284 10.29 27.42 37.71
CA SER B 284 11.56 27.89 38.25
C SER B 284 11.54 29.39 38.52
N LYS B 285 10.35 29.94 38.73
CA LYS B 285 10.18 31.37 38.93
C LYS B 285 10.18 31.57 40.43
N GLN B 286 10.97 32.52 40.94
CA GLN B 286 10.74 32.98 42.30
C GLN B 286 9.94 34.28 42.37
N ILE B 287 8.77 34.29 41.75
CA ILE B 287 8.01 35.53 41.65
C ILE B 287 6.84 35.39 42.60
N LYS B 288 6.27 36.52 43.00
CA LYS B 288 5.13 36.49 43.90
C LYS B 288 3.84 36.16 43.15
N THR B 289 3.12 35.16 43.66
CA THR B 289 1.89 34.70 43.05
C THR B 289 0.74 35.49 43.66
N ILE B 290 -0.50 35.06 43.44
CA ILE B 290 -1.59 35.70 44.14
C ILE B 290 -1.62 35.27 45.60
N SER B 291 -0.98 34.14 45.93
CA SER B 291 -0.82 33.77 47.33
C SER B 291 0.22 34.63 48.04
N GLY B 292 1.10 35.28 47.29
CA GLY B 292 2.23 35.98 47.85
C GLY B 292 3.52 35.19 48.00
N LYS B 293 3.49 33.87 47.87
CA LYS B 293 4.71 33.09 48.06
C LYS B 293 5.30 32.66 46.72
N THR B 294 6.43 32.01 46.81
CA THR B 294 7.19 31.42 45.73
C THR B 294 6.91 29.94 45.70
N PRO B 295 7.13 29.27 44.55
CA PRO B 295 7.00 27.80 44.53
C PRO B 295 7.97 27.12 45.48
N GLN B 296 9.13 27.72 45.73
CA GLN B 296 10.09 27.17 46.68
C GLN B 296 9.54 27.25 48.09
N GLN B 297 8.97 28.39 48.45
CA GLN B 297 8.38 28.52 49.77
C GLN B 297 7.16 27.63 49.92
N TYR B 298 6.37 27.49 48.85
CA TYR B 298 5.22 26.59 48.91
C TYR B 298 5.64 25.13 49.07
N GLU B 299 6.68 24.70 48.37
CA GLU B 299 7.09 23.32 48.49
C GLU B 299 7.75 23.05 49.84
N ARG B 300 8.50 24.03 50.34
CA ARG B 300 9.10 23.92 51.67
C ARG B 300 8.04 23.88 52.76
N GLU B 301 7.04 24.76 52.68
CA GLU B 301 5.96 24.78 53.65
C GLU B 301 5.12 23.51 53.56
N TYR B 302 4.96 22.97 52.36
CA TYR B 302 4.22 21.73 52.16
C TYR B 302 4.94 20.56 52.78
N ASN B 303 6.25 20.46 52.53
CA ASN B 303 7.02 19.36 53.06
C ASN B 303 7.33 19.53 54.54
N ASN B 304 7.08 20.72 55.11
CA ASN B 304 7.22 20.74 56.55
C ASN B 304 5.84 20.76 57.18
N LYS B 305 4.81 20.83 56.35
CA LYS B 305 3.43 20.69 56.82
C LYS B 305 3.16 19.24 57.13
N ARG B 306 3.68 18.39 56.25
CA ARG B 306 3.48 16.95 56.29
C ARG B 306 4.79 16.19 56.48
N SER B 307 4.66 15.01 57.06
CA SER B 307 5.81 14.13 57.26
C SER B 307 5.53 12.63 57.02
N GLY B 308 4.32 12.14 57.24
CA GLY B 308 4.05 10.71 57.13
C GLY B 308 3.93 10.18 55.72
N VAL B 309 3.12 10.89 54.93
CA VAL B 309 2.83 10.49 53.56
C VAL B 309 4.03 10.66 52.64
N GLY B 310 4.15 9.70 51.72
CA GLY B 310 4.99 9.65 50.53
C GLY B 310 4.57 10.78 49.63
N PRO B 311 5.53 11.51 49.05
CA PRO B 311 5.18 12.79 48.41
C PRO B 311 4.41 12.60 47.12
N SER B 312 3.30 13.31 47.05
CA SER B 312 2.40 13.39 45.91
C SER B 312 2.96 14.32 44.86
N LYS B 313 2.35 14.25 43.69
CA LYS B 313 2.75 15.10 42.58
C LYS B 313 1.55 15.72 41.89
N PHE B 314 0.49 15.99 42.65
CA PHE B 314 -0.73 16.57 42.10
C PHE B 314 -1.23 17.70 42.98
N HIS B 315 -0.57 17.92 44.12
CA HIS B 315 -1.00 18.87 45.12
C HIS B 315 -0.87 20.30 44.63
N GLY B 316 -0.04 20.50 43.61
CA GLY B 316 0.02 21.77 42.92
C GLY B 316 -1.29 22.10 42.24
N TYR B 317 -1.82 21.13 41.47
CA TYR B 317 -3.10 21.35 40.80
C TYR B 317 -4.25 21.43 41.80
N ALA B 318 -4.16 20.70 42.90
CA ALA B 318 -5.18 20.83 43.93
C ALA B 318 -5.18 22.23 44.56
N TYR B 319 -3.98 22.74 44.86
CA TYR B 319 -3.85 24.09 45.40
C TYR B 319 -4.23 25.15 44.40
N ASP B 320 -3.95 24.97 43.11
CA ASP B 320 -4.32 26.08 42.24
C ASP B 320 -5.83 26.09 42.06
N GLY B 321 -6.43 24.90 41.85
CA GLY B 321 -7.83 24.85 41.51
C GLY B 321 -8.75 25.31 42.62
N ILE B 322 -8.34 25.18 43.89
CA ILE B 322 -9.16 25.71 44.98
C ILE B 322 -9.24 27.25 44.91
N TRP B 323 -8.11 27.92 44.68
CA TRP B 323 -8.13 29.37 44.51
C TRP B 323 -8.85 29.76 43.22
N VAL B 324 -8.80 28.92 42.18
CA VAL B 324 -9.55 29.19 40.94
C VAL B 324 -11.04 29.26 41.23
N ILE B 325 -11.56 28.24 41.91
CA ILE B 325 -13.00 28.23 42.14
C ILE B 325 -13.39 29.27 43.17
N ALA B 326 -12.51 29.61 44.12
CA ALA B 326 -12.83 30.67 45.07
C ALA B 326 -12.92 32.04 44.39
N LYS B 327 -11.99 32.33 43.46
CA LYS B 327 -12.07 33.58 42.72
C LYS B 327 -13.26 33.55 41.78
N THR B 328 -13.59 32.37 41.30
CA THR B 328 -14.74 32.20 40.42
C THR B 328 -16.05 32.47 41.15
N LEU B 329 -16.22 31.92 42.35
CA LEU B 329 -17.45 32.21 43.07
C LEU B 329 -17.54 33.64 43.55
N GLN B 330 -16.42 34.29 43.90
CA GLN B 330 -16.55 35.71 44.23
C GLN B 330 -16.85 36.59 43.00
N ARG B 331 -16.33 36.23 41.81
CA ARG B 331 -16.66 37.01 40.64
C ARG B 331 -18.03 36.69 40.10
N ALA B 332 -18.62 35.56 40.50
CA ALA B 332 -19.99 35.40 40.07
C ALA B 332 -20.94 35.83 41.16
N MET B 333 -20.41 35.96 42.39
CA MET B 333 -21.22 36.40 43.52
C MET B 333 -21.54 37.86 43.32
N GLU B 334 -20.65 38.56 42.61
CA GLU B 334 -20.93 39.96 42.33
C GLU B 334 -21.99 39.98 41.25
N THR B 335 -23.24 40.07 41.67
CA THR B 335 -24.37 40.29 40.79
C THR B 335 -25.01 41.63 41.08
N LEU B 336 -25.88 42.05 40.16
CA LEU B 336 -26.74 43.19 40.41
C LEU B 336 -27.74 42.88 41.52
N HIS B 337 -28.31 41.68 41.51
CA HIS B 337 -29.22 41.25 42.57
C HIS B 337 -28.50 41.08 43.90
N ALA B 338 -28.47 42.14 44.70
CA ALA B 338 -27.90 42.06 46.03
C ALA B 338 -28.72 41.13 46.92
N SER B 339 -30.00 41.46 47.11
CA SER B 339 -30.90 40.58 47.85
C SER B 339 -31.25 39.31 47.07
N SER B 340 -31.62 39.47 45.80
CA SER B 340 -32.38 38.42 45.11
C SER B 340 -31.51 37.21 44.77
N ARG B 341 -30.26 37.46 44.38
CA ARG B 341 -29.34 36.35 44.14
C ARG B 341 -28.96 35.68 45.45
N HIS B 342 -28.85 36.46 46.53
CA HIS B 342 -28.53 35.91 47.85
C HIS B 342 -29.63 34.99 48.35
N GLN B 343 -30.87 35.19 47.90
CA GLN B 343 -31.91 34.21 48.17
C GLN B 343 -31.84 33.05 47.18
N ARG B 344 -31.44 33.34 45.93
CA ARG B 344 -31.38 32.30 44.90
C ARG B 344 -30.27 31.30 45.19
N ILE B 345 -29.17 31.74 45.78
CA ILE B 345 -28.15 30.80 46.23
C ILE B 345 -28.64 30.04 47.47
N GLN B 346 -29.34 30.73 48.38
CA GLN B 346 -29.77 30.11 49.63
C GLN B 346 -30.98 29.23 49.45
N ASP B 347 -31.56 29.16 48.26
CA ASP B 347 -32.76 28.38 48.02
C ASP B 347 -32.65 27.63 46.70
N PHE B 348 -31.49 27.03 46.46
CA PHE B 348 -31.26 26.30 45.22
C PHE B 348 -31.82 24.92 45.50
N ASN B 349 -32.96 24.61 44.86
CA ASN B 349 -33.49 23.25 44.77
C ASN B 349 -33.01 22.46 43.56
N TYR B 350 -31.77 22.70 43.10
CA TYR B 350 -31.06 21.90 42.09
C TYR B 350 -31.59 22.07 40.68
N THR B 351 -32.70 22.80 40.53
CA THR B 351 -33.40 22.97 39.26
C THR B 351 -32.87 24.11 38.40
N ASP B 352 -32.26 25.13 39.00
CA ASP B 352 -31.86 26.30 38.23
C ASP B 352 -30.68 26.01 37.32
N HIS B 353 -30.67 26.70 36.18
CA HIS B 353 -29.64 26.57 35.17
C HIS B 353 -29.05 27.90 34.75
N THR B 354 -29.75 29.02 34.95
CA THR B 354 -29.20 30.33 34.61
C THR B 354 -28.04 30.67 35.54
N LEU B 355 -28.18 30.32 36.82
CA LEU B 355 -27.09 30.51 37.77
C LEU B 355 -25.90 29.63 37.39
N GLY B 356 -26.16 28.40 36.94
CA GLY B 356 -25.09 27.58 36.43
C GLY B 356 -24.47 28.10 35.15
N ARG B 357 -25.26 28.77 34.32
CA ARG B 357 -24.69 29.38 33.13
C ARG B 357 -23.77 30.56 33.43
N ILE B 358 -24.17 31.43 34.37
CA ILE B 358 -23.26 32.50 34.78
C ILE B 358 -22.03 31.96 35.53
N ILE B 359 -22.18 30.88 36.31
CA ILE B 359 -21.02 30.28 36.96
C ILE B 359 -20.08 29.69 35.92
N LEU B 360 -20.61 29.05 34.87
CA LEU B 360 -19.80 28.55 33.78
C LEU B 360 -19.05 29.66 33.06
N ASN B 361 -19.71 30.79 32.81
CA ASN B 361 -19.06 31.89 32.11
C ASN B 361 -17.93 32.51 32.95
N ALA B 362 -18.20 32.67 34.26
CA ALA B 362 -17.20 33.24 35.14
C ALA B 362 -16.09 32.26 35.46
N MET B 363 -16.32 30.97 35.26
CA MET B 363 -15.24 30.05 35.56
C MET B 363 -14.40 29.91 34.31
N ASN B 364 -15.06 29.94 33.13
CA ASN B 364 -14.37 29.67 31.88
C ASN B 364 -13.42 30.80 31.55
N GLU B 365 -13.74 32.02 31.96
CA GLU B 365 -12.86 33.12 31.60
C GLU B 365 -11.75 33.33 32.65
N THR B 366 -11.41 32.29 33.39
CA THR B 366 -10.37 32.35 34.40
C THR B 366 -8.99 32.37 33.75
N ASN B 367 -8.20 33.36 34.14
CA ASN B 367 -6.87 33.57 33.58
C ASN B 367 -6.09 34.32 34.65
N PHE B 368 -5.20 33.62 35.35
CA PHE B 368 -4.38 34.34 36.32
C PHE B 368 -3.10 33.55 36.59
N PHE B 369 -2.24 34.10 37.43
CA PHE B 369 -0.96 33.47 37.69
C PHE B 369 -0.97 32.76 39.03
N GLY B 370 -0.60 31.48 39.00
CA GLY B 370 -0.46 30.67 40.20
C GLY B 370 0.86 29.93 40.20
N VAL B 371 0.93 28.87 41.03
CA VAL B 371 2.17 28.13 41.27
C VAL B 371 2.64 27.39 40.02
N THR B 372 1.71 26.91 39.21
CA THR B 372 2.09 26.27 37.95
C THR B 372 2.40 27.27 36.86
N GLY B 373 2.17 28.56 37.10
CA GLY B 373 2.38 29.60 36.12
C GLY B 373 1.09 30.32 35.81
N GLN B 374 1.10 31.07 34.72
CA GLN B 374 -0.10 31.77 34.31
C GLN B 374 -1.05 30.74 33.73
N VAL B 375 -2.11 30.45 34.43
CA VAL B 375 -3.03 29.45 33.96
C VAL B 375 -4.05 30.08 33.04
N VAL B 376 -4.35 29.35 31.95
CA VAL B 376 -5.35 29.74 30.96
C VAL B 376 -6.27 28.55 30.75
N PHE B 377 -7.24 28.76 29.87
CA PHE B 377 -8.25 27.72 29.55
C PHE B 377 -8.74 27.76 28.12
N ARG B 378 -8.17 26.88 27.32
CA ARG B 378 -8.56 26.61 25.94
C ARG B 378 -9.41 25.34 25.86
N ASN B 379 -10.73 25.55 25.99
CA ASN B 379 -11.76 24.52 25.88
C ASN B 379 -11.58 23.36 26.86
N GLY B 380 -11.67 23.66 28.14
CA GLY B 380 -11.63 22.55 29.06
C GLY B 380 -10.21 22.09 29.23
N GLU B 381 -9.25 23.00 29.08
CA GLU B 381 -7.86 22.61 29.18
C GLU B 381 -7.04 23.82 29.57
N ARG B 382 -6.00 23.59 30.36
CA ARG B 382 -5.12 24.68 30.75
C ARG B 382 -3.82 24.46 30.02
N MET B 383 -3.26 25.54 29.52
CA MET B 383 -2.01 25.33 28.77
C MET B 383 -0.82 25.06 29.70
N GLY B 384 -0.34 23.81 29.71
CA GLY B 384 0.70 23.37 30.63
C GLY B 384 2.15 23.48 30.12
N THR B 385 3.06 22.98 30.97
CA THR B 385 4.51 22.94 30.76
C THR B 385 5.04 21.52 30.49
N ILE B 386 5.73 21.34 29.36
CA ILE B 386 6.19 20.03 28.91
C ILE B 386 7.67 19.85 29.23
N LYS B 387 8.01 18.84 30.03
CA LYS B 387 9.38 18.60 30.51
C LYS B 387 10.10 17.53 29.70
N PHE B 388 11.00 17.97 28.84
CA PHE B 388 11.86 17.04 28.14
C PHE B 388 12.91 16.50 29.11
N THR B 389 13.28 15.22 28.94
CA THR B 389 14.28 14.65 29.83
C THR B 389 15.08 13.62 29.05
N GLN B 390 16.22 13.24 29.63
CA GLN B 390 17.15 12.30 29.00
C GLN B 390 17.72 11.38 30.06
N PHE B 391 17.75 10.09 29.74
CA PHE B 391 18.39 9.17 30.65
C PHE B 391 19.90 9.28 30.50
N GLN B 392 20.50 10.11 31.35
CA GLN B 392 21.93 10.36 31.40
C GLN B 392 22.56 9.54 32.54
N ASP B 393 23.37 8.52 32.22
CA ASP B 393 24.23 7.86 33.23
C ASP B 393 23.39 7.19 34.30
N SER B 394 22.58 6.23 33.88
CA SER B 394 21.83 5.34 34.75
C SER B 394 20.66 6.07 35.39
N ARG B 395 20.29 7.28 34.93
CA ARG B 395 19.18 7.98 35.57
C ARG B 395 18.70 9.09 34.66
N GLU B 396 17.50 9.59 34.92
CA GLU B 396 16.99 10.67 34.08
C GLU B 396 17.38 12.03 34.62
N VAL B 397 17.58 12.97 33.71
CA VAL B 397 17.90 14.35 34.03
C VAL B 397 17.02 15.26 33.19
N LYS B 398 16.56 16.35 33.80
CA LYS B 398 15.76 17.34 33.11
C LYS B 398 16.61 18.07 32.08
N VAL B 399 16.14 18.14 30.83
CA VAL B 399 16.95 18.70 29.77
C VAL B 399 16.31 19.86 29.05
N GLY B 400 15.01 20.05 29.15
CA GLY B 400 14.38 21.11 28.39
C GLY B 400 12.90 21.27 28.66
N GLU B 401 12.43 22.50 28.49
CA GLU B 401 11.05 22.85 28.74
C GLU B 401 10.42 23.41 27.47
N TYR B 402 9.10 23.55 27.48
CA TYR B 402 8.40 24.13 26.35
C TYR B 402 7.09 24.66 26.90
N ASN B 403 6.77 25.90 26.55
CA ASN B 403 5.54 26.54 26.98
C ASN B 403 4.70 26.88 25.75
N ALA B 404 3.54 26.22 25.63
CA ALA B 404 2.64 26.45 24.50
C ALA B 404 1.83 27.74 24.52
N VAL B 405 1.70 28.46 25.65
CA VAL B 405 1.00 29.75 25.60
C VAL B 405 1.86 30.75 24.85
N ALA B 406 3.18 30.60 24.95
CA ALA B 406 4.12 31.46 24.27
C ALA B 406 4.88 30.69 23.20
N ASP B 407 4.69 29.37 23.13
CA ASP B 407 5.28 28.49 22.11
C ASP B 407 6.79 28.54 22.11
N THR B 408 7.41 28.74 23.26
CA THR B 408 8.86 28.75 23.32
C THR B 408 9.39 27.47 23.95
N LEU B 409 10.41 26.90 23.31
CA LEU B 409 11.03 25.65 23.74
C LEU B 409 12.37 26.01 24.35
N GLU B 410 12.41 26.07 25.68
CA GLU B 410 13.66 26.28 26.37
C GLU B 410 14.47 24.99 26.34
N ILE B 411 15.80 25.15 26.39
CA ILE B 411 16.69 24.00 26.48
C ILE B 411 17.73 24.35 27.52
N ILE B 412 18.29 23.31 28.12
CA ILE B 412 19.34 23.42 29.13
C ILE B 412 20.64 23.05 28.42
N ASN B 413 21.37 24.09 28.03
CA ASN B 413 22.69 23.95 27.45
C ASN B 413 23.66 23.46 28.53
N ASP B 414 24.82 22.97 28.07
CA ASP B 414 25.88 22.36 28.89
C ASP B 414 25.38 21.14 29.66
N THR B 415 24.31 20.50 29.21
CA THR B 415 23.82 19.30 29.87
C THR B 415 23.58 18.09 28.96
N ILE B 416 23.07 18.29 27.75
CA ILE B 416 22.90 17.18 26.83
C ILE B 416 24.23 16.64 26.31
N ARG B 417 24.22 15.33 26.02
CA ARG B 417 25.35 14.56 25.53
C ARG B 417 24.87 13.70 24.36
N PHE B 418 25.83 13.19 23.58
CA PHE B 418 25.51 12.31 22.47
C PHE B 418 26.58 11.23 22.33
N GLN B 419 26.15 10.01 22.03
CA GLN B 419 27.13 8.95 21.75
C GLN B 419 27.81 9.18 20.42
N GLY B 420 27.13 9.85 19.49
CA GLY B 420 27.77 10.45 18.34
C GLY B 420 28.38 11.80 18.67
N SER B 421 28.38 12.66 17.66
CA SER B 421 28.84 14.04 17.81
C SER B 421 27.88 15.01 17.17
N GLU B 422 26.97 14.54 16.31
CA GLU B 422 25.91 15.33 15.70
C GLU B 422 24.63 14.50 15.81
N PRO B 423 23.50 15.14 16.06
CA PRO B 423 22.22 14.43 16.04
C PRO B 423 21.92 13.87 14.66
N PRO B 424 21.81 12.53 14.54
CA PRO B 424 22.07 11.81 13.28
C PRO B 424 21.26 12.30 12.08
N LYS B 425 21.84 12.17 10.88
CA LYS B 425 21.11 12.48 9.67
C LYS B 425 20.27 11.28 9.27
N ASP B 426 19.05 11.53 8.74
CA ASP B 426 17.98 10.54 8.76
C ASP B 426 17.75 9.79 7.46
N LYS B 427 17.61 10.51 6.36
CA LYS B 427 17.73 9.91 5.04
C LYS B 427 19.13 9.45 4.66
N THR B 428 19.12 8.49 3.74
CA THR B 428 20.21 7.84 3.04
C THR B 428 20.74 8.86 2.05
N ILE B 429 21.83 9.55 2.39
CA ILE B 429 22.31 10.61 1.54
C ILE B 429 23.50 10.15 0.70
N ILE B 430 23.42 10.54 -0.56
CA ILE B 430 24.19 10.06 -1.69
C ILE B 430 24.99 11.22 -2.26
N LEU B 431 25.98 10.85 -3.06
CA LEU B 431 26.85 11.76 -3.77
C LEU B 431 27.26 11.03 -5.02
N GLU B 432 27.58 11.80 -6.05
CA GLU B 432 27.88 11.23 -7.35
C GLU B 432 29.11 11.92 -7.91
N GLN B 433 29.81 11.19 -8.77
CA GLN B 433 30.96 11.76 -9.45
C GLN B 433 31.19 11.02 -10.75
N LEU B 434 31.97 11.63 -11.63
CA LEU B 434 32.34 10.99 -12.88
C LEU B 434 33.32 9.85 -12.65
N ARG B 435 33.36 8.97 -13.63
CA ARG B 435 34.32 7.86 -13.65
C ARG B 435 35.64 8.39 -14.19
N LYS B 436 36.68 8.36 -13.36
CA LYS B 436 38.01 8.79 -13.78
C LYS B 436 38.83 7.64 -14.35
N ILE B 437 39.87 8.01 -15.10
CA ILE B 437 40.79 7.07 -15.72
C ILE B 437 42.16 7.20 -15.06
N SER B 438 43.00 6.19 -15.29
CA SER B 438 44.30 6.12 -14.65
C SER B 438 45.26 7.09 -15.35
N LEU B 439 45.70 8.10 -14.60
CA LEU B 439 46.52 9.17 -15.13
C LEU B 439 47.94 8.68 -15.40
N PRO B 440 48.47 7.77 -14.57
CA PRO B 440 49.74 7.12 -14.94
C PRO B 440 49.65 6.21 -16.15
N LEU B 441 48.44 5.79 -16.56
CA LEU B 441 48.27 5.13 -17.84
C LEU B 441 48.17 6.14 -18.97
N TYR B 442 47.47 7.25 -18.73
CA TYR B 442 47.27 8.27 -19.75
C TYR B 442 48.57 9.02 -20.04
N SER B 443 49.45 9.14 -19.05
CA SER B 443 50.63 9.99 -19.20
C SER B 443 51.65 9.35 -20.13
N ILE B 444 51.80 8.03 -20.07
CA ILE B 444 52.75 7.37 -20.97
C ILE B 444 52.23 7.38 -22.40
N LEU B 445 50.91 7.38 -22.57
CA LEU B 445 50.35 7.55 -23.91
C LEU B 445 50.50 8.98 -24.40
N SER B 446 50.40 9.97 -23.50
CA SER B 446 50.70 11.35 -23.86
C SER B 446 52.18 11.55 -24.17
N ALA B 447 53.05 10.72 -23.62
CA ALA B 447 54.46 10.76 -24.01
C ALA B 447 54.71 10.05 -25.33
N LEU B 448 53.95 9.00 -25.62
CA LEU B 448 54.01 8.34 -26.92
C LEU B 448 53.28 9.10 -28.02
N THR B 449 52.52 10.14 -27.65
CA THR B 449 51.82 10.98 -28.63
C THR B 449 52.77 11.60 -29.65
N ILE B 450 53.91 12.12 -29.19
CA ILE B 450 54.71 13.01 -30.03
C ILE B 450 55.56 12.24 -31.03
N LEU B 451 55.98 11.01 -30.67
CA LEU B 451 57.00 10.31 -31.44
C LEU B 451 56.48 9.89 -32.82
N GLY B 452 55.24 9.39 -32.88
CA GLY B 452 54.66 9.02 -34.16
C GLY B 452 54.44 10.24 -35.05
N MET B 453 54.09 11.37 -34.45
CA MET B 453 53.85 12.59 -35.22
C MET B 453 55.16 13.14 -35.76
N ILE B 454 56.23 13.09 -34.96
CA ILE B 454 57.52 13.57 -35.40
C ILE B 454 58.11 12.65 -36.47
N MET B 455 57.91 11.33 -36.32
CA MET B 455 58.33 10.40 -37.37
C MET B 455 57.53 10.61 -38.65
N ALA B 456 56.26 11.00 -38.52
CA ALA B 456 55.44 11.31 -39.69
C ALA B 456 55.95 12.55 -40.40
N SER B 457 56.18 13.63 -39.65
CA SER B 457 56.67 14.87 -40.24
C SER B 457 58.14 14.79 -40.66
N ALA B 458 58.86 13.75 -40.25
CA ALA B 458 60.21 13.52 -40.77
C ALA B 458 60.18 12.70 -42.06
N PHE B 459 59.33 11.68 -42.13
CA PHE B 459 59.21 10.92 -43.37
C PHE B 459 58.52 11.73 -44.47
N LEU B 460 57.70 12.72 -44.11
CA LEU B 460 57.26 13.72 -45.08
C LEU B 460 58.43 14.49 -45.67
N PHE B 461 59.44 14.81 -44.85
CA PHE B 461 60.60 15.50 -45.41
C PHE B 461 61.49 14.54 -46.19
N PHE B 462 61.44 13.25 -45.85
CA PHE B 462 62.11 12.25 -46.69
C PHE B 462 61.42 12.11 -48.05
N ASN B 463 60.10 12.25 -48.08
CA ASN B 463 59.38 12.23 -49.35
C ASN B 463 59.63 13.49 -50.17
N ILE B 464 59.77 14.64 -49.50
CA ILE B 464 60.15 15.83 -50.25
C ILE B 464 61.62 15.82 -50.64
N LYS B 465 62.46 15.05 -49.94
CA LYS B 465 63.83 14.81 -50.39
C LYS B 465 63.84 13.92 -51.62
N ASN B 466 62.90 12.98 -51.71
CA ASN B 466 62.66 12.28 -52.97
C ASN B 466 62.13 13.23 -54.04
N ARG B 467 61.34 14.22 -53.65
CA ARG B 467 60.93 15.28 -54.57
C ARG B 467 62.10 16.20 -54.90
N PRO B 477 53.07 10.90 -56.64
CA PRO B 477 53.84 11.77 -55.75
C PRO B 477 53.01 12.26 -54.57
N TYR B 478 51.70 12.06 -54.63
CA TYR B 478 50.78 12.52 -53.60
C TYR B 478 50.30 11.40 -52.69
N MET B 479 50.63 10.15 -53.01
CA MET B 479 49.99 9.00 -52.38
C MET B 479 50.50 8.81 -50.96
N ASN B 480 51.83 8.76 -50.79
CA ASN B 480 52.38 8.66 -49.45
C ASN B 480 52.19 9.96 -48.65
N ASN B 481 52.02 11.10 -49.31
CA ASN B 481 51.61 12.31 -48.61
C ASN B 481 50.19 12.19 -48.05
N LEU B 482 49.28 11.53 -48.78
CA LEU B 482 47.94 11.31 -48.26
C LEU B 482 47.96 10.28 -47.14
N ILE B 483 48.84 9.28 -47.25
CA ILE B 483 49.05 8.31 -46.18
C ILE B 483 49.55 9.01 -44.92
N ILE B 484 50.50 9.93 -45.08
CA ILE B 484 51.06 10.66 -43.94
C ILE B 484 50.02 11.60 -43.35
N LEU B 485 49.12 12.15 -44.19
CA LEU B 485 48.06 13.00 -43.67
C LEU B 485 47.07 12.18 -42.84
N GLY B 486 46.72 10.99 -43.31
CA GLY B 486 45.87 10.10 -42.53
C GLY B 486 46.53 9.67 -41.23
N GLY B 487 47.84 9.41 -41.28
CA GLY B 487 48.57 9.04 -40.08
C GLY B 487 48.66 10.16 -39.06
N MET B 488 48.89 11.40 -39.53
CA MET B 488 48.93 12.55 -38.64
C MET B 488 47.57 12.81 -38.01
N LEU B 489 46.50 12.67 -38.81
CA LEU B 489 45.16 12.89 -38.28
C LEU B 489 44.78 11.78 -37.30
N SER B 490 45.25 10.55 -37.54
CA SER B 490 45.03 9.47 -36.59
C SER B 490 45.81 9.70 -35.29
N TYR B 491 47.04 10.21 -35.39
CA TYR B 491 47.83 10.47 -34.20
C TYR B 491 47.32 11.68 -33.43
N ALA B 492 46.59 12.58 -34.10
CA ALA B 492 45.89 13.66 -33.41
C ALA B 492 44.60 13.18 -32.76
N SER B 493 43.87 12.29 -33.45
CA SER B 493 42.62 11.75 -32.94
C SER B 493 42.83 10.88 -31.72
N ILE B 494 43.86 10.04 -31.72
CA ILE B 494 44.10 9.18 -30.57
C ILE B 494 44.61 9.98 -29.38
N PHE B 495 45.18 11.16 -29.61
CA PHE B 495 45.54 12.04 -28.51
C PHE B 495 44.31 12.72 -27.93
N LEU B 496 43.48 13.33 -28.79
CA LEU B 496 42.30 14.06 -28.34
C LEU B 496 41.07 13.18 -28.14
N PHE B 497 41.23 11.85 -28.17
CA PHE B 497 40.13 10.96 -27.83
C PHE B 497 39.77 11.04 -26.34
N GLY B 498 40.71 10.68 -25.49
CA GLY B 498 40.48 10.56 -24.06
C GLY B 498 40.87 11.81 -23.29
N LEU B 499 41.55 12.74 -23.97
CA LEU B 499 41.87 14.04 -23.40
C LEU B 499 40.64 14.90 -23.15
N ASP B 500 39.55 14.65 -23.86
CA ASP B 500 38.28 15.35 -23.65
C ASP B 500 37.34 14.62 -22.68
N GLY B 501 37.52 13.32 -22.50
CA GLY B 501 36.65 12.52 -21.66
C GLY B 501 36.80 12.65 -20.16
N SER B 502 37.95 12.29 -19.60
CA SER B 502 38.09 12.31 -18.14
C SER B 502 38.39 13.70 -17.61
N PHE B 503 39.43 14.36 -18.14
CA PHE B 503 39.73 15.73 -17.75
C PHE B 503 38.64 16.66 -18.28
N VAL B 504 37.80 17.15 -17.37
CA VAL B 504 36.58 17.87 -17.74
C VAL B 504 36.80 19.35 -17.46
N SER B 505 38.07 19.78 -17.54
CA SER B 505 38.40 21.20 -17.49
C SER B 505 37.82 21.96 -18.67
N GLU B 506 37.71 21.32 -19.83
CA GLU B 506 36.93 21.86 -20.94
C GLU B 506 35.56 21.20 -20.92
N LYS B 507 34.59 21.90 -20.31
CA LYS B 507 33.31 21.28 -19.98
C LYS B 507 32.43 21.11 -21.21
N THR B 508 32.32 22.16 -22.04
CA THR B 508 31.49 22.08 -23.24
C THR B 508 32.27 21.53 -24.43
N PHE B 509 32.89 20.37 -24.22
CA PHE B 509 33.66 19.68 -25.25
C PHE B 509 32.92 18.45 -25.78
N GLU B 510 31.83 18.05 -25.14
CA GLU B 510 30.95 17.03 -25.71
C GLU B 510 30.19 17.52 -26.92
N THR B 511 30.04 18.83 -27.14
CA THR B 511 29.63 19.23 -28.48
C THR B 511 30.76 19.07 -29.49
N LEU B 512 32.00 19.30 -29.09
CA LEU B 512 33.18 19.14 -29.95
C LEU B 512 33.70 17.71 -30.14
N CYS B 513 33.20 16.70 -29.43
CA CYS B 513 33.53 15.32 -29.80
C CYS B 513 33.15 14.98 -31.24
N THR B 514 31.97 15.43 -31.69
CA THR B 514 31.62 15.29 -33.11
C THR B 514 32.49 16.16 -34.02
N VAL B 515 32.96 17.29 -33.50
CA VAL B 515 33.79 18.20 -34.29
C VAL B 515 35.21 17.70 -34.40
N ARG B 516 35.57 16.70 -33.62
CA ARG B 516 36.86 16.06 -33.76
C ARG B 516 36.69 14.68 -34.38
N THR B 517 35.50 14.11 -34.27
CA THR B 517 35.23 12.82 -34.88
C THR B 517 35.14 12.97 -36.39
N TRP B 518 34.74 14.16 -36.86
CA TRP B 518 34.75 14.38 -38.30
C TRP B 518 36.18 14.53 -38.83
N ILE B 519 37.06 15.14 -38.03
CA ILE B 519 38.49 15.19 -38.33
C ILE B 519 39.08 13.78 -38.39
N LEU B 520 38.72 12.95 -37.42
CA LEU B 520 39.21 11.58 -37.34
C LEU B 520 38.70 10.76 -38.53
N THR B 521 37.44 10.97 -38.91
CA THR B 521 36.86 10.24 -40.02
C THR B 521 37.48 10.69 -41.34
N VAL B 522 37.80 11.97 -41.48
CA VAL B 522 38.46 12.45 -42.69
C VAL B 522 39.86 11.87 -42.81
N GLY B 523 40.60 11.80 -41.69
CA GLY B 523 41.91 11.15 -41.71
C GLY B 523 41.83 9.67 -42.01
N TYR B 524 40.81 9.00 -41.46
CA TYR B 524 40.54 7.59 -41.71
C TYR B 524 40.27 7.33 -43.19
N THR B 525 39.34 8.10 -43.77
CA THR B 525 38.97 7.88 -45.16
C THR B 525 40.09 8.30 -46.10
N THR B 526 40.95 9.24 -45.69
CA THR B 526 42.10 9.62 -46.51
C THR B 526 43.12 8.48 -46.54
N ALA B 527 43.41 7.90 -45.37
CA ALA B 527 44.35 6.79 -45.28
C ALA B 527 43.84 5.56 -46.00
N PHE B 528 42.55 5.22 -45.83
CA PHE B 528 42.03 4.04 -46.48
C PHE B 528 41.75 4.26 -47.97
N GLY B 529 41.63 5.50 -48.41
CA GLY B 529 41.54 5.77 -49.84
C GLY B 529 42.88 5.63 -50.50
N ALA B 530 43.93 6.07 -49.80
CA ALA B 530 45.29 5.83 -50.30
C ALA B 530 45.67 4.36 -50.23
N MET B 531 45.05 3.59 -49.32
CA MET B 531 45.24 2.15 -49.34
C MET B 531 44.49 1.48 -50.48
N PHE B 532 43.29 1.99 -50.81
CA PHE B 532 42.36 1.27 -51.67
C PHE B 532 42.51 1.59 -53.16
N ALA B 533 42.67 2.87 -53.50
CA ALA B 533 42.72 3.27 -54.92
C ALA B 533 43.97 2.74 -55.61
N LYS B 534 45.09 2.68 -54.89
CA LYS B 534 46.31 2.09 -55.43
C LYS B 534 46.12 0.61 -55.76
N THR B 535 45.54 -0.15 -54.84
CA THR B 535 45.36 -1.57 -55.06
C THR B 535 44.28 -1.84 -56.12
N TRP B 536 43.29 -0.96 -56.21
CA TRP B 536 42.30 -1.07 -57.28
C TRP B 536 42.92 -0.81 -58.64
N ARG B 537 43.84 0.16 -58.73
CA ARG B 537 44.50 0.41 -60.00
C ARG B 537 45.49 -0.70 -60.33
N VAL B 538 46.10 -1.31 -59.30
CA VAL B 538 46.95 -2.48 -59.52
C VAL B 538 46.13 -3.67 -60.01
N HIS B 539 44.90 -3.82 -59.52
CA HIS B 539 44.01 -4.86 -60.03
C HIS B 539 43.58 -4.54 -61.46
N ALA B 540 43.36 -3.26 -61.77
CA ALA B 540 42.90 -2.88 -63.10
C ALA B 540 44.00 -3.00 -64.13
N ILE B 541 45.27 -2.88 -63.70
CA ILE B 541 46.40 -3.14 -64.60
C ILE B 541 46.87 -4.59 -64.55
N PHE B 542 46.43 -5.37 -63.58
CA PHE B 542 46.80 -6.78 -63.51
C PHE B 542 45.88 -7.62 -64.38
N LYS B 550 48.60 5.18 -67.49
CA LYS B 550 48.38 6.53 -68.00
C LYS B 550 48.27 7.55 -66.87
N ILE B 551 48.75 8.76 -67.12
CA ILE B 551 48.68 9.81 -66.10
C ILE B 551 47.26 10.32 -65.96
N ILE B 552 46.48 10.30 -67.05
CA ILE B 552 45.07 10.66 -66.95
C ILE B 552 44.30 9.61 -66.16
N LYS B 553 44.76 8.37 -66.17
CA LYS B 553 44.19 7.36 -65.29
C LYS B 553 44.52 7.64 -63.83
N ASP B 554 45.69 8.22 -63.56
CA ASP B 554 46.00 8.62 -62.19
C ASP B 554 45.18 9.83 -61.75
N GLN B 555 44.91 10.76 -62.67
CA GLN B 555 43.94 11.84 -62.38
C GLN B 555 42.55 11.29 -62.09
N LYS B 556 42.12 10.28 -62.85
CA LYS B 556 40.84 9.62 -62.59
C LYS B 556 40.84 8.90 -61.25
N LEU B 557 41.98 8.33 -60.87
CA LEU B 557 42.12 7.69 -59.56
C LEU B 557 42.02 8.71 -58.42
N LEU B 558 42.66 9.87 -58.61
CA LEU B 558 42.61 10.91 -57.59
C LEU B 558 41.21 11.50 -57.46
N VAL B 559 40.51 11.70 -58.58
CA VAL B 559 39.14 12.17 -58.44
C VAL B 559 38.18 11.07 -57.97
N ILE B 560 38.52 9.80 -58.19
CA ILE B 560 37.73 8.71 -57.62
C ILE B 560 37.91 8.62 -56.12
N VAL B 561 39.12 8.95 -55.62
CA VAL B 561 39.32 9.08 -54.18
C VAL B 561 38.58 10.30 -53.63
N GLY B 562 38.58 11.40 -54.39
CA GLY B 562 37.85 12.59 -53.99
C GLY B 562 36.35 12.38 -53.94
N GLY B 563 35.85 11.45 -54.76
CA GLY B 563 34.43 11.14 -54.75
C GLY B 563 33.99 10.47 -53.46
N MET B 564 34.74 9.46 -53.01
CA MET B 564 34.43 8.86 -51.72
C MET B 564 34.81 9.75 -50.54
N LEU B 565 35.74 10.69 -50.75
CA LEU B 565 35.99 11.72 -49.76
C LEU B 565 34.76 12.60 -49.56
N LEU B 566 34.15 13.04 -50.67
CA LEU B 566 32.96 13.87 -50.56
C LEU B 566 31.75 13.05 -50.13
N ILE B 567 31.75 11.75 -50.43
CA ILE B 567 30.72 10.85 -49.87
C ILE B 567 30.81 10.78 -48.36
N ASP B 568 32.03 10.70 -47.81
CA ASP B 568 32.17 10.72 -46.36
C ASP B 568 31.91 12.10 -45.77
N LEU B 569 32.11 13.17 -46.54
CA LEU B 569 31.72 14.50 -46.07
C LEU B 569 30.20 14.66 -46.03
N CYS B 570 29.51 14.09 -47.02
CA CYS B 570 28.05 14.03 -46.97
C CYS B 570 27.55 13.17 -45.82
N ILE B 571 28.28 12.09 -45.50
CA ILE B 571 27.92 11.30 -44.32
C ILE B 571 28.20 12.07 -43.04
N LEU B 572 29.18 12.97 -43.07
CA LEU B 572 29.46 13.81 -41.90
C LEU B 572 28.34 14.81 -41.68
N ILE B 573 27.88 15.48 -42.74
CA ILE B 573 26.76 16.40 -42.59
C ILE B 573 25.45 15.65 -42.35
N CYS B 574 25.34 14.39 -42.78
CA CYS B 574 24.18 13.58 -42.41
C CYS B 574 24.22 13.19 -40.94
N TRP B 575 25.41 13.01 -40.38
CA TRP B 575 25.53 12.76 -38.96
C TRP B 575 25.24 14.01 -38.15
N GLN B 576 25.61 15.18 -38.69
CA GLN B 576 25.24 16.45 -38.06
C GLN B 576 23.73 16.66 -38.09
N ALA B 577 23.07 16.24 -39.17
CA ALA B 577 21.64 16.48 -39.30
C ALA B 577 20.81 15.42 -38.59
N VAL B 578 21.35 14.22 -38.45
CA VAL B 578 20.59 13.09 -37.93
C VAL B 578 20.45 13.16 -36.41
N ASP B 579 21.40 13.81 -35.74
CA ASP B 579 21.39 13.95 -34.29
C ASP B 579 22.32 15.10 -33.93
N PRO B 580 22.03 15.84 -32.85
CA PRO B 580 23.00 16.83 -32.35
C PRO B 580 24.22 16.22 -31.71
N LEU B 581 24.14 14.97 -31.25
CA LEU B 581 25.21 14.26 -30.52
C LEU B 581 25.68 15.07 -29.31
N ARG B 582 24.72 15.54 -28.52
CA ARG B 582 24.98 16.42 -27.39
C ARG B 582 25.53 15.64 -26.19
N ARG B 583 25.74 16.37 -25.10
CA ARG B 583 26.28 15.81 -23.86
C ARG B 583 25.21 14.98 -23.16
N THR B 584 25.42 13.67 -23.06
CA THR B 584 24.58 12.83 -22.23
C THR B 584 25.41 12.25 -21.09
N VAL B 585 24.72 11.84 -20.03
CA VAL B 585 25.35 11.34 -18.82
C VAL B 585 24.69 10.03 -18.45
N GLU B 586 25.46 8.95 -18.39
CA GLU B 586 24.97 7.70 -17.85
C GLU B 586 25.24 7.69 -16.35
N LYS B 587 24.19 7.53 -15.56
CA LYS B 587 24.29 7.55 -14.11
C LYS B 587 24.30 6.12 -13.60
N TYR B 588 25.47 5.61 -13.27
CA TYR B 588 25.60 4.23 -12.86
C TYR B 588 25.43 4.19 -11.35
N SER B 589 24.37 3.53 -10.90
CA SER B 589 23.91 3.60 -9.51
C SER B 589 24.15 2.24 -8.86
N MET B 590 25.12 2.18 -7.96
CA MET B 590 25.30 1.04 -7.07
C MET B 590 25.39 1.42 -5.60
N GLU B 591 25.74 2.67 -5.28
CA GLU B 591 25.78 3.28 -3.95
C GLU B 591 26.60 2.44 -2.97
N PRO B 592 27.91 2.39 -3.14
CA PRO B 592 28.75 1.77 -2.09
C PRO B 592 29.24 2.77 -1.07
N ASP B 593 30.06 2.29 -0.14
CA ASP B 593 30.71 3.12 0.85
C ASP B 593 32.11 2.56 1.12
N PRO B 594 33.15 3.34 0.89
CA PRO B 594 34.51 2.79 0.99
C PRO B 594 35.06 2.82 2.40
N ALA B 595 34.50 3.70 3.23
CA ALA B 595 35.02 3.93 4.57
C ALA B 595 33.90 4.02 5.60
N GLY B 596 32.78 3.32 5.35
CA GLY B 596 31.74 3.20 6.35
C GLY B 596 30.78 4.37 6.46
N ARG B 597 31.09 5.52 5.86
CA ARG B 597 30.17 6.64 5.93
C ARG B 597 28.97 6.40 5.03
N ASP B 598 27.81 6.89 5.47
CA ASP B 598 26.56 6.64 4.77
C ASP B 598 26.37 7.52 3.54
N ILE B 599 27.32 8.42 3.26
CA ILE B 599 27.31 9.23 2.05
C ILE B 599 27.71 8.31 0.91
N SER B 600 26.71 7.83 0.17
CA SER B 600 26.96 6.86 -0.90
C SER B 600 27.61 7.53 -2.11
N ILE B 601 28.14 6.69 -3.00
CA ILE B 601 28.85 7.14 -4.19
C ILE B 601 28.20 6.50 -5.42
N ARG B 602 27.92 7.33 -6.43
CA ARG B 602 27.40 6.84 -7.71
C ARG B 602 28.16 7.44 -8.89
N PRO B 603 28.82 6.63 -9.71
CA PRO B 603 29.61 7.18 -10.81
C PRO B 603 28.72 7.57 -11.98
N LEU B 604 29.29 8.37 -12.87
CA LEU B 604 28.63 8.79 -14.10
C LEU B 604 29.63 8.83 -15.24
N LEU B 605 29.16 8.49 -16.44
CA LEU B 605 30.00 8.46 -17.62
C LEU B 605 29.45 9.42 -18.67
N GLU B 606 30.33 10.20 -19.30
CA GLU B 606 29.91 11.03 -20.42
C GLU B 606 29.68 10.16 -21.65
N HIS B 607 28.52 10.32 -22.29
CA HIS B 607 28.23 9.68 -23.56
C HIS B 607 27.85 10.73 -24.60
N CYS B 608 28.53 10.71 -25.75
CA CYS B 608 28.28 11.71 -26.78
C CYS B 608 27.07 11.39 -27.64
N GLU B 609 26.67 10.13 -27.73
CA GLU B 609 25.59 9.77 -28.63
C GLU B 609 24.24 10.19 -28.07
N ASN B 610 23.22 10.07 -28.94
CA ASN B 610 21.84 10.44 -28.62
C ASN B 610 20.91 9.23 -28.68
N THR B 611 21.48 8.03 -28.63
CA THR B 611 20.79 6.74 -28.49
C THR B 611 19.78 6.38 -29.59
N HIS B 612 19.60 7.25 -30.59
CA HIS B 612 18.81 6.90 -31.77
C HIS B 612 19.63 6.86 -33.04
N MET B 613 20.94 7.08 -32.96
CA MET B 613 21.84 6.93 -34.09
C MET B 613 22.44 5.53 -34.19
N THR B 614 21.79 4.52 -33.61
CA THR B 614 22.27 3.14 -33.75
C THR B 614 22.15 2.63 -35.18
N ILE B 615 21.10 3.05 -35.90
CA ILE B 615 21.00 2.76 -37.34
C ILE B 615 22.10 3.47 -38.09
N TRP B 616 22.45 4.68 -37.65
CA TRP B 616 23.46 5.49 -38.31
C TRP B 616 24.85 4.87 -38.12
N LEU B 617 25.20 4.54 -36.88
CA LEU B 617 26.50 3.93 -36.63
C LEU B 617 26.58 2.51 -37.20
N GLY B 618 25.44 1.81 -37.26
CA GLY B 618 25.43 0.50 -37.90
C GLY B 618 25.71 0.59 -39.39
N ILE B 619 25.11 1.58 -40.06
CA ILE B 619 25.32 1.74 -41.48
C ILE B 619 26.70 2.33 -41.76
N VAL B 620 27.26 3.07 -40.80
CA VAL B 620 28.61 3.60 -40.96
C VAL B 620 29.64 2.46 -40.84
N TYR B 621 29.45 1.58 -39.86
CA TYR B 621 30.35 0.43 -39.72
C TYR B 621 30.19 -0.53 -40.89
N ALA B 622 28.98 -0.62 -41.47
CA ALA B 622 28.81 -1.45 -42.66
C ALA B 622 29.47 -0.81 -43.88
N TYR B 623 29.42 0.52 -43.99
CA TYR B 623 30.15 1.27 -45.00
C TYR B 623 31.65 0.99 -44.93
N LYS B 624 32.22 1.09 -43.72
CA LYS B 624 33.65 0.84 -43.52
C LYS B 624 34.00 -0.62 -43.82
N GLY B 625 33.11 -1.55 -43.46
CA GLY B 625 33.38 -2.96 -43.70
C GLY B 625 33.33 -3.29 -45.17
N LEU B 626 32.37 -2.69 -45.88
CA LEU B 626 32.27 -2.89 -47.33
C LEU B 626 33.42 -2.23 -48.06
N LEU B 627 33.92 -1.09 -47.55
CA LEU B 627 35.08 -0.49 -48.19
C LEU B 627 36.38 -1.25 -47.89
N MET B 628 36.43 -2.00 -46.80
CA MET B 628 37.66 -2.70 -46.43
C MET B 628 37.68 -4.15 -46.91
N LEU B 629 36.52 -4.76 -47.12
CA LEU B 629 36.52 -6.15 -47.55
C LEU B 629 36.89 -6.33 -49.01
N PHE B 630 36.85 -5.27 -49.82
CA PHE B 630 37.29 -5.35 -51.21
C PHE B 630 38.77 -5.71 -51.26
N GLY B 631 39.59 -4.89 -50.58
CA GLY B 631 41.01 -5.17 -50.48
C GLY B 631 41.32 -6.41 -49.67
N CYS B 632 40.48 -6.71 -48.66
CA CYS B 632 40.71 -7.91 -47.86
C CYS B 632 40.48 -9.20 -48.66
N PHE B 633 39.50 -9.20 -49.56
CA PHE B 633 39.33 -10.33 -50.45
C PHE B 633 40.41 -10.36 -51.54
N LEU B 634 40.74 -9.19 -52.10
CA LEU B 634 41.68 -9.13 -53.22
C LEU B 634 43.11 -9.47 -52.84
N ALA B 635 43.47 -9.33 -51.56
CA ALA B 635 44.81 -9.73 -51.11
C ALA B 635 45.03 -11.24 -51.18
N TRP B 636 43.95 -12.04 -51.09
CA TRP B 636 44.06 -13.47 -51.30
C TRP B 636 44.37 -13.86 -52.74
N GLU B 637 44.03 -13.02 -53.71
CA GLU B 637 44.20 -13.37 -55.12
C GLU B 637 45.55 -12.93 -55.68
N THR B 638 45.87 -11.65 -55.56
CA THR B 638 46.99 -11.05 -56.26
C THR B 638 48.34 -11.29 -55.58
N ARG B 639 48.42 -12.26 -54.66
CA ARG B 639 49.65 -12.54 -53.93
C ARG B 639 50.79 -13.06 -54.81
N ASN B 640 50.50 -13.51 -56.03
CA ASN B 640 51.54 -13.97 -56.94
C ASN B 640 51.63 -13.07 -58.17
N SER B 649 53.50 -2.79 -54.00
CA SER B 649 52.32 -3.63 -53.88
C SER B 649 52.70 -5.11 -53.83
N LYS B 650 53.71 -5.41 -53.01
CA LYS B 650 54.03 -6.78 -52.64
C LYS B 650 53.75 -7.08 -51.18
N TYR B 651 53.94 -6.10 -50.30
CA TYR B 651 53.62 -6.23 -48.89
C TYR B 651 52.43 -5.37 -48.50
N ILE B 652 51.86 -4.63 -49.45
CA ILE B 652 50.72 -3.76 -49.15
C ILE B 652 49.47 -4.56 -48.84
N GLY B 653 49.28 -5.73 -49.46
CA GLY B 653 48.16 -6.57 -49.09
C GLY B 653 48.31 -7.17 -47.71
N MET B 654 49.53 -7.59 -47.36
CA MET B 654 49.82 -8.06 -46.01
C MET B 654 49.68 -6.94 -44.97
N SER B 655 49.91 -5.70 -45.40
CA SER B 655 49.67 -4.55 -44.54
C SER B 655 48.18 -4.33 -44.36
N VAL B 656 47.40 -4.46 -45.45
CA VAL B 656 45.99 -4.09 -45.34
C VAL B 656 45.26 -5.18 -44.58
N TYR B 657 45.75 -6.43 -44.66
CA TYR B 657 45.20 -7.50 -43.83
C TYR B 657 45.57 -7.31 -42.37
N ASN B 658 46.84 -7.02 -42.08
CA ASN B 658 47.33 -6.87 -40.71
C ASN B 658 46.93 -5.54 -40.08
N VAL B 659 46.26 -4.66 -40.82
CA VAL B 659 45.56 -3.54 -40.21
C VAL B 659 44.05 -3.72 -40.23
N GLY B 660 43.50 -4.51 -41.15
CA GLY B 660 42.07 -4.74 -41.15
C GLY B 660 41.66 -5.65 -40.02
N ILE B 661 42.58 -6.52 -39.59
CA ILE B 661 42.31 -7.36 -38.43
C ILE B 661 42.37 -6.51 -37.17
N MET B 662 43.30 -5.55 -37.12
CA MET B 662 43.45 -4.77 -35.91
C MET B 662 42.31 -3.77 -35.81
N CYS B 663 41.83 -3.29 -36.96
CA CYS B 663 40.71 -2.36 -37.00
C CYS B 663 39.41 -3.06 -36.59
N ILE B 664 39.23 -4.31 -37.03
CA ILE B 664 38.02 -5.02 -36.63
C ILE B 664 38.10 -5.47 -35.18
N ILE B 665 39.32 -5.71 -34.67
CA ILE B 665 39.43 -6.04 -33.25
C ILE B 665 39.26 -4.78 -32.42
N GLY B 666 39.58 -3.62 -32.98
CA GLY B 666 39.34 -2.37 -32.28
C GLY B 666 37.87 -2.04 -32.20
N ALA B 667 37.13 -2.25 -33.30
CA ALA B 667 35.68 -2.07 -33.27
C ALA B 667 35.01 -3.09 -32.34
N ALA B 668 35.55 -4.31 -32.28
CA ALA B 668 34.98 -5.35 -31.42
C ALA B 668 35.19 -5.02 -29.95
N VAL B 669 36.40 -4.60 -29.59
CA VAL B 669 36.67 -4.23 -28.21
C VAL B 669 36.03 -2.89 -27.86
N SER B 670 35.75 -2.06 -28.87
CA SER B 670 35.05 -0.80 -28.63
C SER B 670 33.59 -1.07 -28.25
N PHE B 671 32.93 -1.97 -29.00
CA PHE B 671 31.54 -2.26 -28.67
C PHE B 671 31.39 -3.15 -27.44
N LEU B 672 32.43 -3.92 -27.08
CA LEU B 672 32.42 -4.76 -25.90
C LEU B 672 33.00 -4.08 -24.66
N THR B 673 32.88 -2.76 -24.55
CA THR B 673 33.45 -2.05 -23.41
C THR B 673 32.59 -0.83 -23.12
N ARG B 674 33.20 0.16 -22.43
CA ARG B 674 32.66 1.33 -21.72
C ARG B 674 32.04 0.92 -20.40
N ASP B 675 32.19 -0.33 -19.99
CA ASP B 675 31.99 -0.68 -18.59
C ASP B 675 33.11 -0.10 -17.73
N GLN B 676 34.33 -0.07 -18.25
CA GLN B 676 35.45 0.64 -17.63
C GLN B 676 36.06 1.57 -18.66
N PRO B 677 35.97 2.89 -18.48
CA PRO B 677 36.46 3.82 -19.50
C PRO B 677 37.97 4.03 -19.53
N ASN B 678 38.75 3.20 -18.83
CA ASN B 678 40.21 3.30 -18.89
C ASN B 678 40.83 2.26 -19.79
N VAL B 679 40.40 1.00 -19.66
CA VAL B 679 41.01 -0.09 -20.42
C VAL B 679 40.65 0.02 -21.90
N GLN B 680 39.43 0.49 -22.19
CA GLN B 680 39.02 0.67 -23.58
C GLN B 680 39.80 1.79 -24.25
N PHE B 681 40.06 2.87 -23.51
CA PHE B 681 40.77 4.01 -24.08
C PHE B 681 42.25 3.68 -24.26
N CYS B 682 42.84 2.97 -23.30
CA CYS B 682 44.24 2.60 -23.45
C CYS B 682 44.43 1.52 -24.51
N ILE B 683 43.44 0.64 -24.71
CA ILE B 683 43.58 -0.37 -25.74
C ILE B 683 43.35 0.22 -27.13
N VAL B 684 42.49 1.24 -27.23
CA VAL B 684 42.34 1.89 -28.53
C VAL B 684 43.52 2.79 -28.83
N ALA B 685 44.17 3.34 -27.79
CA ALA B 685 45.41 4.08 -28.01
C ALA B 685 46.53 3.14 -28.43
N LEU B 686 46.55 1.92 -27.88
CA LEU B 686 47.55 0.93 -28.25
C LEU B 686 47.38 0.48 -29.69
N VAL B 687 46.13 0.22 -30.12
CA VAL B 687 45.95 -0.20 -31.50
C VAL B 687 46.11 0.96 -32.48
N ILE B 688 45.86 2.20 -32.03
CA ILE B 688 46.05 3.34 -32.92
C ILE B 688 47.52 3.63 -33.12
N ILE B 689 48.32 3.61 -32.05
CA ILE B 689 49.77 3.76 -32.19
C ILE B 689 50.43 2.51 -32.75
N PHE B 690 49.70 1.39 -32.81
CA PHE B 690 50.17 0.25 -33.59
C PHE B 690 49.99 0.51 -35.08
N CYS B 691 48.74 0.75 -35.51
CA CYS B 691 48.42 0.80 -36.93
C CYS B 691 49.00 2.04 -37.59
N SER B 692 48.79 3.23 -36.98
CA SER B 692 49.08 4.51 -37.62
C SER B 692 50.57 4.73 -37.85
N THR B 693 51.44 3.99 -37.17
CA THR B 693 52.84 3.98 -37.51
C THR B 693 53.31 2.67 -38.13
N ILE B 694 52.54 1.58 -38.00
CA ILE B 694 52.94 0.32 -38.60
C ILE B 694 52.69 0.32 -40.09
N THR B 695 51.76 1.16 -40.57
CA THR B 695 51.60 1.37 -42.01
C THR B 695 52.84 2.00 -42.60
N LEU B 696 53.36 3.05 -41.96
CA LEU B 696 54.56 3.72 -42.45
C LEU B 696 55.78 2.83 -42.29
N CYS B 697 55.81 2.03 -41.22
CA CYS B 697 56.95 1.15 -40.97
C CYS B 697 57.01 0.02 -41.99
N LEU B 698 55.88 -0.61 -42.29
CA LEU B 698 55.91 -1.67 -43.29
C LEU B 698 55.85 -1.14 -44.71
N VAL B 699 55.61 0.16 -44.92
CA VAL B 699 55.75 0.72 -46.25
C VAL B 699 57.14 1.28 -46.51
N PHE B 700 57.95 1.50 -45.47
CA PHE B 700 59.27 2.06 -45.66
C PHE B 700 60.43 1.21 -45.15
N VAL B 701 60.19 0.13 -44.43
CA VAL B 701 61.26 -0.61 -43.76
C VAL B 701 62.13 -1.38 -44.74
N PRO B 702 61.63 -1.81 -45.90
CA PRO B 702 62.56 -2.24 -46.96
C PRO B 702 62.96 -1.13 -47.92
N LYS B 703 62.19 -0.04 -47.97
CA LYS B 703 62.40 1.03 -48.94
C LYS B 703 63.75 1.70 -48.78
N LEU B 704 63.95 2.37 -47.64
CA LEU B 704 65.21 3.03 -47.35
C LEU B 704 66.32 2.03 -47.02
N ILE B 705 65.97 0.80 -46.63
CA ILE B 705 66.98 -0.22 -46.38
C ILE B 705 67.63 -0.66 -47.68
N THR B 706 66.84 -0.75 -48.76
CA THR B 706 67.42 -1.07 -50.07
C THR B 706 67.97 0.17 -50.75
N LEU B 707 67.45 1.35 -50.42
CA LEU B 707 68.02 2.59 -50.94
C LEU B 707 69.23 3.07 -50.16
N ARG B 708 69.58 2.43 -49.04
CA ARG B 708 70.74 2.81 -48.23
C ARG B 708 71.64 1.62 -47.94
N THR B 709 71.95 0.83 -48.96
CA THR B 709 72.81 -0.33 -48.79
C THR B 709 74.27 0.09 -48.69
#